data_5QS9
# 
_entry.id   5QS9 
# 
_audit_conform.dict_name       mmcif_pdbx.dic 
_audit_conform.dict_version    5.387 
_audit_conform.dict_location   http://mmcif.pdb.org/dictionaries/ascii/mmcif_pdbx.dic 
# 
loop_
_database_2.database_id 
_database_2.database_code 
_database_2.pdbx_database_accession 
_database_2.pdbx_DOI 
PDB   5QS9         pdb_00005qs9 10.2210/pdb5qs9/pdb 
WWPDB D_1001402342 ?            ?                   
# 
loop_
_pdbx_audit_revision_history.ordinal 
_pdbx_audit_revision_history.data_content_type 
_pdbx_audit_revision_history.major_revision 
_pdbx_audit_revision_history.minor_revision 
_pdbx_audit_revision_history.revision_date 
1 'Structure model' 1 0 2019-08-21 
2 'Structure model' 1 1 2024-03-06 
# 
_pdbx_audit_revision_details.ordinal             1 
_pdbx_audit_revision_details.revision_ordinal    1 
_pdbx_audit_revision_details.data_content_type   'Structure model' 
_pdbx_audit_revision_details.provider            repository 
_pdbx_audit_revision_details.type                'Initial release' 
_pdbx_audit_revision_details.description         ? 
_pdbx_audit_revision_details.details             ? 
# 
loop_
_pdbx_audit_revision_group.ordinal 
_pdbx_audit_revision_group.revision_ordinal 
_pdbx_audit_revision_group.data_content_type 
_pdbx_audit_revision_group.group 
1 2 'Structure model' 'Data collection'     
2 2 'Structure model' 'Database references' 
# 
loop_
_pdbx_audit_revision_category.ordinal 
_pdbx_audit_revision_category.revision_ordinal 
_pdbx_audit_revision_category.data_content_type 
_pdbx_audit_revision_category.category 
1 2 'Structure model' chem_comp_atom 
2 2 'Structure model' chem_comp_bond 
3 2 'Structure model' database_2     
# 
loop_
_pdbx_audit_revision_item.ordinal 
_pdbx_audit_revision_item.revision_ordinal 
_pdbx_audit_revision_item.data_content_type 
_pdbx_audit_revision_item.item 
1 2 'Structure model' '_database_2.pdbx_DOI'                
2 2 'Structure model' '_database_2.pdbx_database_accession' 
# 
_pdbx_database_status.entry_id                        5QS9 
_pdbx_database_status.status_code                     REL 
_pdbx_database_status.status_code_sf                  REL 
_pdbx_database_status.status_code_mr                  ? 
_pdbx_database_status.status_code_cs                  ? 
_pdbx_database_status.recvd_initial_deposition_date   2019-05-25 
_pdbx_database_status.deposit_site                    RCSB 
_pdbx_database_status.process_site                    RCSB 
_pdbx_database_status.SG_entry                        ? 
_pdbx_database_status.pdb_format_compatible           Y 
_pdbx_database_status.methods_development_category    ? 
_pdbx_database_status.status_code_nmr_data            ? 
# 
loop_
_audit_author.name 
_audit_author.pdbx_ordinal 
'Newman, J.A.'        1 
'Gavard, A.E.'        2 
'Sherestha, L.'       3 
'Burgess-Brown, N.A.' 4 
'von Delft, F.'       5 
'Arrowsmith, C.H.'    6 
'Edwards, A.'         7 
'Bountra, C.'         8 
'Gileadi, O.'         9 
# 
_citation.id                        primary 
_citation.title                     'PanDDA analysis group deposition' 
_citation.journal_abbrev            'To Be Published' 
_citation.journal_volume            ? 
_citation.page_first                ? 
_citation.page_last                 ? 
_citation.year                      ? 
_citation.journal_id_ASTM           ? 
_citation.country                   ? 
_citation.journal_id_ISSN           ? 
_citation.journal_id_CSD            0353 
_citation.book_publisher            ? 
_citation.pdbx_database_id_PubMed   ? 
_citation.pdbx_database_id_DOI      ? 
# 
loop_
_citation_author.citation_id 
_citation_author.name 
_citation_author.identifier_ORCID 
_citation_author.ordinal 
primary 'Newman, J.A.'        ? 1 
primary 'Gavard, A.E.'        ? 2 
primary 'Sherestha, L.'       ? 3 
primary 'Burgess-Brown, N.A.' ? 4 
primary 'von Delft, F.'       ? 5 
primary 'Arrowsmith, C.H.'    ? 6 
primary 'Edwards, A.'         ? 7 
primary 'Bountra, C.'         ? 8 
primary 'Gileadi, O.'         ? 9 
# 
loop_
_entity.id 
_entity.type 
_entity.src_method 
_entity.pdbx_description 
_entity.formula_weight 
_entity.pdbx_number_of_molecules 
_entity.pdbx_ec 
_entity.pdbx_mutation 
_entity.pdbx_fragment 
_entity.details 
1 polymer     man 'T-box transcription factor T'                    19655.623 1   ? G177D ? ? 
2 non-polymer syn 'N-[4-(2-amino-1,3-thiazol-4-yl)phenyl]acetamide' 233.290   2   ? ?     ? ? 
3 water       nat water                                             18.015    184 ? ?     ? ? 
# 
_entity_name_com.entity_id   1 
_entity_name_com.name        'Brachyury protein,Protein T' 
# 
_entity_poly.entity_id                      1 
_entity_poly.type                           'polypeptide(L)' 
_entity_poly.nstd_linkage                   no 
_entity_poly.nstd_monomer                   no 
_entity_poly.pdbx_seq_one_letter_code       
;GELRVGLEESELWLRFKELTNEMIVTKNGRRMFPVLKVNVSGLDPNAMYSFLLDFVAADNHRWKYVNGEWVPGGKPEPQA
PSCVYIHPDSPNFGAHWMKAPVSFSKVKLTNKLNGGGQIMLNSLHKYEPRIHIVRVGDPQRMITSHCFPETQFIAVTAYQ
NEEITALKIKYN
;
_entity_poly.pdbx_seq_one_letter_code_can   
;GELRVGLEESELWLRFKELTNEMIVTKNGRRMFPVLKVNVSGLDPNAMYSFLLDFVAADNHRWKYVNGEWVPGGKPEPQA
PSCVYIHPDSPNFGAHWMKAPVSFSKVKLTNKLNGGGQIMLNSLHKYEPRIHIVRVGDPQRMITSHCFPETQFIAVTAYQ
NEEITALKIKYN
;
_entity_poly.pdbx_strand_id                 A 
_entity_poly.pdbx_target_identifier         ? 
# 
loop_
_pdbx_entity_nonpoly.entity_id 
_pdbx_entity_nonpoly.name 
_pdbx_entity_nonpoly.comp_id 
2 'N-[4-(2-amino-1,3-thiazol-4-yl)phenyl]acetamide' O0J 
3 water                                             HOH 
# 
loop_
_entity_poly_seq.entity_id 
_entity_poly_seq.num 
_entity_poly_seq.mon_id 
_entity_poly_seq.hetero 
1 1   GLY n 
1 2   GLU n 
1 3   LEU n 
1 4   ARG n 
1 5   VAL n 
1 6   GLY n 
1 7   LEU n 
1 8   GLU n 
1 9   GLU n 
1 10  SER n 
1 11  GLU n 
1 12  LEU n 
1 13  TRP n 
1 14  LEU n 
1 15  ARG n 
1 16  PHE n 
1 17  LYS n 
1 18  GLU n 
1 19  LEU n 
1 20  THR n 
1 21  ASN n 
1 22  GLU n 
1 23  MET n 
1 24  ILE n 
1 25  VAL n 
1 26  THR n 
1 27  LYS n 
1 28  ASN n 
1 29  GLY n 
1 30  ARG n 
1 31  ARG n 
1 32  MET n 
1 33  PHE n 
1 34  PRO n 
1 35  VAL n 
1 36  LEU n 
1 37  LYS n 
1 38  VAL n 
1 39  ASN n 
1 40  VAL n 
1 41  SER n 
1 42  GLY n 
1 43  LEU n 
1 44  ASP n 
1 45  PRO n 
1 46  ASN n 
1 47  ALA n 
1 48  MET n 
1 49  TYR n 
1 50  SER n 
1 51  PHE n 
1 52  LEU n 
1 53  LEU n 
1 54  ASP n 
1 55  PHE n 
1 56  VAL n 
1 57  ALA n 
1 58  ALA n 
1 59  ASP n 
1 60  ASN n 
1 61  HIS n 
1 62  ARG n 
1 63  TRP n 
1 64  LYS n 
1 65  TYR n 
1 66  VAL n 
1 67  ASN n 
1 68  GLY n 
1 69  GLU n 
1 70  TRP n 
1 71  VAL n 
1 72  PRO n 
1 73  GLY n 
1 74  GLY n 
1 75  LYS n 
1 76  PRO n 
1 77  GLU n 
1 78  PRO n 
1 79  GLN n 
1 80  ALA n 
1 81  PRO n 
1 82  SER n 
1 83  CYS n 
1 84  VAL n 
1 85  TYR n 
1 86  ILE n 
1 87  HIS n 
1 88  PRO n 
1 89  ASP n 
1 90  SER n 
1 91  PRO n 
1 92  ASN n 
1 93  PHE n 
1 94  GLY n 
1 95  ALA n 
1 96  HIS n 
1 97  TRP n 
1 98  MET n 
1 99  LYS n 
1 100 ALA n 
1 101 PRO n 
1 102 VAL n 
1 103 SER n 
1 104 PHE n 
1 105 SER n 
1 106 LYS n 
1 107 VAL n 
1 108 LYS n 
1 109 LEU n 
1 110 THR n 
1 111 ASN n 
1 112 LYS n 
1 113 LEU n 
1 114 ASN n 
1 115 GLY n 
1 116 GLY n 
1 117 GLY n 
1 118 GLN n 
1 119 ILE n 
1 120 MET n 
1 121 LEU n 
1 122 ASN n 
1 123 SER n 
1 124 LEU n 
1 125 HIS n 
1 126 LYS n 
1 127 TYR n 
1 128 GLU n 
1 129 PRO n 
1 130 ARG n 
1 131 ILE n 
1 132 HIS n 
1 133 ILE n 
1 134 VAL n 
1 135 ARG n 
1 136 VAL n 
1 137 GLY n 
1 138 ASP n 
1 139 PRO n 
1 140 GLN n 
1 141 ARG n 
1 142 MET n 
1 143 ILE n 
1 144 THR n 
1 145 SER n 
1 146 HIS n 
1 147 CYS n 
1 148 PHE n 
1 149 PRO n 
1 150 GLU n 
1 151 THR n 
1 152 GLN n 
1 153 PHE n 
1 154 ILE n 
1 155 ALA n 
1 156 VAL n 
1 157 THR n 
1 158 ALA n 
1 159 TYR n 
1 160 GLN n 
1 161 ASN n 
1 162 GLU n 
1 163 GLU n 
1 164 ILE n 
1 165 THR n 
1 166 ALA n 
1 167 LEU n 
1 168 LYS n 
1 169 ILE n 
1 170 LYS n 
1 171 TYR n 
1 172 ASN n 
# 
_entity_src_gen.entity_id                          1 
_entity_src_gen.pdbx_src_id                        1 
_entity_src_gen.pdbx_alt_source_flag               sample 
_entity_src_gen.pdbx_seq_type                      'Biological sequence' 
_entity_src_gen.pdbx_beg_seq_num                   1 
_entity_src_gen.pdbx_end_seq_num                   172 
_entity_src_gen.gene_src_common_name               Human 
_entity_src_gen.gene_src_genus                     ? 
_entity_src_gen.pdbx_gene_src_gene                 'TBXT, T' 
_entity_src_gen.gene_src_species                   ? 
_entity_src_gen.gene_src_strain                    ? 
_entity_src_gen.gene_src_tissue                    ? 
_entity_src_gen.gene_src_tissue_fraction           ? 
_entity_src_gen.gene_src_details                   ? 
_entity_src_gen.pdbx_gene_src_fragment             ? 
_entity_src_gen.pdbx_gene_src_scientific_name      'Homo sapiens' 
_entity_src_gen.pdbx_gene_src_ncbi_taxonomy_id     9606 
_entity_src_gen.pdbx_gene_src_variant              ? 
_entity_src_gen.pdbx_gene_src_cell_line            ? 
_entity_src_gen.pdbx_gene_src_atcc                 ? 
_entity_src_gen.pdbx_gene_src_organ                ? 
_entity_src_gen.pdbx_gene_src_organelle            ? 
_entity_src_gen.pdbx_gene_src_cell                 ? 
_entity_src_gen.pdbx_gene_src_cellular_location    ? 
_entity_src_gen.host_org_common_name               ? 
_entity_src_gen.pdbx_host_org_scientific_name      'Escherichia coli' 
_entity_src_gen.pdbx_host_org_ncbi_taxonomy_id     562 
_entity_src_gen.host_org_genus                     ? 
_entity_src_gen.pdbx_host_org_gene                 ? 
_entity_src_gen.pdbx_host_org_organ                ? 
_entity_src_gen.host_org_species                   ? 
_entity_src_gen.pdbx_host_org_tissue               ? 
_entity_src_gen.pdbx_host_org_tissue_fraction      ? 
_entity_src_gen.pdbx_host_org_strain               ? 
_entity_src_gen.pdbx_host_org_variant              ? 
_entity_src_gen.pdbx_host_org_cell_line            ? 
_entity_src_gen.pdbx_host_org_atcc                 ? 
_entity_src_gen.pdbx_host_org_culture_collection   ? 
_entity_src_gen.pdbx_host_org_cell                 ? 
_entity_src_gen.pdbx_host_org_organelle            ? 
_entity_src_gen.pdbx_host_org_cellular_location    ? 
_entity_src_gen.pdbx_host_org_vector_type          ? 
_entity_src_gen.pdbx_host_org_vector               ? 
_entity_src_gen.host_org_details                   ? 
_entity_src_gen.expression_system_id               ? 
_entity_src_gen.plasmid_name                       ? 
_entity_src_gen.plasmid_details                    ? 
_entity_src_gen.pdbx_description                   ? 
# 
loop_
_chem_comp.id 
_chem_comp.type 
_chem_comp.mon_nstd_flag 
_chem_comp.name 
_chem_comp.pdbx_synonyms 
_chem_comp.formula 
_chem_comp.formula_weight 
ALA 'L-peptide linking' y ALANINE                                           ? 'C3 H7 N O2'     89.093  
ARG 'L-peptide linking' y ARGININE                                          ? 'C6 H15 N4 O2 1' 175.209 
ASN 'L-peptide linking' y ASPARAGINE                                        ? 'C4 H8 N2 O3'    132.118 
ASP 'L-peptide linking' y 'ASPARTIC ACID'                                   ? 'C4 H7 N O4'     133.103 
CYS 'L-peptide linking' y CYSTEINE                                          ? 'C3 H7 N O2 S'   121.158 
GLN 'L-peptide linking' y GLUTAMINE                                         ? 'C5 H10 N2 O3'   146.144 
GLU 'L-peptide linking' y 'GLUTAMIC ACID'                                   ? 'C5 H9 N O4'     147.129 
GLY 'peptide linking'   y GLYCINE                                           ? 'C2 H5 N O2'     75.067  
HIS 'L-peptide linking' y HISTIDINE                                         ? 'C6 H10 N3 O2 1' 156.162 
HOH non-polymer         . WATER                                             ? 'H2 O'           18.015  
ILE 'L-peptide linking' y ISOLEUCINE                                        ? 'C6 H13 N O2'    131.173 
LEU 'L-peptide linking' y LEUCINE                                           ? 'C6 H13 N O2'    131.173 
LYS 'L-peptide linking' y LYSINE                                            ? 'C6 H15 N2 O2 1' 147.195 
MET 'L-peptide linking' y METHIONINE                                        ? 'C5 H11 N O2 S'  149.211 
O0J non-polymer         . 'N-[4-(2-amino-1,3-thiazol-4-yl)phenyl]acetamide' ? 'C11 H11 N3 O S' 233.290 
PHE 'L-peptide linking' y PHENYLALANINE                                     ? 'C9 H11 N O2'    165.189 
PRO 'L-peptide linking' y PROLINE                                           ? 'C5 H9 N O2'     115.130 
SER 'L-peptide linking' y SERINE                                            ? 'C3 H7 N O3'     105.093 
THR 'L-peptide linking' y THREONINE                                         ? 'C4 H9 N O3'     119.119 
TRP 'L-peptide linking' y TRYPTOPHAN                                        ? 'C11 H12 N2 O2'  204.225 
TYR 'L-peptide linking' y TYROSINE                                          ? 'C9 H11 N O3'    181.189 
VAL 'L-peptide linking' y VALINE                                            ? 'C5 H11 N O2'    117.146 
# 
loop_
_pdbx_poly_seq_scheme.asym_id 
_pdbx_poly_seq_scheme.entity_id 
_pdbx_poly_seq_scheme.seq_id 
_pdbx_poly_seq_scheme.mon_id 
_pdbx_poly_seq_scheme.ndb_seq_num 
_pdbx_poly_seq_scheme.pdb_seq_num 
_pdbx_poly_seq_scheme.auth_seq_num 
_pdbx_poly_seq_scheme.pdb_mon_id 
_pdbx_poly_seq_scheme.auth_mon_id 
_pdbx_poly_seq_scheme.pdb_strand_id 
_pdbx_poly_seq_scheme.pdb_ins_code 
_pdbx_poly_seq_scheme.hetero 
A 1 1   GLY 1   40  ?   ?   ?   A . n 
A 1 2   GLU 2   41  41  GLU GLU A . n 
A 1 3   LEU 3   42  42  LEU LEU A . n 
A 1 4   ARG 4   43  43  ARG ARG A . n 
A 1 5   VAL 5   44  44  VAL VAL A . n 
A 1 6   GLY 6   45  45  GLY GLY A . n 
A 1 7   LEU 7   46  46  LEU LEU A . n 
A 1 8   GLU 8   47  47  GLU GLU A . n 
A 1 9   GLU 9   48  48  GLU GLU A . n 
A 1 10  SER 10  49  49  SER SER A . n 
A 1 11  GLU 11  50  50  GLU GLU A . n 
A 1 12  LEU 12  51  51  LEU LEU A . n 
A 1 13  TRP 13  52  52  TRP TRP A . n 
A 1 14  LEU 14  53  53  LEU LEU A . n 
A 1 15  ARG 15  54  54  ARG ARG A . n 
A 1 16  PHE 16  55  55  PHE PHE A . n 
A 1 17  LYS 17  56  56  LYS LYS A . n 
A 1 18  GLU 18  57  57  GLU GLU A . n 
A 1 19  LEU 19  58  58  LEU LEU A . n 
A 1 20  THR 20  59  59  THR THR A . n 
A 1 21  ASN 21  60  60  ASN ASN A . n 
A 1 22  GLU 22  61  61  GLU GLU A . n 
A 1 23  MET 23  62  62  MET MET A . n 
A 1 24  ILE 24  63  63  ILE ILE A . n 
A 1 25  VAL 25  64  64  VAL VAL A . n 
A 1 26  THR 26  65  65  THR THR A . n 
A 1 27  LYS 27  66  66  LYS LYS A . n 
A 1 28  ASN 28  67  67  ASN ASN A . n 
A 1 29  GLY 29  68  68  GLY GLY A . n 
A 1 30  ARG 30  69  69  ARG ARG A . n 
A 1 31  ARG 31  70  70  ARG ARG A . n 
A 1 32  MET 32  71  71  MET MET A . n 
A 1 33  PHE 33  72  72  PHE PHE A . n 
A 1 34  PRO 34  73  73  PRO PRO A . n 
A 1 35  VAL 35  74  74  VAL VAL A . n 
A 1 36  LEU 36  75  75  LEU LEU A . n 
A 1 37  LYS 37  76  76  LYS LYS A . n 
A 1 38  VAL 38  77  77  VAL VAL A . n 
A 1 39  ASN 39  78  78  ASN ASN A . n 
A 1 40  VAL 40  79  79  VAL VAL A . n 
A 1 41  SER 41  80  80  SER SER A . n 
A 1 42  GLY 42  81  81  GLY GLY A . n 
A 1 43  LEU 43  82  82  LEU LEU A . n 
A 1 44  ASP 44  83  83  ASP ASP A . n 
A 1 45  PRO 45  84  84  PRO PRO A . n 
A 1 46  ASN 46  85  85  ASN ASN A . n 
A 1 47  ALA 47  86  86  ALA ALA A . n 
A 1 48  MET 48  87  87  MET MET A . n 
A 1 49  TYR 49  88  88  TYR TYR A . n 
A 1 50  SER 50  89  89  SER SER A . n 
A 1 51  PHE 51  90  90  PHE PHE A . n 
A 1 52  LEU 52  91  91  LEU LEU A . n 
A 1 53  LEU 53  92  92  LEU LEU A . n 
A 1 54  ASP 54  93  93  ASP ASP A . n 
A 1 55  PHE 55  94  94  PHE PHE A . n 
A 1 56  VAL 56  95  95  VAL VAL A . n 
A 1 57  ALA 57  96  96  ALA ALA A . n 
A 1 58  ALA 58  97  97  ALA ALA A . n 
A 1 59  ASP 59  98  98  ASP ASP A . n 
A 1 60  ASN 60  99  99  ASN ASN A . n 
A 1 61  HIS 61  100 100 HIS HIS A . n 
A 1 62  ARG 62  101 101 ARG ARG A . n 
A 1 63  TRP 63  102 102 TRP TRP A . n 
A 1 64  LYS 64  103 103 LYS LYS A . n 
A 1 65  TYR 65  104 104 TYR TYR A . n 
A 1 66  VAL 66  105 105 VAL VAL A . n 
A 1 67  ASN 67  106 106 ASN ASN A . n 
A 1 68  GLY 68  107 107 GLY GLY A . n 
A 1 69  GLU 69  108 108 GLU GLU A . n 
A 1 70  TRP 70  109 109 TRP TRP A . n 
A 1 71  VAL 71  110 110 VAL VAL A . n 
A 1 72  PRO 72  111 111 PRO PRO A . n 
A 1 73  GLY 73  112 112 GLY GLY A . n 
A 1 74  GLY 74  113 113 GLY GLY A . n 
A 1 75  LYS 75  114 114 LYS LYS A . n 
A 1 76  PRO 76  115 115 PRO PRO A . n 
A 1 77  GLU 77  116 116 GLU GLU A . n 
A 1 78  PRO 78  117 117 PRO PRO A . n 
A 1 79  GLN 79  118 118 GLN GLN A . n 
A 1 80  ALA 80  119 119 ALA ALA A . n 
A 1 81  PRO 81  120 120 PRO PRO A . n 
A 1 82  SER 82  121 121 SER SER A . n 
A 1 83  CYS 83  122 122 CYS CYS A . n 
A 1 84  VAL 84  123 123 VAL VAL A . n 
A 1 85  TYR 85  124 124 TYR TYR A . n 
A 1 86  ILE 86  125 125 ILE ILE A . n 
A 1 87  HIS 87  126 126 HIS HIS A . n 
A 1 88  PRO 88  127 127 PRO PRO A . n 
A 1 89  ASP 89  128 128 ASP ASP A . n 
A 1 90  SER 90  129 129 SER SER A . n 
A 1 91  PRO 91  130 130 PRO PRO A . n 
A 1 92  ASN 92  131 131 ASN ASN A . n 
A 1 93  PHE 93  132 132 PHE PHE A . n 
A 1 94  GLY 94  133 133 GLY GLY A . n 
A 1 95  ALA 95  134 134 ALA ALA A . n 
A 1 96  HIS 96  135 135 HIS HIS A . n 
A 1 97  TRP 97  136 136 TRP TRP A . n 
A 1 98  MET 98  137 137 MET MET A . n 
A 1 99  LYS 99  138 138 LYS LYS A . n 
A 1 100 ALA 100 139 139 ALA ALA A . n 
A 1 101 PRO 101 140 140 PRO PRO A . n 
A 1 102 VAL 102 141 141 VAL VAL A . n 
A 1 103 SER 103 142 142 SER SER A . n 
A 1 104 PHE 104 143 143 PHE PHE A . n 
A 1 105 SER 105 144 144 SER SER A . n 
A 1 106 LYS 106 145 145 LYS LYS A . n 
A 1 107 VAL 107 146 146 VAL VAL A . n 
A 1 108 LYS 108 147 147 LYS LYS A . n 
A 1 109 LEU 109 148 148 LEU LEU A . n 
A 1 110 THR 110 149 149 THR THR A . n 
A 1 111 ASN 111 150 150 ASN ASN A . n 
A 1 112 LYS 112 151 151 LYS LYS A . n 
A 1 113 LEU 113 152 152 LEU LEU A . n 
A 1 114 ASN 114 153 153 ASN ASN A . n 
A 1 115 GLY 115 154 154 GLY GLY A . n 
A 1 116 GLY 116 155 155 GLY GLY A . n 
A 1 117 GLY 117 156 156 GLY GLY A . n 
A 1 118 GLN 118 157 157 GLN GLN A . n 
A 1 119 ILE 119 158 158 ILE ILE A . n 
A 1 120 MET 120 159 159 MET MET A . n 
A 1 121 LEU 121 160 160 LEU LEU A . n 
A 1 122 ASN 122 161 161 ASN ASN A . n 
A 1 123 SER 123 162 162 SER SER A . n 
A 1 124 LEU 124 163 163 LEU LEU A . n 
A 1 125 HIS 125 164 164 HIS HIS A . n 
A 1 126 LYS 126 165 165 LYS LYS A . n 
A 1 127 TYR 127 166 166 TYR TYR A . n 
A 1 128 GLU 128 167 167 GLU GLU A . n 
A 1 129 PRO 129 168 168 PRO PRO A . n 
A 1 130 ARG 130 169 169 ARG ARG A . n 
A 1 131 ILE 131 170 170 ILE ILE A . n 
A 1 132 HIS 132 171 171 HIS HIS A . n 
A 1 133 ILE 133 172 172 ILE ILE A . n 
A 1 134 VAL 134 173 173 VAL VAL A . n 
A 1 135 ARG 135 174 174 ARG ARG A . n 
A 1 136 VAL 136 175 175 VAL VAL A . n 
A 1 137 GLY 137 176 176 GLY GLY A . n 
A 1 138 ASP 138 177 177 ASP ASP A . n 
A 1 139 PRO 139 178 178 PRO PRO A . n 
A 1 140 GLN 140 179 179 GLN GLN A . n 
A 1 141 ARG 141 180 180 ARG ARG A . n 
A 1 142 MET 142 181 181 MET MET A . n 
A 1 143 ILE 143 182 182 ILE ILE A . n 
A 1 144 THR 144 183 183 THR THR A . n 
A 1 145 SER 145 184 184 SER SER A . n 
A 1 146 HIS 146 185 185 HIS HIS A . n 
A 1 147 CYS 147 186 186 CYS CYS A . n 
A 1 148 PHE 148 187 187 PHE PHE A . n 
A 1 149 PRO 149 188 188 PRO PRO A . n 
A 1 150 GLU 150 189 189 GLU GLU A . n 
A 1 151 THR 151 190 190 THR THR A . n 
A 1 152 GLN 152 191 191 GLN GLN A . n 
A 1 153 PHE 153 192 192 PHE PHE A . n 
A 1 154 ILE 154 193 193 ILE ILE A . n 
A 1 155 ALA 155 194 194 ALA ALA A . n 
A 1 156 VAL 156 195 195 VAL VAL A . n 
A 1 157 THR 157 196 196 THR THR A . n 
A 1 158 ALA 158 197 197 ALA ALA A . n 
A 1 159 TYR 159 198 198 TYR TYR A . n 
A 1 160 GLN 160 199 199 GLN GLN A . n 
A 1 161 ASN 161 200 200 ASN ASN A . n 
A 1 162 GLU 162 201 201 GLU GLU A . n 
A 1 163 GLU 163 202 202 GLU GLU A . n 
A 1 164 ILE 164 203 203 ILE ILE A . n 
A 1 165 THR 165 204 204 THR THR A . n 
A 1 166 ALA 166 205 205 ALA ALA A . n 
A 1 167 LEU 167 206 206 LEU LEU A . n 
A 1 168 LYS 168 207 207 LYS LYS A . n 
A 1 169 ILE 169 208 208 ILE ILE A . n 
A 1 170 LYS 170 209 209 LYS LYS A . n 
A 1 171 TYR 171 210 210 TYR TYR A . n 
A 1 172 ASN 172 211 211 ASN ASN A . n 
# 
loop_
_pdbx_nonpoly_scheme.asym_id 
_pdbx_nonpoly_scheme.entity_id 
_pdbx_nonpoly_scheme.mon_id 
_pdbx_nonpoly_scheme.ndb_seq_num 
_pdbx_nonpoly_scheme.pdb_seq_num 
_pdbx_nonpoly_scheme.auth_seq_num 
_pdbx_nonpoly_scheme.pdb_mon_id 
_pdbx_nonpoly_scheme.auth_mon_id 
_pdbx_nonpoly_scheme.pdb_strand_id 
_pdbx_nonpoly_scheme.pdb_ins_code 
B 2 O0J 1   301 301 O0J LIG A . 
C 2 O0J 1   302 401 O0J LIG A . 
D 3 HOH 1   401 77  HOH HOH A . 
D 3 HOH 2   402 46  HOH HOH A . 
D 3 HOH 3   403 113 HOH HOH A . 
D 3 HOH 4   404 48  HOH HOH A . 
D 3 HOH 5   405 106 HOH HOH A . 
D 3 HOH 6   406 27  HOH HOH A . 
D 3 HOH 7   407 30  HOH HOH A . 
D 3 HOH 8   408 32  HOH HOH A . 
D 3 HOH 9   409 98  HOH HOH A . 
D 3 HOH 10  410 141 HOH HOH A . 
D 3 HOH 11  411 122 HOH HOH A . 
D 3 HOH 12  412 81  HOH HOH A . 
D 3 HOH 13  413 152 HOH HOH A . 
D 3 HOH 14  414 12  HOH HOH A . 
D 3 HOH 15  415 78  HOH HOH A . 
D 3 HOH 16  416 111 HOH HOH A . 
D 3 HOH 17  417 125 HOH HOH A . 
D 3 HOH 18  418 162 HOH HOH A . 
D 3 HOH 19  419 149 HOH HOH A . 
D 3 HOH 20  420 31  HOH HOH A . 
D 3 HOH 21  421 61  HOH HOH A . 
D 3 HOH 22  422 34  HOH HOH A . 
D 3 HOH 23  423 62  HOH HOH A . 
D 3 HOH 24  424 180 HOH HOH A . 
D 3 HOH 25  425 118 HOH HOH A . 
D 3 HOH 26  426 40  HOH HOH A . 
D 3 HOH 27  427 170 HOH HOH A . 
D 3 HOH 28  428 88  HOH HOH A . 
D 3 HOH 29  429 14  HOH HOH A . 
D 3 HOH 30  430 76  HOH HOH A . 
D 3 HOH 31  431 90  HOH HOH A . 
D 3 HOH 32  432 150 HOH HOH A . 
D 3 HOH 33  433 26  HOH HOH A . 
D 3 HOH 34  434 67  HOH HOH A . 
D 3 HOH 35  435 57  HOH HOH A . 
D 3 HOH 36  436 87  HOH HOH A . 
D 3 HOH 37  437 15  HOH HOH A . 
D 3 HOH 38  438 174 HOH HOH A . 
D 3 HOH 39  439 164 HOH HOH A . 
D 3 HOH 40  440 158 HOH HOH A . 
D 3 HOH 41  441 156 HOH HOH A . 
D 3 HOH 42  442 104 HOH HOH A . 
D 3 HOH 43  443 68  HOH HOH A . 
D 3 HOH 44  444 229 HOH HOH A . 
D 3 HOH 45  445 165 HOH HOH A . 
D 3 HOH 46  446 221 HOH HOH A . 
D 3 HOH 47  447 167 HOH HOH A . 
D 3 HOH 48  448 207 HOH HOH A . 
D 3 HOH 49  449 166 HOH HOH A . 
D 3 HOH 50  450 23  HOH HOH A . 
D 3 HOH 51  451 5   HOH HOH A . 
D 3 HOH 52  452 89  HOH HOH A . 
D 3 HOH 53  453 133 HOH HOH A . 
D 3 HOH 54  454 109 HOH HOH A . 
D 3 HOH 55  455 191 HOH HOH A . 
D 3 HOH 56  456 204 HOH HOH A . 
D 3 HOH 57  457 42  HOH HOH A . 
D 3 HOH 58  458 47  HOH HOH A . 
D 3 HOH 59  459 240 HOH HOH A . 
D 3 HOH 60  460 195 HOH HOH A . 
D 3 HOH 61  461 9   HOH HOH A . 
D 3 HOH 62  462 176 HOH HOH A . 
D 3 HOH 63  463 159 HOH HOH A . 
D 3 HOH 64  464 154 HOH HOH A . 
D 3 HOH 65  465 4   HOH HOH A . 
D 3 HOH 66  466 209 HOH HOH A . 
D 3 HOH 67  467 44  HOH HOH A . 
D 3 HOH 68  468 194 HOH HOH A . 
D 3 HOH 69  469 35  HOH HOH A . 
D 3 HOH 70  470 171 HOH HOH A . 
D 3 HOH 71  471 206 HOH HOH A . 
D 3 HOH 72  472 22  HOH HOH A . 
D 3 HOH 73  473 83  HOH HOH A . 
D 3 HOH 74  474 213 HOH HOH A . 
D 3 HOH 75  475 1   HOH HOH A . 
D 3 HOH 76  476 13  HOH HOH A . 
D 3 HOH 77  477 228 HOH HOH A . 
D 3 HOH 78  478 50  HOH HOH A . 
D 3 HOH 79  479 59  HOH HOH A . 
D 3 HOH 80  480 6   HOH HOH A . 
D 3 HOH 81  481 60  HOH HOH A . 
D 3 HOH 82  482 45  HOH HOH A . 
D 3 HOH 83  483 231 HOH HOH A . 
D 3 HOH 84  484 96  HOH HOH A . 
D 3 HOH 85  485 237 HOH HOH A . 
D 3 HOH 86  486 103 HOH HOH A . 
D 3 HOH 87  487 41  HOH HOH A . 
D 3 HOH 88  488 220 HOH HOH A . 
D 3 HOH 89  489 151 HOH HOH A . 
D 3 HOH 90  490 3   HOH HOH A . 
D 3 HOH 91  491 208 HOH HOH A . 
D 3 HOH 92  492 235 HOH HOH A . 
D 3 HOH 93  493 178 HOH HOH A . 
D 3 HOH 94  494 70  HOH HOH A . 
D 3 HOH 95  495 107 HOH HOH A . 
D 3 HOH 96  496 161 HOH HOH A . 
D 3 HOH 97  497 124 HOH HOH A . 
D 3 HOH 98  498 177 HOH HOH A . 
D 3 HOH 99  499 199 HOH HOH A . 
D 3 HOH 100 500 39  HOH HOH A . 
D 3 HOH 101 501 43  HOH HOH A . 
D 3 HOH 102 502 36  HOH HOH A . 
D 3 HOH 103 503 38  HOH HOH A . 
D 3 HOH 104 504 216 HOH HOH A . 
D 3 HOH 105 505 51  HOH HOH A . 
D 3 HOH 106 506 54  HOH HOH A . 
D 3 HOH 107 507 64  HOH HOH A . 
D 3 HOH 108 508 222 HOH HOH A . 
D 3 HOH 109 509 33  HOH HOH A . 
D 3 HOH 110 510 188 HOH HOH A . 
D 3 HOH 111 511 184 HOH HOH A . 
D 3 HOH 112 512 16  HOH HOH A . 
D 3 HOH 113 513 28  HOH HOH A . 
D 3 HOH 114 514 25  HOH HOH A . 
D 3 HOH 115 515 20  HOH HOH A . 
D 3 HOH 116 516 37  HOH HOH A . 
D 3 HOH 117 517 58  HOH HOH A . 
D 3 HOH 118 518 24  HOH HOH A . 
D 3 HOH 119 519 163 HOH HOH A . 
D 3 HOH 120 520 181 HOH HOH A . 
D 3 HOH 121 521 66  HOH HOH A . 
D 3 HOH 122 522 117 HOH HOH A . 
D 3 HOH 123 523 172 HOH HOH A . 
D 3 HOH 124 524 7   HOH HOH A . 
D 3 HOH 125 525 138 HOH HOH A . 
D 3 HOH 126 526 2   HOH HOH A . 
D 3 HOH 127 527 144 HOH HOH A . 
D 3 HOH 128 528 86  HOH HOH A . 
D 3 HOH 129 529 56  HOH HOH A . 
D 3 HOH 130 530 52  HOH HOH A . 
D 3 HOH 131 531 85  HOH HOH A . 
D 3 HOH 132 532 224 HOH HOH A . 
D 3 HOH 133 533 168 HOH HOH A . 
D 3 HOH 134 534 186 HOH HOH A . 
D 3 HOH 135 535 179 HOH HOH A . 
D 3 HOH 136 536 236 HOH HOH A . 
D 3 HOH 137 537 99  HOH HOH A . 
D 3 HOH 138 538 116 HOH HOH A . 
D 3 HOH 139 539 175 HOH HOH A . 
D 3 HOH 140 540 142 HOH HOH A . 
D 3 HOH 141 541 218 HOH HOH A . 
D 3 HOH 142 542 100 HOH HOH A . 
D 3 HOH 143 543 121 HOH HOH A . 
D 3 HOH 144 544 135 HOH HOH A . 
D 3 HOH 145 545 192 HOH HOH A . 
D 3 HOH 146 546 239 HOH HOH A . 
D 3 HOH 147 547 217 HOH HOH A . 
D 3 HOH 148 548 29  HOH HOH A . 
D 3 HOH 149 549 92  HOH HOH A . 
D 3 HOH 150 550 234 HOH HOH A . 
D 3 HOH 151 551 200 HOH HOH A . 
D 3 HOH 152 552 219 HOH HOH A . 
D 3 HOH 153 553 131 HOH HOH A . 
D 3 HOH 154 554 182 HOH HOH A . 
D 3 HOH 155 555 84  HOH HOH A . 
D 3 HOH 156 556 238 HOH HOH A . 
D 3 HOH 157 557 94  HOH HOH A . 
D 3 HOH 158 558 214 HOH HOH A . 
D 3 HOH 159 559 19  HOH HOH A . 
D 3 HOH 160 560 136 HOH HOH A . 
D 3 HOH 161 561 143 HOH HOH A . 
D 3 HOH 162 562 155 HOH HOH A . 
D 3 HOH 163 563 129 HOH HOH A . 
D 3 HOH 164 564 80  HOH HOH A . 
D 3 HOH 165 565 97  HOH HOH A . 
D 3 HOH 166 566 185 HOH HOH A . 
D 3 HOH 167 567 55  HOH HOH A . 
D 3 HOH 168 568 173 HOH HOH A . 
D 3 HOH 169 569 65  HOH HOH A . 
D 3 HOH 170 570 210 HOH HOH A . 
D 3 HOH 171 571 187 HOH HOH A . 
D 3 HOH 172 572 11  HOH HOH A . 
D 3 HOH 173 573 21  HOH HOH A . 
D 3 HOH 174 574 110 HOH HOH A . 
D 3 HOH 175 575 71  HOH HOH A . 
D 3 HOH 176 576 49  HOH HOH A . 
D 3 HOH 177 577 73  HOH HOH A . 
D 3 HOH 178 578 241 HOH HOH A . 
D 3 HOH 179 579 153 HOH HOH A . 
D 3 HOH 180 580 75  HOH HOH A . 
D 3 HOH 181 581 137 HOH HOH A . 
D 3 HOH 182 582 102 HOH HOH A . 
D 3 HOH 183 583 211 HOH HOH A . 
D 3 HOH 184 584 145 HOH HOH A . 
# 
loop_
_software.pdbx_ordinal 
_software.name 
_software.version 
_software.date 
_software.type 
_software.contact_author 
_software.contact_author_email 
_software.classification 
_software.location 
_software.language 
_software.citation_id 
1 REFMAC      5.8.0238 ?               program 'Garib N. Murshudov' garib@ysbl.york.ac.uk    refinement        
http://www.ccp4.ac.uk/dist/html/refmac5.html        Fortran_77 ? 
2 Aimless     0.7.3    15/08/18        program 'Phil Evans'         ?                        'data scaling'    
http://www.mrc-lmb.cam.ac.uk/harry/pre/aimless.html ?          ? 
3 PDB_EXTRACT 3.23     'SEP. 23, 2016' package PDB                  deposit@deposit.rcsb.org 'data extraction' 
http://sw-tools.pdb.org/apps/PDB_EXTRACT/           C++        ? 
4 XDS         .        ?               program ?                    ?                        'data reduction'  ? ?          ? 
5 REFMAC      .        ?               program ?                    ?                        phasing           ? ?          ? 
# 
_cell.entry_id           5QS9 
_cell.length_a           99.356 
_cell.length_b           99.356 
_cell.length_c           99.273 
_cell.angle_alpha        90.000 
_cell.angle_beta         90.000 
_cell.angle_gamma        120.000 
_cell.Z_PDB              18 
_cell.pdbx_unique_axis   ? 
# 
_symmetry.entry_id                         5QS9 
_symmetry.Int_Tables_number                155 
_symmetry.space_group_name_H-M             'H 3 2' 
_symmetry.pdbx_full_space_group_name_H-M   ? 
_symmetry.cell_setting                     ? 
# 
_exptl.crystals_number   1 
_exptl.entry_id          5QS9 
_exptl.method            'X-RAY DIFFRACTION' 
# 
_exptl_crystal.id                    1 
_exptl_crystal.pdbx_mosaicity        0.000 
_exptl_crystal.pdbx_mosaicity_esd    ? 
_exptl_crystal.density_Matthews      2.40 
_exptl_crystal.density_diffrn        ? 
_exptl_crystal.density_meas          ? 
_exptl_crystal.density_meas_temp     ? 
_exptl_crystal.density_percent_sol   48.72 
_exptl_crystal.size_max              ? 
_exptl_crystal.size_mid              ? 
_exptl_crystal.size_min              ? 
_exptl_crystal.size_rad              ? 
_exptl_crystal.description           ? 
# 
_exptl_crystal_grow.crystal_id      1 
_exptl_crystal_grow.method          'VAPOR DIFFUSION, SITTING DROP' 
_exptl_crystal_grow.pH              7 
_exptl_crystal_grow.temp            298 
_exptl_crystal_grow.pdbx_details    '0.1 M SPG pH 7.0, 30 % PEG 1000' 
_exptl_crystal_grow.temp_details    ? 
_exptl_crystal_grow.pdbx_pH_range   ? 
# 
_diffrn.id                               1 
_diffrn.ambient_temp                     100 
_diffrn.crystal_id                       1 
_diffrn.ambient_temp_details             ? 
_diffrn.pdbx_serial_crystal_experiment   ? 
# 
_diffrn_detector.detector               PIXEL 
_diffrn_detector.type                   'DECTRIS PILATUS 6M' 
_diffrn_detector.pdbx_collection_date   2018-12-08 
_diffrn_detector.diffrn_id              1 
_diffrn_detector.details                ? 
# 
_diffrn_radiation.diffrn_id                        1 
_diffrn_radiation.wavelength_id                    1 
_diffrn_radiation.pdbx_diffrn_protocol             'SINGLE WAVELENGTH' 
_diffrn_radiation.pdbx_monochromatic_or_laue_m_l   M 
_diffrn_radiation.monochromator                    ? 
_diffrn_radiation.pdbx_scattering_type             x-ray 
# 
_diffrn_radiation_wavelength.id           1 
_diffrn_radiation_wavelength.wavelength   0.91587 
_diffrn_radiation_wavelength.wt           1.0 
# 
_diffrn_source.diffrn_id                   1 
_diffrn_source.source                      SYNCHROTRON 
_diffrn_source.type                        'DIAMOND BEAMLINE I04-1' 
_diffrn_source.pdbx_wavelength_list        0.91587 
_diffrn_source.pdbx_synchrotron_site       Diamond 
_diffrn_source.pdbx_synchrotron_beamline   I04-1 
_diffrn_source.pdbx_wavelength             ? 
# 
_reflns.entry_id                     5QS9 
_reflns.pdbx_diffrn_id               1 
_reflns.pdbx_ordinal                 1 
_reflns.observed_criterion_sigma_I   ? 
_reflns.observed_criterion_sigma_F   ? 
_reflns.d_resolution_low             49.680 
_reflns.d_resolution_high            1.430 
_reflns.number_obs                   34494 
_reflns.number_all                   ? 
_reflns.percent_possible_obs         98.900 
_reflns.pdbx_Rmerge_I_obs            0.047 
_reflns.pdbx_Rsym_value              ? 
_reflns.pdbx_netI_over_sigmaI        17.200 
_reflns.B_iso_Wilson_estimate        ? 
_reflns.pdbx_redundancy              8.400 
_reflns.pdbx_Rrim_I_all              0.050 
_reflns.pdbx_Rpim_I_all              0.016 
_reflns.pdbx_CC_half                 1.000 
_reflns.pdbx_netI_over_av_sigmaI     ? 
_reflns.pdbx_number_measured_all     290263 
_reflns.pdbx_scaling_rejects         221 
_reflns.pdbx_chi_squared             ? 
_reflns.Rmerge_F_all                 ? 
_reflns.Rmerge_F_obs                 ? 
_reflns.observed_criterion_F_max     ? 
_reflns.observed_criterion_F_min     ? 
_reflns.observed_criterion_I_max     ? 
_reflns.observed_criterion_I_min     ? 
_reflns.pdbx_d_res_high_opt          ? 
_reflns.pdbx_d_res_low_opt           ? 
_reflns.details                      ? 
# 
loop_
_reflns_shell.pdbx_diffrn_id 
_reflns_shell.pdbx_ordinal 
_reflns_shell.d_res_high 
_reflns_shell.d_res_low 
_reflns_shell.number_measured_obs 
_reflns_shell.number_measured_all 
_reflns_shell.number_unique_obs 
_reflns_shell.pdbx_rejects 
_reflns_shell.Rmerge_I_obs 
_reflns_shell.meanI_over_sigI_obs 
_reflns_shell.pdbx_Rsym_value 
_reflns_shell.pdbx_chi_squared 
_reflns_shell.pdbx_redundancy 
_reflns_shell.percent_possible_obs 
_reflns_shell.pdbx_netI_over_sigmaI_obs 
_reflns_shell.number_possible 
_reflns_shell.number_unique_all 
_reflns_shell.Rmerge_F_all 
_reflns_shell.Rmerge_F_obs 
_reflns_shell.Rmerge_I_all 
_reflns_shell.meanI_over_sigI_all 
_reflns_shell.percent_possible_all 
_reflns_shell.pdbx_Rrim_I_all 
_reflns_shell.pdbx_Rpim_I_all 
_reflns_shell.pdbx_CC_half 
1 1 1.430 1.470  ? 13815 ? ? 1.214 ? ? ? 5.800 ? 1.200  ? 2394 ? ? ? ? 93.500 1.336 0.552 0.540 
1 2 6.400 49.680 ? 3880  ? ? 0.025 ? ? ? 8.900 ? 57.500 ? 436  ? ? ? ? 99.800 0.027 0.009 0.999 
# 
_refine.entry_id                                 5QS9 
_refine.pdbx_refine_id                           'X-RAY DIFFRACTION' 
_refine.ls_d_res_high                            1.4300 
_refine.ls_d_res_low                             49.6800 
_refine.pdbx_ls_sigma_F                          0.000 
_refine.pdbx_data_cutoff_high_absF               ? 
_refine.pdbx_data_cutoff_low_absF                ? 
_refine.ls_percent_reflns_obs                    98.8100 
_refine.ls_number_reflns_obs                     32855 
_refine.ls_number_reflns_all                     ? 
_refine.pdbx_ls_cross_valid_method               THROUGHOUT 
_refine.ls_matrix_type                           ? 
_refine.pdbx_R_Free_selection_details            RANDOM 
_refine.details                                  
'HYDROGENS HAVE BEEN ADDED IN THE RIDING POSITIONS U VALUES      : REFINED INDIVIDUALLY' 
_refine.ls_R_factor_all                          ? 
_refine.ls_R_factor_obs                          0.1985 
_refine.ls_R_factor_R_work                       0.1975 
_refine.ls_wR_factor_R_work                      ? 
_refine.ls_R_factor_R_free                       0.2178 
_refine.ls_wR_factor_R_free                      ? 
_refine.ls_percent_reflns_R_free                 4.7000 
_refine.ls_number_reflns_R_free                  1632 
_refine.ls_number_reflns_R_work                  ? 
_refine.ls_R_factor_R_free_error                 ? 
_refine.B_iso_mean                               22.1960 
_refine.solvent_model_param_bsol                 ? 
_refine.solvent_model_param_ksol                 ? 
_refine.pdbx_isotropic_thermal_model             ? 
_refine.aniso_B[1][1]                            -0.5000 
_refine.aniso_B[2][2]                            -0.5000 
_refine.aniso_B[3][3]                            1.6300 
_refine.aniso_B[1][2]                            -0.2500 
_refine.aniso_B[1][3]                            -0.0000 
_refine.aniso_B[2][3]                            -0.0000 
_refine.correlation_coeff_Fo_to_Fc               0.9640 
_refine.correlation_coeff_Fo_to_Fc_free          0.9550 
_refine.overall_SU_R_Cruickshank_DPI             ? 
_refine.pdbx_overall_SU_R_free_Cruickshank_DPI   ? 
_refine.pdbx_overall_SU_R_Blow_DPI               ? 
_refine.pdbx_overall_SU_R_free_Blow_DPI          ? 
_refine.overall_SU_R_free                        ? 
_refine.pdbx_overall_ESU_R                       0.0800 
_refine.pdbx_overall_ESU_R_Free                  0.0770 
_refine.overall_SU_ML                            0.0630 
_refine.overall_SU_B                             1.6740 
_refine.solvent_model_details                    MASK 
_refine.pdbx_solvent_vdw_probe_radii             1.2000 
_refine.pdbx_solvent_ion_probe_radii             0.8000 
_refine.pdbx_solvent_shrinkage_radii             0.8000 
_refine.ls_number_parameters                     ? 
_refine.ls_number_restraints                     ? 
_refine.pdbx_starting_model                      6f58 
_refine.pdbx_method_to_determine_struct          'FOURIER SYNTHESIS' 
_refine.pdbx_stereochemistry_target_values       'MAXIMUM LIKELIHOOD' 
_refine.pdbx_stereochem_target_val_spec_case     ? 
_refine.overall_FOM_work_R_set                   ? 
_refine.B_iso_max                                70.170 
_refine.B_iso_min                                13.700 
_refine.pdbx_overall_phase_error                 ? 
_refine.occupancy_max                            ? 
_refine.occupancy_min                            ? 
_refine.pdbx_diffrn_id                           1 
_refine.pdbx_TLS_residual_ADP_flag               ? 
_refine.pdbx_ls_sigma_I                          ? 
_refine.pdbx_data_cutoff_high_rms_absF           ? 
_refine.ls_R_factor_R_free_error_details         ? 
# 
_refine_hist.cycle_id                         final 
_refine_hist.pdbx_refine_id                   'X-RAY DIFFRACTION' 
_refine_hist.d_res_high                       1.4300 
_refine_hist.d_res_low                        49.6800 
_refine_hist.pdbx_number_atoms_ligand         32 
_refine_hist.number_atoms_solvent             184 
_refine_hist.number_atoms_total               1596 
_refine_hist.pdbx_number_residues_total       171 
_refine_hist.pdbx_B_iso_mean_ligand           21.10 
_refine_hist.pdbx_B_iso_mean_solvent          35.53 
_refine_hist.pdbx_number_atoms_protein        1380 
_refine_hist.pdbx_number_atoms_nucleic_acid   0 
# 
loop_
_refine_ls_restr.pdbx_refine_id 
_refine_ls_restr.type 
_refine_ls_restr.number 
_refine_ls_restr.dev_ideal 
_refine_ls_restr.dev_ideal_target 
_refine_ls_restr.weight 
_refine_ls_restr.pdbx_restraint_function 
'X-RAY DIFFRACTION' r_bond_refined_d       2007 0.006  0.014  ? ? 
'X-RAY DIFFRACTION' r_bond_other_d         1633 0.003  0.017  ? ? 
'X-RAY DIFFRACTION' r_angle_refined_deg    2470 1.294  1.692  ? ? 
'X-RAY DIFFRACTION' r_angle_other_deg      3796 1.264  1.599  ? ? 
'X-RAY DIFFRACTION' r_dihedral_angle_1_deg 221  6.999  5.000  ? ? 
'X-RAY DIFFRACTION' r_dihedral_angle_2_deg 89   27.777 21.685 ? ? 
'X-RAY DIFFRACTION' r_dihedral_angle_3_deg 309  14.584 15.000 ? ? 
'X-RAY DIFFRACTION' r_dihedral_angle_4_deg 11   9.395  15.000 ? ? 
'X-RAY DIFFRACTION' r_chiral_restr         218  0.064  0.200  ? ? 
'X-RAY DIFFRACTION' r_gen_planes_refined   2350 0.005  0.020  ? ? 
'X-RAY DIFFRACTION' r_gen_planes_other     403  0.001  0.020  ? ? 
'X-RAY DIFFRACTION' r_mcbond_it            931  1.308  2.120  ? ? 
'X-RAY DIFFRACTION' r_mcbond_other         924  1.313  2.115  ? ? 
'X-RAY DIFFRACTION' r_mcangle_it           1089 2.208  3.210  ? ? 
# 
_refine_ls_shell.d_res_high                       1.4300 
_refine_ls_shell.d_res_low                        1.4670 
_refine_ls_shell.pdbx_total_number_of_bins_used   20 
_refine_ls_shell.percent_reflns_obs               93.0000 
_refine_ls_shell.number_reflns_R_work             2273 
_refine_ls_shell.R_factor_all                     ? 
_refine_ls_shell.R_factor_R_work                  0.3070 
_refine_ls_shell.R_factor_R_free                  0.3070 
_refine_ls_shell.percent_reflns_R_free            ? 
_refine_ls_shell.number_reflns_R_free             119 
_refine_ls_shell.R_factor_R_free_error            ? 
_refine_ls_shell.number_reflns_all                2392 
_refine_ls_shell.number_reflns_obs                ? 
_refine_ls_shell.pdbx_refine_id                   'X-RAY DIFFRACTION' 
# 
_struct.entry_id                  5QS9 
_struct.title                     
'PanDDA analysis group deposition -- Crystal Structure of human Brachyury G177D variant in complex with Z48847594' 
_struct.pdbx_model_details        ? 
_struct.pdbx_CASP_flag            ? 
_struct.pdbx_model_type_details   ? 
# 
_struct_keywords.entry_id        5QS9 
_struct_keywords.text            'SGC - Diamond I04-1 fragment screening, PanDDA, XChemExplorer, TRANSCRIPTION' 
_struct_keywords.pdbx_keywords   TRANSCRIPTION 
# 
loop_
_struct_asym.id 
_struct_asym.pdbx_blank_PDB_chainid_flag 
_struct_asym.pdbx_modified 
_struct_asym.entity_id 
_struct_asym.details 
A N N 1 ? 
B N N 2 ? 
C N N 2 ? 
D N N 3 ? 
# 
_struct_ref.id                         1 
_struct_ref.db_name                    UNP 
_struct_ref.db_code                    TBXT_HUMAN 
_struct_ref.pdbx_db_accession          O15178 
_struct_ref.pdbx_db_isoform            ? 
_struct_ref.entity_id                  1 
_struct_ref.pdbx_seq_one_letter_code   
;ELRVGLEESELWLRFKELTNEMIVTKNGRRMFPVLKVNVSGLDPNAMYSFLLDFVAADNHRWKYVNGEWVPGGKPEPQAP
SCVYIHPDSPNFGAHWMKAPVSFSKVKLTNKLNGGGQIMLNSLHKYEPRIHIVRVGGPQRMITSHCFPETQFIAVTAYQN
EEITALKIKYN
;
_struct_ref.pdbx_align_begin           41 
# 
_struct_ref_seq.align_id                      1 
_struct_ref_seq.ref_id                        1 
_struct_ref_seq.pdbx_PDB_id_code              5QS9 
_struct_ref_seq.pdbx_strand_id                A 
_struct_ref_seq.seq_align_beg                 2 
_struct_ref_seq.pdbx_seq_align_beg_ins_code   ? 
_struct_ref_seq.seq_align_end                 172 
_struct_ref_seq.pdbx_seq_align_end_ins_code   ? 
_struct_ref_seq.pdbx_db_accession             O15178 
_struct_ref_seq.db_align_beg                  41 
_struct_ref_seq.pdbx_db_align_beg_ins_code    ? 
_struct_ref_seq.db_align_end                  211 
_struct_ref_seq.pdbx_db_align_end_ins_code    ? 
_struct_ref_seq.pdbx_auth_seq_align_beg       41 
_struct_ref_seq.pdbx_auth_seq_align_end       211 
# 
loop_
_struct_ref_seq_dif.align_id 
_struct_ref_seq_dif.pdbx_pdb_id_code 
_struct_ref_seq_dif.mon_id 
_struct_ref_seq_dif.pdbx_pdb_strand_id 
_struct_ref_seq_dif.seq_num 
_struct_ref_seq_dif.pdbx_pdb_ins_code 
_struct_ref_seq_dif.pdbx_seq_db_name 
_struct_ref_seq_dif.pdbx_seq_db_accession_code 
_struct_ref_seq_dif.db_mon_id 
_struct_ref_seq_dif.pdbx_seq_db_seq_num 
_struct_ref_seq_dif.details 
_struct_ref_seq_dif.pdbx_auth_seq_num 
_struct_ref_seq_dif.pdbx_ordinal 
1 5QS9 GLY A 1   ? UNP O15178 ?   ?   'expression tag'      40  1 
1 5QS9 ASP A 138 ? UNP O15178 GLY 177 'engineered mutation' 177 2 
# 
_pdbx_struct_assembly.id                   1 
_pdbx_struct_assembly.details              author_and_software_defined_assembly 
_pdbx_struct_assembly.method_details       PISA 
_pdbx_struct_assembly.oligomeric_details   monomeric 
_pdbx_struct_assembly.oligomeric_count     1 
# 
_pdbx_struct_assembly_gen.assembly_id       1 
_pdbx_struct_assembly_gen.oper_expression   1 
_pdbx_struct_assembly_gen.asym_id_list      A,B,C,D 
# 
_pdbx_struct_oper_list.id                   1 
_pdbx_struct_oper_list.type                 'identity operation' 
_pdbx_struct_oper_list.name                 1_555 
_pdbx_struct_oper_list.symmetry_operation   x,y,z 
_pdbx_struct_oper_list.matrix[1][1]         1.0000000000 
_pdbx_struct_oper_list.matrix[1][2]         0.0000000000 
_pdbx_struct_oper_list.matrix[1][3]         0.0000000000 
_pdbx_struct_oper_list.vector[1]            0.0000000000 
_pdbx_struct_oper_list.matrix[2][1]         0.0000000000 
_pdbx_struct_oper_list.matrix[2][2]         1.0000000000 
_pdbx_struct_oper_list.matrix[2][3]         0.0000000000 
_pdbx_struct_oper_list.vector[2]            0.0000000000 
_pdbx_struct_oper_list.matrix[3][1]         0.0000000000 
_pdbx_struct_oper_list.matrix[3][2]         0.0000000000 
_pdbx_struct_oper_list.matrix[3][3]         1.0000000000 
_pdbx_struct_oper_list.vector[3]            0.0000000000 
# 
loop_
_struct_conf.conf_type_id 
_struct_conf.id 
_struct_conf.pdbx_PDB_helix_id 
_struct_conf.beg_label_comp_id 
_struct_conf.beg_label_asym_id 
_struct_conf.beg_label_seq_id 
_struct_conf.pdbx_beg_PDB_ins_code 
_struct_conf.end_label_comp_id 
_struct_conf.end_label_asym_id 
_struct_conf.end_label_seq_id 
_struct_conf.pdbx_end_PDB_ins_code 
_struct_conf.beg_auth_comp_id 
_struct_conf.beg_auth_asym_id 
_struct_conf.beg_auth_seq_id 
_struct_conf.end_auth_comp_id 
_struct_conf.end_auth_asym_id 
_struct_conf.end_auth_seq_id 
_struct_conf.pdbx_PDB_helix_class 
_struct_conf.details 
_struct_conf.pdbx_PDB_helix_length 
HELX_P HELX_P1 AA1 GLU A 9   ? THR A 20  ? GLU A 48  THR A 59  1 ? 12 
HELX_P HELX_P2 AA2 GLY A 94  ? ALA A 100 ? GLY A 133 ALA A 139 1 ? 7  
HELX_P HELX_P3 AA3 PRO A 149 ? GLN A 152 ? PRO A 188 GLN A 191 5 ? 4  
HELX_P HELX_P4 AA4 ASN A 161 ? ASN A 172 ? ASN A 200 ASN A 211 1 ? 12 
# 
_struct_conf_type.id          HELX_P 
_struct_conf_type.criteria    ? 
_struct_conf_type.reference   ? 
# 
loop_
_struct_mon_prot_cis.pdbx_id 
_struct_mon_prot_cis.label_comp_id 
_struct_mon_prot_cis.label_seq_id 
_struct_mon_prot_cis.label_asym_id 
_struct_mon_prot_cis.label_alt_id 
_struct_mon_prot_cis.pdbx_PDB_ins_code 
_struct_mon_prot_cis.auth_comp_id 
_struct_mon_prot_cis.auth_seq_id 
_struct_mon_prot_cis.auth_asym_id 
_struct_mon_prot_cis.pdbx_label_comp_id_2 
_struct_mon_prot_cis.pdbx_label_seq_id_2 
_struct_mon_prot_cis.pdbx_label_asym_id_2 
_struct_mon_prot_cis.pdbx_PDB_ins_code_2 
_struct_mon_prot_cis.pdbx_auth_comp_id_2 
_struct_mon_prot_cis.pdbx_auth_seq_id_2 
_struct_mon_prot_cis.pdbx_auth_asym_id_2 
_struct_mon_prot_cis.pdbx_PDB_model_num 
_struct_mon_prot_cis.pdbx_omega_angle 
1 PHE 33 A . ? PHE 72  A PRO 34 A ? PRO 73  A 1 -6.29  
2 SER 90 A . ? SER 129 A PRO 91 A ? PRO 130 A 1 -14.00 
# 
loop_
_struct_sheet.id 
_struct_sheet.type 
_struct_sheet.number_strands 
_struct_sheet.details 
AA1 ? 3 ? 
AA2 ? 5 ? 
AA3 ? 4 ? 
AA4 ? 3 ? 
AA5 ? 2 ? 
# 
loop_
_struct_sheet_order.sheet_id 
_struct_sheet_order.range_id_1 
_struct_sheet_order.range_id_2 
_struct_sheet_order.offset 
_struct_sheet_order.sense 
AA1 1 2 ? anti-parallel 
AA1 2 3 ? anti-parallel 
AA2 1 2 ? parallel      
AA2 2 3 ? anti-parallel 
AA2 3 4 ? anti-parallel 
AA2 4 5 ? anti-parallel 
AA3 1 2 ? anti-parallel 
AA3 2 3 ? anti-parallel 
AA3 3 4 ? anti-parallel 
AA4 1 2 ? anti-parallel 
AA4 2 3 ? parallel      
AA5 1 2 ? anti-parallel 
# 
loop_
_struct_sheet_range.sheet_id 
_struct_sheet_range.id 
_struct_sheet_range.beg_label_comp_id 
_struct_sheet_range.beg_label_asym_id 
_struct_sheet_range.beg_label_seq_id 
_struct_sheet_range.pdbx_beg_PDB_ins_code 
_struct_sheet_range.end_label_comp_id 
_struct_sheet_range.end_label_asym_id 
_struct_sheet_range.end_label_seq_id 
_struct_sheet_range.pdbx_end_PDB_ins_code 
_struct_sheet_range.beg_auth_comp_id 
_struct_sheet_range.beg_auth_asym_id 
_struct_sheet_range.beg_auth_seq_id 
_struct_sheet_range.end_auth_comp_id 
_struct_sheet_range.end_auth_asym_id 
_struct_sheet_range.end_auth_seq_id 
AA1 1 ARG A 4   ? LEU A 7   ? ARG A 43  LEU A 46  
AA1 2 LYS A 37  ? SER A 41  ? LYS A 76  SER A 80  
AA1 3 VAL A 102 ? SER A 103 ? VAL A 141 SER A 142 
AA2 1 GLU A 22  ? ILE A 24  ? GLU A 61  ILE A 63  
AA2 2 PHE A 153 ? VAL A 156 ? PHE A 192 VAL A 195 
AA2 3 LYS A 126 ? ARG A 135 ? LYS A 165 ARG A 174 
AA2 4 MET A 48  ? ALA A 57  ? MET A 87  ALA A 96  
AA2 5 ASN A 92  ? PHE A 93  ? ASN A 131 PHE A 132 
AA3 1 TYR A 85  ? ILE A 86  ? TYR A 124 ILE A 125 
AA3 2 MET A 48  ? ALA A 57  ? MET A 87  ALA A 96  
AA3 3 LYS A 126 ? ARG A 135 ? LYS A 165 ARG A 174 
AA3 4 ILE A 143 ? CYS A 147 ? ILE A 182 CYS A 186 
AA4 1 ARG A 30  ? ARG A 31  ? ARG A 69  ARG A 70  
AA4 2 LYS A 108 ? THR A 110 ? LYS A 147 THR A 149 
AA4 3 ILE A 119 ? MET A 120 ? ILE A 158 MET A 159 
AA5 1 ARG A 62  ? VAL A 66  ? ARG A 101 VAL A 105 
AA5 2 GLU A 69  ? GLY A 74  ? GLU A 108 GLY A 113 
# 
loop_
_pdbx_struct_sheet_hbond.sheet_id 
_pdbx_struct_sheet_hbond.range_id_1 
_pdbx_struct_sheet_hbond.range_id_2 
_pdbx_struct_sheet_hbond.range_1_label_atom_id 
_pdbx_struct_sheet_hbond.range_1_label_comp_id 
_pdbx_struct_sheet_hbond.range_1_label_asym_id 
_pdbx_struct_sheet_hbond.range_1_label_seq_id 
_pdbx_struct_sheet_hbond.range_1_PDB_ins_code 
_pdbx_struct_sheet_hbond.range_1_auth_atom_id 
_pdbx_struct_sheet_hbond.range_1_auth_comp_id 
_pdbx_struct_sheet_hbond.range_1_auth_asym_id 
_pdbx_struct_sheet_hbond.range_1_auth_seq_id 
_pdbx_struct_sheet_hbond.range_2_label_atom_id 
_pdbx_struct_sheet_hbond.range_2_label_comp_id 
_pdbx_struct_sheet_hbond.range_2_label_asym_id 
_pdbx_struct_sheet_hbond.range_2_label_seq_id 
_pdbx_struct_sheet_hbond.range_2_PDB_ins_code 
_pdbx_struct_sheet_hbond.range_2_auth_atom_id 
_pdbx_struct_sheet_hbond.range_2_auth_comp_id 
_pdbx_struct_sheet_hbond.range_2_auth_asym_id 
_pdbx_struct_sheet_hbond.range_2_auth_seq_id 
AA1 1 2 N GLY A 6   ? N GLY A 45  O ASN A 39  ? O ASN A 78  
AA1 2 3 N VAL A 38  ? N VAL A 77  O VAL A 102 ? O VAL A 141 
AA2 1 2 N MET A 23  ? N MET A 62  O VAL A 156 ? O VAL A 195 
AA2 2 3 O PHE A 153 ? O PHE A 192 N TYR A 127 ? N TYR A 166 
AA2 3 4 O VAL A 134 ? O VAL A 173 N SER A 50  ? N SER A 89  
AA2 4 5 N TYR A 49  ? N TYR A 88  O ASN A 92  ? O ASN A 131 
AA3 1 2 O TYR A 85  ? O TYR A 124 N LEU A 53  ? N LEU A 92  
AA3 2 3 N SER A 50  ? N SER A 89  O VAL A 134 ? O VAL A 173 
AA3 3 4 N ILE A 133 ? N ILE A 172 O THR A 144 ? O THR A 183 
AA4 1 2 N ARG A 30  ? N ARG A 69  O LEU A 109 ? O LEU A 148 
AA4 2 3 N THR A 110 ? N THR A 149 O ILE A 119 ? O ILE A 158 
AA5 1 2 N VAL A 66  ? N VAL A 105 O GLU A 69  ? O GLU A 108 
# 
loop_
_struct_site.id 
_struct_site.pdbx_evidence_code 
_struct_site.pdbx_auth_asym_id 
_struct_site.pdbx_auth_comp_id 
_struct_site.pdbx_auth_seq_id 
_struct_site.pdbx_auth_ins_code 
_struct_site.pdbx_num_residues 
_struct_site.details 
AC1 Software A O0J 301 ? 8 'binding site for residue O0J A 301' 
AC2 Software A O0J 302 ? 7 'binding site for residue O0J A 302' 
# 
loop_
_struct_site_gen.id 
_struct_site_gen.site_id 
_struct_site_gen.pdbx_num_res 
_struct_site_gen.label_comp_id 
_struct_site_gen.label_asym_id 
_struct_site_gen.label_seq_id 
_struct_site_gen.pdbx_auth_ins_code 
_struct_site_gen.auth_comp_id 
_struct_site_gen.auth_asym_id 
_struct_site_gen.auth_seq_id 
_struct_site_gen.label_atom_id 
_struct_site_gen.label_alt_id 
_struct_site_gen.symmetry 
_struct_site_gen.details 
1  AC1 8 LEU A 52  ? LEU A 91  . ? 1_555 ? 
2  AC1 8 ARG A 130 ? ARG A 169 . ? 6_555 ? 
3  AC1 8 GLN A 140 ? GLN A 179 . ? 1_555 ? 
4  AC1 8 ARG A 141 ? ARG A 180 . ? 1_555 ? 
5  AC1 8 ILE A 143 ? ILE A 182 . ? 1_555 ? 
6  AC1 8 CYS A 147 ? CYS A 186 . ? 6_555 ? 
7  AC1 8 O0J C .   ? O0J A 302 . ? 1_555 ? 
8  AC1 8 HOH D .   ? HOH A 459 . ? 1_555 ? 
9  AC2 7 SER A 82  ? SER A 121 . ? 1_555 ? 
10 AC2 7 VAL A 84  ? VAL A 123 . ? 1_555 ? 
11 AC2 7 ARG A 130 ? ARG A 169 . ? 6_555 ? 
12 AC2 7 HIS A 132 ? HIS A 171 . ? 1_555 ? 
13 AC2 7 SER A 145 ? SER A 184 . ? 1_555 ? 
14 AC2 7 SER A 145 ? SER A 184 . ? 6_555 ? 
15 AC2 7 O0J B .   ? O0J A 301 . ? 1_555 ? 
# 
loop_
_pdbx_validate_torsion.id 
_pdbx_validate_torsion.PDB_model_num 
_pdbx_validate_torsion.auth_comp_id 
_pdbx_validate_torsion.auth_asym_id 
_pdbx_validate_torsion.auth_seq_id 
_pdbx_validate_torsion.PDB_ins_code 
_pdbx_validate_torsion.label_alt_id 
_pdbx_validate_torsion.phi 
_pdbx_validate_torsion.psi 
1 1 THR A 59  ? ? 76.74   111.51 
2 1 SER A 121 ? ? -61.24  87.11  
3 1 PHE A 143 ? ? -101.55 51.78  
4 1 PHE A 143 ? ? -98.08  51.78  
5 1 LEU A 152 ? ? -55.38  85.52  
# 
_pdbx_struct_special_symmetry.id              1 
_pdbx_struct_special_symmetry.PDB_model_num   1 
_pdbx_struct_special_symmetry.auth_asym_id    A 
_pdbx_struct_special_symmetry.auth_comp_id    O0J 
_pdbx_struct_special_symmetry.auth_seq_id     302 
_pdbx_struct_special_symmetry.PDB_ins_code    ? 
_pdbx_struct_special_symmetry.label_asym_id   C 
_pdbx_struct_special_symmetry.label_comp_id   O0J 
_pdbx_struct_special_symmetry.label_seq_id    . 
# 
_phasing.method   MR 
# 
_pdbx_entry_details.entry_id                 5QS9 
_pdbx_entry_details.has_ligand_of_interest   Y 
_pdbx_entry_details.compound_details         ? 
_pdbx_entry_details.source_details           ? 
_pdbx_entry_details.nonpolymer_details       ? 
_pdbx_entry_details.sequence_details         ? 
# 
_pdbx_distant_solvent_atoms.id                                1 
_pdbx_distant_solvent_atoms.PDB_model_num                     1 
_pdbx_distant_solvent_atoms.auth_atom_id                      O 
_pdbx_distant_solvent_atoms.label_alt_id                      ? 
_pdbx_distant_solvent_atoms.auth_asym_id                      A 
_pdbx_distant_solvent_atoms.auth_comp_id                      HOH 
_pdbx_distant_solvent_atoms.auth_seq_id                       584 
_pdbx_distant_solvent_atoms.PDB_ins_code                      ? 
_pdbx_distant_solvent_atoms.neighbor_macromolecule_distance   6.60 
_pdbx_distant_solvent_atoms.neighbor_ligand_distance          . 
# 
_pdbx_unobs_or_zero_occ_residues.id               1 
_pdbx_unobs_or_zero_occ_residues.PDB_model_num    1 
_pdbx_unobs_or_zero_occ_residues.polymer_flag     Y 
_pdbx_unobs_or_zero_occ_residues.occupancy_flag   1 
_pdbx_unobs_or_zero_occ_residues.auth_asym_id     A 
_pdbx_unobs_or_zero_occ_residues.auth_comp_id     GLY 
_pdbx_unobs_or_zero_occ_residues.auth_seq_id      40 
_pdbx_unobs_or_zero_occ_residues.PDB_ins_code     ? 
_pdbx_unobs_or_zero_occ_residues.label_asym_id    A 
_pdbx_unobs_or_zero_occ_residues.label_comp_id    GLY 
_pdbx_unobs_or_zero_occ_residues.label_seq_id     1 
# 
loop_
_chem_comp_atom.comp_id 
_chem_comp_atom.atom_id 
_chem_comp_atom.type_symbol 
_chem_comp_atom.pdbx_aromatic_flag 
_chem_comp_atom.pdbx_stereo_config 
_chem_comp_atom.pdbx_ordinal 
ALA N    N N N 1   
ALA CA   C N S 2   
ALA C    C N N 3   
ALA O    O N N 4   
ALA CB   C N N 5   
ALA OXT  O N N 6   
ALA H    H N N 7   
ALA H2   H N N 8   
ALA HA   H N N 9   
ALA HB1  H N N 10  
ALA HB2  H N N 11  
ALA HB3  H N N 12  
ALA HXT  H N N 13  
ARG N    N N N 14  
ARG CA   C N S 15  
ARG C    C N N 16  
ARG O    O N N 17  
ARG CB   C N N 18  
ARG CG   C N N 19  
ARG CD   C N N 20  
ARG NE   N N N 21  
ARG CZ   C N N 22  
ARG NH1  N N N 23  
ARG NH2  N N N 24  
ARG OXT  O N N 25  
ARG H    H N N 26  
ARG H2   H N N 27  
ARG HA   H N N 28  
ARG HB2  H N N 29  
ARG HB3  H N N 30  
ARG HG2  H N N 31  
ARG HG3  H N N 32  
ARG HD2  H N N 33  
ARG HD3  H N N 34  
ARG HE   H N N 35  
ARG HH11 H N N 36  
ARG HH12 H N N 37  
ARG HH21 H N N 38  
ARG HH22 H N N 39  
ARG HXT  H N N 40  
ASN N    N N N 41  
ASN CA   C N S 42  
ASN C    C N N 43  
ASN O    O N N 44  
ASN CB   C N N 45  
ASN CG   C N N 46  
ASN OD1  O N N 47  
ASN ND2  N N N 48  
ASN OXT  O N N 49  
ASN H    H N N 50  
ASN H2   H N N 51  
ASN HA   H N N 52  
ASN HB2  H N N 53  
ASN HB3  H N N 54  
ASN HD21 H N N 55  
ASN HD22 H N N 56  
ASN HXT  H N N 57  
ASP N    N N N 58  
ASP CA   C N S 59  
ASP C    C N N 60  
ASP O    O N N 61  
ASP CB   C N N 62  
ASP CG   C N N 63  
ASP OD1  O N N 64  
ASP OD2  O N N 65  
ASP OXT  O N N 66  
ASP H    H N N 67  
ASP H2   H N N 68  
ASP HA   H N N 69  
ASP HB2  H N N 70  
ASP HB3  H N N 71  
ASP HD2  H N N 72  
ASP HXT  H N N 73  
CYS N    N N N 74  
CYS CA   C N R 75  
CYS C    C N N 76  
CYS O    O N N 77  
CYS CB   C N N 78  
CYS SG   S N N 79  
CYS OXT  O N N 80  
CYS H    H N N 81  
CYS H2   H N N 82  
CYS HA   H N N 83  
CYS HB2  H N N 84  
CYS HB3  H N N 85  
CYS HG   H N N 86  
CYS HXT  H N N 87  
GLN N    N N N 88  
GLN CA   C N S 89  
GLN C    C N N 90  
GLN O    O N N 91  
GLN CB   C N N 92  
GLN CG   C N N 93  
GLN CD   C N N 94  
GLN OE1  O N N 95  
GLN NE2  N N N 96  
GLN OXT  O N N 97  
GLN H    H N N 98  
GLN H2   H N N 99  
GLN HA   H N N 100 
GLN HB2  H N N 101 
GLN HB3  H N N 102 
GLN HG2  H N N 103 
GLN HG3  H N N 104 
GLN HE21 H N N 105 
GLN HE22 H N N 106 
GLN HXT  H N N 107 
GLU N    N N N 108 
GLU CA   C N S 109 
GLU C    C N N 110 
GLU O    O N N 111 
GLU CB   C N N 112 
GLU CG   C N N 113 
GLU CD   C N N 114 
GLU OE1  O N N 115 
GLU OE2  O N N 116 
GLU OXT  O N N 117 
GLU H    H N N 118 
GLU H2   H N N 119 
GLU HA   H N N 120 
GLU HB2  H N N 121 
GLU HB3  H N N 122 
GLU HG2  H N N 123 
GLU HG3  H N N 124 
GLU HE2  H N N 125 
GLU HXT  H N N 126 
GLY N    N N N 127 
GLY CA   C N N 128 
GLY C    C N N 129 
GLY O    O N N 130 
GLY OXT  O N N 131 
GLY H    H N N 132 
GLY H2   H N N 133 
GLY HA2  H N N 134 
GLY HA3  H N N 135 
GLY HXT  H N N 136 
HIS N    N N N 137 
HIS CA   C N S 138 
HIS C    C N N 139 
HIS O    O N N 140 
HIS CB   C N N 141 
HIS CG   C Y N 142 
HIS ND1  N Y N 143 
HIS CD2  C Y N 144 
HIS CE1  C Y N 145 
HIS NE2  N Y N 146 
HIS OXT  O N N 147 
HIS H    H N N 148 
HIS H2   H N N 149 
HIS HA   H N N 150 
HIS HB2  H N N 151 
HIS HB3  H N N 152 
HIS HD1  H N N 153 
HIS HD2  H N N 154 
HIS HE1  H N N 155 
HIS HE2  H N N 156 
HIS HXT  H N N 157 
HOH O    O N N 158 
HOH H1   H N N 159 
HOH H2   H N N 160 
ILE N    N N N 161 
ILE CA   C N S 162 
ILE C    C N N 163 
ILE O    O N N 164 
ILE CB   C N S 165 
ILE CG1  C N N 166 
ILE CG2  C N N 167 
ILE CD1  C N N 168 
ILE OXT  O N N 169 
ILE H    H N N 170 
ILE H2   H N N 171 
ILE HA   H N N 172 
ILE HB   H N N 173 
ILE HG12 H N N 174 
ILE HG13 H N N 175 
ILE HG21 H N N 176 
ILE HG22 H N N 177 
ILE HG23 H N N 178 
ILE HD11 H N N 179 
ILE HD12 H N N 180 
ILE HD13 H N N 181 
ILE HXT  H N N 182 
LEU N    N N N 183 
LEU CA   C N S 184 
LEU C    C N N 185 
LEU O    O N N 186 
LEU CB   C N N 187 
LEU CG   C N N 188 
LEU CD1  C N N 189 
LEU CD2  C N N 190 
LEU OXT  O N N 191 
LEU H    H N N 192 
LEU H2   H N N 193 
LEU HA   H N N 194 
LEU HB2  H N N 195 
LEU HB3  H N N 196 
LEU HG   H N N 197 
LEU HD11 H N N 198 
LEU HD12 H N N 199 
LEU HD13 H N N 200 
LEU HD21 H N N 201 
LEU HD22 H N N 202 
LEU HD23 H N N 203 
LEU HXT  H N N 204 
LYS N    N N N 205 
LYS CA   C N S 206 
LYS C    C N N 207 
LYS O    O N N 208 
LYS CB   C N N 209 
LYS CG   C N N 210 
LYS CD   C N N 211 
LYS CE   C N N 212 
LYS NZ   N N N 213 
LYS OXT  O N N 214 
LYS H    H N N 215 
LYS H2   H N N 216 
LYS HA   H N N 217 
LYS HB2  H N N 218 
LYS HB3  H N N 219 
LYS HG2  H N N 220 
LYS HG3  H N N 221 
LYS HD2  H N N 222 
LYS HD3  H N N 223 
LYS HE2  H N N 224 
LYS HE3  H N N 225 
LYS HZ1  H N N 226 
LYS HZ2  H N N 227 
LYS HZ3  H N N 228 
LYS HXT  H N N 229 
MET N    N N N 230 
MET CA   C N S 231 
MET C    C N N 232 
MET O    O N N 233 
MET CB   C N N 234 
MET CG   C N N 235 
MET SD   S N N 236 
MET CE   C N N 237 
MET OXT  O N N 238 
MET H    H N N 239 
MET H2   H N N 240 
MET HA   H N N 241 
MET HB2  H N N 242 
MET HB3  H N N 243 
MET HG2  H N N 244 
MET HG3  H N N 245 
MET HE1  H N N 246 
MET HE2  H N N 247 
MET HE3  H N N 248 
MET HXT  H N N 249 
O0J N1   N N N 250 
O0J C4   C Y N 251 
O0J C5   C Y N 252 
O0J C6   C Y N 253 
O0J C7   C Y N 254 
O0J C8   C Y N 255 
O0J C10  C Y N 256 
O0J N    N N N 257 
O0J C    C N N 258 
O0J O    O N N 259 
O0J C1   C N N 260 
O0J C2   C Y N 261 
O0J C3   C Y N 262 
O0J C9   C Y N 263 
O0J N2   N Y N 264 
O0J S    S Y N 265 
O0J H1   H N N 266 
O0J H2   H N N 267 
O0J H3   H N N 268 
O0J H4   H N N 269 
O0J H5   H N N 270 
O0J H6   H N N 271 
O0J H7   H N N 272 
O0J H8   H N N 273 
O0J H9   H N N 274 
O0J H10  H N N 275 
O0J H11  H N N 276 
PHE N    N N N 277 
PHE CA   C N S 278 
PHE C    C N N 279 
PHE O    O N N 280 
PHE CB   C N N 281 
PHE CG   C Y N 282 
PHE CD1  C Y N 283 
PHE CD2  C Y N 284 
PHE CE1  C Y N 285 
PHE CE2  C Y N 286 
PHE CZ   C Y N 287 
PHE OXT  O N N 288 
PHE H    H N N 289 
PHE H2   H N N 290 
PHE HA   H N N 291 
PHE HB2  H N N 292 
PHE HB3  H N N 293 
PHE HD1  H N N 294 
PHE HD2  H N N 295 
PHE HE1  H N N 296 
PHE HE2  H N N 297 
PHE HZ   H N N 298 
PHE HXT  H N N 299 
PRO N    N N N 300 
PRO CA   C N S 301 
PRO C    C N N 302 
PRO O    O N N 303 
PRO CB   C N N 304 
PRO CG   C N N 305 
PRO CD   C N N 306 
PRO OXT  O N N 307 
PRO H    H N N 308 
PRO HA   H N N 309 
PRO HB2  H N N 310 
PRO HB3  H N N 311 
PRO HG2  H N N 312 
PRO HG3  H N N 313 
PRO HD2  H N N 314 
PRO HD3  H N N 315 
PRO HXT  H N N 316 
SER N    N N N 317 
SER CA   C N S 318 
SER C    C N N 319 
SER O    O N N 320 
SER CB   C N N 321 
SER OG   O N N 322 
SER OXT  O N N 323 
SER H    H N N 324 
SER H2   H N N 325 
SER HA   H N N 326 
SER HB2  H N N 327 
SER HB3  H N N 328 
SER HG   H N N 329 
SER HXT  H N N 330 
THR N    N N N 331 
THR CA   C N S 332 
THR C    C N N 333 
THR O    O N N 334 
THR CB   C N R 335 
THR OG1  O N N 336 
THR CG2  C N N 337 
THR OXT  O N N 338 
THR H    H N N 339 
THR H2   H N N 340 
THR HA   H N N 341 
THR HB   H N N 342 
THR HG1  H N N 343 
THR HG21 H N N 344 
THR HG22 H N N 345 
THR HG23 H N N 346 
THR HXT  H N N 347 
TRP N    N N N 348 
TRP CA   C N S 349 
TRP C    C N N 350 
TRP O    O N N 351 
TRP CB   C N N 352 
TRP CG   C Y N 353 
TRP CD1  C Y N 354 
TRP CD2  C Y N 355 
TRP NE1  N Y N 356 
TRP CE2  C Y N 357 
TRP CE3  C Y N 358 
TRP CZ2  C Y N 359 
TRP CZ3  C Y N 360 
TRP CH2  C Y N 361 
TRP OXT  O N N 362 
TRP H    H N N 363 
TRP H2   H N N 364 
TRP HA   H N N 365 
TRP HB2  H N N 366 
TRP HB3  H N N 367 
TRP HD1  H N N 368 
TRP HE1  H N N 369 
TRP HE3  H N N 370 
TRP HZ2  H N N 371 
TRP HZ3  H N N 372 
TRP HH2  H N N 373 
TRP HXT  H N N 374 
TYR N    N N N 375 
TYR CA   C N S 376 
TYR C    C N N 377 
TYR O    O N N 378 
TYR CB   C N N 379 
TYR CG   C Y N 380 
TYR CD1  C Y N 381 
TYR CD2  C Y N 382 
TYR CE1  C Y N 383 
TYR CE2  C Y N 384 
TYR CZ   C Y N 385 
TYR OH   O N N 386 
TYR OXT  O N N 387 
TYR H    H N N 388 
TYR H2   H N N 389 
TYR HA   H N N 390 
TYR HB2  H N N 391 
TYR HB3  H N N 392 
TYR HD1  H N N 393 
TYR HD2  H N N 394 
TYR HE1  H N N 395 
TYR HE2  H N N 396 
TYR HH   H N N 397 
TYR HXT  H N N 398 
VAL N    N N N 399 
VAL CA   C N S 400 
VAL C    C N N 401 
VAL O    O N N 402 
VAL CB   C N N 403 
VAL CG1  C N N 404 
VAL CG2  C N N 405 
VAL OXT  O N N 406 
VAL H    H N N 407 
VAL H2   H N N 408 
VAL HA   H N N 409 
VAL HB   H N N 410 
VAL HG11 H N N 411 
VAL HG12 H N N 412 
VAL HG13 H N N 413 
VAL HG21 H N N 414 
VAL HG22 H N N 415 
VAL HG23 H N N 416 
VAL HXT  H N N 417 
# 
loop_
_chem_comp_bond.comp_id 
_chem_comp_bond.atom_id_1 
_chem_comp_bond.atom_id_2 
_chem_comp_bond.value_order 
_chem_comp_bond.pdbx_aromatic_flag 
_chem_comp_bond.pdbx_stereo_config 
_chem_comp_bond.pdbx_ordinal 
ALA N   CA   sing N N 1   
ALA N   H    sing N N 2   
ALA N   H2   sing N N 3   
ALA CA  C    sing N N 4   
ALA CA  CB   sing N N 5   
ALA CA  HA   sing N N 6   
ALA C   O    doub N N 7   
ALA C   OXT  sing N N 8   
ALA CB  HB1  sing N N 9   
ALA CB  HB2  sing N N 10  
ALA CB  HB3  sing N N 11  
ALA OXT HXT  sing N N 12  
ARG N   CA   sing N N 13  
ARG N   H    sing N N 14  
ARG N   H2   sing N N 15  
ARG CA  C    sing N N 16  
ARG CA  CB   sing N N 17  
ARG CA  HA   sing N N 18  
ARG C   O    doub N N 19  
ARG C   OXT  sing N N 20  
ARG CB  CG   sing N N 21  
ARG CB  HB2  sing N N 22  
ARG CB  HB3  sing N N 23  
ARG CG  CD   sing N N 24  
ARG CG  HG2  sing N N 25  
ARG CG  HG3  sing N N 26  
ARG CD  NE   sing N N 27  
ARG CD  HD2  sing N N 28  
ARG CD  HD3  sing N N 29  
ARG NE  CZ   sing N N 30  
ARG NE  HE   sing N N 31  
ARG CZ  NH1  sing N N 32  
ARG CZ  NH2  doub N N 33  
ARG NH1 HH11 sing N N 34  
ARG NH1 HH12 sing N N 35  
ARG NH2 HH21 sing N N 36  
ARG NH2 HH22 sing N N 37  
ARG OXT HXT  sing N N 38  
ASN N   CA   sing N N 39  
ASN N   H    sing N N 40  
ASN N   H2   sing N N 41  
ASN CA  C    sing N N 42  
ASN CA  CB   sing N N 43  
ASN CA  HA   sing N N 44  
ASN C   O    doub N N 45  
ASN C   OXT  sing N N 46  
ASN CB  CG   sing N N 47  
ASN CB  HB2  sing N N 48  
ASN CB  HB3  sing N N 49  
ASN CG  OD1  doub N N 50  
ASN CG  ND2  sing N N 51  
ASN ND2 HD21 sing N N 52  
ASN ND2 HD22 sing N N 53  
ASN OXT HXT  sing N N 54  
ASP N   CA   sing N N 55  
ASP N   H    sing N N 56  
ASP N   H2   sing N N 57  
ASP CA  C    sing N N 58  
ASP CA  CB   sing N N 59  
ASP CA  HA   sing N N 60  
ASP C   O    doub N N 61  
ASP C   OXT  sing N N 62  
ASP CB  CG   sing N N 63  
ASP CB  HB2  sing N N 64  
ASP CB  HB3  sing N N 65  
ASP CG  OD1  doub N N 66  
ASP CG  OD2  sing N N 67  
ASP OD2 HD2  sing N N 68  
ASP OXT HXT  sing N N 69  
CYS N   CA   sing N N 70  
CYS N   H    sing N N 71  
CYS N   H2   sing N N 72  
CYS CA  C    sing N N 73  
CYS CA  CB   sing N N 74  
CYS CA  HA   sing N N 75  
CYS C   O    doub N N 76  
CYS C   OXT  sing N N 77  
CYS CB  SG   sing N N 78  
CYS CB  HB2  sing N N 79  
CYS CB  HB3  sing N N 80  
CYS SG  HG   sing N N 81  
CYS OXT HXT  sing N N 82  
GLN N   CA   sing N N 83  
GLN N   H    sing N N 84  
GLN N   H2   sing N N 85  
GLN CA  C    sing N N 86  
GLN CA  CB   sing N N 87  
GLN CA  HA   sing N N 88  
GLN C   O    doub N N 89  
GLN C   OXT  sing N N 90  
GLN CB  CG   sing N N 91  
GLN CB  HB2  sing N N 92  
GLN CB  HB3  sing N N 93  
GLN CG  CD   sing N N 94  
GLN CG  HG2  sing N N 95  
GLN CG  HG3  sing N N 96  
GLN CD  OE1  doub N N 97  
GLN CD  NE2  sing N N 98  
GLN NE2 HE21 sing N N 99  
GLN NE2 HE22 sing N N 100 
GLN OXT HXT  sing N N 101 
GLU N   CA   sing N N 102 
GLU N   H    sing N N 103 
GLU N   H2   sing N N 104 
GLU CA  C    sing N N 105 
GLU CA  CB   sing N N 106 
GLU CA  HA   sing N N 107 
GLU C   O    doub N N 108 
GLU C   OXT  sing N N 109 
GLU CB  CG   sing N N 110 
GLU CB  HB2  sing N N 111 
GLU CB  HB3  sing N N 112 
GLU CG  CD   sing N N 113 
GLU CG  HG2  sing N N 114 
GLU CG  HG3  sing N N 115 
GLU CD  OE1  doub N N 116 
GLU CD  OE2  sing N N 117 
GLU OE2 HE2  sing N N 118 
GLU OXT HXT  sing N N 119 
GLY N   CA   sing N N 120 
GLY N   H    sing N N 121 
GLY N   H2   sing N N 122 
GLY CA  C    sing N N 123 
GLY CA  HA2  sing N N 124 
GLY CA  HA3  sing N N 125 
GLY C   O    doub N N 126 
GLY C   OXT  sing N N 127 
GLY OXT HXT  sing N N 128 
HIS N   CA   sing N N 129 
HIS N   H    sing N N 130 
HIS N   H2   sing N N 131 
HIS CA  C    sing N N 132 
HIS CA  CB   sing N N 133 
HIS CA  HA   sing N N 134 
HIS C   O    doub N N 135 
HIS C   OXT  sing N N 136 
HIS CB  CG   sing N N 137 
HIS CB  HB2  sing N N 138 
HIS CB  HB3  sing N N 139 
HIS CG  ND1  sing Y N 140 
HIS CG  CD2  doub Y N 141 
HIS ND1 CE1  doub Y N 142 
HIS ND1 HD1  sing N N 143 
HIS CD2 NE2  sing Y N 144 
HIS CD2 HD2  sing N N 145 
HIS CE1 NE2  sing Y N 146 
HIS CE1 HE1  sing N N 147 
HIS NE2 HE2  sing N N 148 
HIS OXT HXT  sing N N 149 
HOH O   H1   sing N N 150 
HOH O   H2   sing N N 151 
ILE N   CA   sing N N 152 
ILE N   H    sing N N 153 
ILE N   H2   sing N N 154 
ILE CA  C    sing N N 155 
ILE CA  CB   sing N N 156 
ILE CA  HA   sing N N 157 
ILE C   O    doub N N 158 
ILE C   OXT  sing N N 159 
ILE CB  CG1  sing N N 160 
ILE CB  CG2  sing N N 161 
ILE CB  HB   sing N N 162 
ILE CG1 CD1  sing N N 163 
ILE CG1 HG12 sing N N 164 
ILE CG1 HG13 sing N N 165 
ILE CG2 HG21 sing N N 166 
ILE CG2 HG22 sing N N 167 
ILE CG2 HG23 sing N N 168 
ILE CD1 HD11 sing N N 169 
ILE CD1 HD12 sing N N 170 
ILE CD1 HD13 sing N N 171 
ILE OXT HXT  sing N N 172 
LEU N   CA   sing N N 173 
LEU N   H    sing N N 174 
LEU N   H2   sing N N 175 
LEU CA  C    sing N N 176 
LEU CA  CB   sing N N 177 
LEU CA  HA   sing N N 178 
LEU C   O    doub N N 179 
LEU C   OXT  sing N N 180 
LEU CB  CG   sing N N 181 
LEU CB  HB2  sing N N 182 
LEU CB  HB3  sing N N 183 
LEU CG  CD1  sing N N 184 
LEU CG  CD2  sing N N 185 
LEU CG  HG   sing N N 186 
LEU CD1 HD11 sing N N 187 
LEU CD1 HD12 sing N N 188 
LEU CD1 HD13 sing N N 189 
LEU CD2 HD21 sing N N 190 
LEU CD2 HD22 sing N N 191 
LEU CD2 HD23 sing N N 192 
LEU OXT HXT  sing N N 193 
LYS N   CA   sing N N 194 
LYS N   H    sing N N 195 
LYS N   H2   sing N N 196 
LYS CA  C    sing N N 197 
LYS CA  CB   sing N N 198 
LYS CA  HA   sing N N 199 
LYS C   O    doub N N 200 
LYS C   OXT  sing N N 201 
LYS CB  CG   sing N N 202 
LYS CB  HB2  sing N N 203 
LYS CB  HB3  sing N N 204 
LYS CG  CD   sing N N 205 
LYS CG  HG2  sing N N 206 
LYS CG  HG3  sing N N 207 
LYS CD  CE   sing N N 208 
LYS CD  HD2  sing N N 209 
LYS CD  HD3  sing N N 210 
LYS CE  NZ   sing N N 211 
LYS CE  HE2  sing N N 212 
LYS CE  HE3  sing N N 213 
LYS NZ  HZ1  sing N N 214 
LYS NZ  HZ2  sing N N 215 
LYS NZ  HZ3  sing N N 216 
LYS OXT HXT  sing N N 217 
MET N   CA   sing N N 218 
MET N   H    sing N N 219 
MET N   H2   sing N N 220 
MET CA  C    sing N N 221 
MET CA  CB   sing N N 222 
MET CA  HA   sing N N 223 
MET C   O    doub N N 224 
MET C   OXT  sing N N 225 
MET CB  CG   sing N N 226 
MET CB  HB2  sing N N 227 
MET CB  HB3  sing N N 228 
MET CG  SD   sing N N 229 
MET CG  HG2  sing N N 230 
MET CG  HG3  sing N N 231 
MET SD  CE   sing N N 232 
MET CE  HE1  sing N N 233 
MET CE  HE2  sing N N 234 
MET CE  HE3  sing N N 235 
MET OXT HXT  sing N N 236 
O0J N1  C10  sing N N 237 
O0J C10 N2   doub Y N 238 
O0J C10 S    sing Y N 239 
O0J N2  C8   sing Y N 240 
O0J S   C9   sing Y N 241 
O0J C8  C9   doub Y N 242 
O0J C8  C5   sing N N 243 
O0J C6  C5   doub Y N 244 
O0J C6  C7   sing Y N 245 
O0J C5  C4   sing Y N 246 
O0J C7  C2   doub Y N 247 
O0J C4  C3   doub Y N 248 
O0J C2  C3   sing Y N 249 
O0J C2  N    sing N N 250 
O0J N   C1   sing N N 251 
O0J C1  C    sing N N 252 
O0J C1  O    doub N N 253 
O0J N1  H1   sing N N 254 
O0J N1  H2   sing N N 255 
O0J C4  H3   sing N N 256 
O0J C6  H4   sing N N 257 
O0J C7  H5   sing N N 258 
O0J N   H6   sing N N 259 
O0J C   H7   sing N N 260 
O0J C   H8   sing N N 261 
O0J C   H9   sing N N 262 
O0J C3  H10  sing N N 263 
O0J C9  H11  sing N N 264 
PHE N   CA   sing N N 265 
PHE N   H    sing N N 266 
PHE N   H2   sing N N 267 
PHE CA  C    sing N N 268 
PHE CA  CB   sing N N 269 
PHE CA  HA   sing N N 270 
PHE C   O    doub N N 271 
PHE C   OXT  sing N N 272 
PHE CB  CG   sing N N 273 
PHE CB  HB2  sing N N 274 
PHE CB  HB3  sing N N 275 
PHE CG  CD1  doub Y N 276 
PHE CG  CD2  sing Y N 277 
PHE CD1 CE1  sing Y N 278 
PHE CD1 HD1  sing N N 279 
PHE CD2 CE2  doub Y N 280 
PHE CD2 HD2  sing N N 281 
PHE CE1 CZ   doub Y N 282 
PHE CE1 HE1  sing N N 283 
PHE CE2 CZ   sing Y N 284 
PHE CE2 HE2  sing N N 285 
PHE CZ  HZ   sing N N 286 
PHE OXT HXT  sing N N 287 
PRO N   CA   sing N N 288 
PRO N   CD   sing N N 289 
PRO N   H    sing N N 290 
PRO CA  C    sing N N 291 
PRO CA  CB   sing N N 292 
PRO CA  HA   sing N N 293 
PRO C   O    doub N N 294 
PRO C   OXT  sing N N 295 
PRO CB  CG   sing N N 296 
PRO CB  HB2  sing N N 297 
PRO CB  HB3  sing N N 298 
PRO CG  CD   sing N N 299 
PRO CG  HG2  sing N N 300 
PRO CG  HG3  sing N N 301 
PRO CD  HD2  sing N N 302 
PRO CD  HD3  sing N N 303 
PRO OXT HXT  sing N N 304 
SER N   CA   sing N N 305 
SER N   H    sing N N 306 
SER N   H2   sing N N 307 
SER CA  C    sing N N 308 
SER CA  CB   sing N N 309 
SER CA  HA   sing N N 310 
SER C   O    doub N N 311 
SER C   OXT  sing N N 312 
SER CB  OG   sing N N 313 
SER CB  HB2  sing N N 314 
SER CB  HB3  sing N N 315 
SER OG  HG   sing N N 316 
SER OXT HXT  sing N N 317 
THR N   CA   sing N N 318 
THR N   H    sing N N 319 
THR N   H2   sing N N 320 
THR CA  C    sing N N 321 
THR CA  CB   sing N N 322 
THR CA  HA   sing N N 323 
THR C   O    doub N N 324 
THR C   OXT  sing N N 325 
THR CB  OG1  sing N N 326 
THR CB  CG2  sing N N 327 
THR CB  HB   sing N N 328 
THR OG1 HG1  sing N N 329 
THR CG2 HG21 sing N N 330 
THR CG2 HG22 sing N N 331 
THR CG2 HG23 sing N N 332 
THR OXT HXT  sing N N 333 
TRP N   CA   sing N N 334 
TRP N   H    sing N N 335 
TRP N   H2   sing N N 336 
TRP CA  C    sing N N 337 
TRP CA  CB   sing N N 338 
TRP CA  HA   sing N N 339 
TRP C   O    doub N N 340 
TRP C   OXT  sing N N 341 
TRP CB  CG   sing N N 342 
TRP CB  HB2  sing N N 343 
TRP CB  HB3  sing N N 344 
TRP CG  CD1  doub Y N 345 
TRP CG  CD2  sing Y N 346 
TRP CD1 NE1  sing Y N 347 
TRP CD1 HD1  sing N N 348 
TRP CD2 CE2  doub Y N 349 
TRP CD2 CE3  sing Y N 350 
TRP NE1 CE2  sing Y N 351 
TRP NE1 HE1  sing N N 352 
TRP CE2 CZ2  sing Y N 353 
TRP CE3 CZ3  doub Y N 354 
TRP CE3 HE3  sing N N 355 
TRP CZ2 CH2  doub Y N 356 
TRP CZ2 HZ2  sing N N 357 
TRP CZ3 CH2  sing Y N 358 
TRP CZ3 HZ3  sing N N 359 
TRP CH2 HH2  sing N N 360 
TRP OXT HXT  sing N N 361 
TYR N   CA   sing N N 362 
TYR N   H    sing N N 363 
TYR N   H2   sing N N 364 
TYR CA  C    sing N N 365 
TYR CA  CB   sing N N 366 
TYR CA  HA   sing N N 367 
TYR C   O    doub N N 368 
TYR C   OXT  sing N N 369 
TYR CB  CG   sing N N 370 
TYR CB  HB2  sing N N 371 
TYR CB  HB3  sing N N 372 
TYR CG  CD1  doub Y N 373 
TYR CG  CD2  sing Y N 374 
TYR CD1 CE1  sing Y N 375 
TYR CD1 HD1  sing N N 376 
TYR CD2 CE2  doub Y N 377 
TYR CD2 HD2  sing N N 378 
TYR CE1 CZ   doub Y N 379 
TYR CE1 HE1  sing N N 380 
TYR CE2 CZ   sing Y N 381 
TYR CE2 HE2  sing N N 382 
TYR CZ  OH   sing N N 383 
TYR OH  HH   sing N N 384 
TYR OXT HXT  sing N N 385 
VAL N   CA   sing N N 386 
VAL N   H    sing N N 387 
VAL N   H2   sing N N 388 
VAL CA  C    sing N N 389 
VAL CA  CB   sing N N 390 
VAL CA  HA   sing N N 391 
VAL C   O    doub N N 392 
VAL C   OXT  sing N N 393 
VAL CB  CG1  sing N N 394 
VAL CB  CG2  sing N N 395 
VAL CB  HB   sing N N 396 
VAL CG1 HG11 sing N N 397 
VAL CG1 HG12 sing N N 398 
VAL CG1 HG13 sing N N 399 
VAL CG2 HG21 sing N N 400 
VAL CG2 HG22 sing N N 401 
VAL CG2 HG23 sing N N 402 
VAL OXT HXT  sing N N 403 
# 
_pdbx_deposit_group.group_id            G_1002081 
_pdbx_deposit_group.group_description   
;Human Brachyury G177D variant screened against the DSI-poised Fragment Library by X-ray Crystallography at the XChem facility of Diamond Light Source beamline I04-1
;
_pdbx_deposit_group.group_title         'PanDDA analysis group deposition' 
_pdbx_deposit_group.group_type          'changed state' 
# 
_pdbx_entity_instance_feature.ordinal        1 
_pdbx_entity_instance_feature.comp_id        O0J 
_pdbx_entity_instance_feature.asym_id        ? 
_pdbx_entity_instance_feature.seq_num        ? 
_pdbx_entity_instance_feature.auth_comp_id   O0J 
_pdbx_entity_instance_feature.auth_asym_id   ? 
_pdbx_entity_instance_feature.auth_seq_num   ? 
_pdbx_entity_instance_feature.feature_type   'SUBJECT OF INVESTIGATION' 
_pdbx_entity_instance_feature.details        ? 
# 
_atom_sites.entry_id                    5QS9 
_atom_sites.fract_transf_matrix[1][1]   -0.00208006 
_atom_sites.fract_transf_matrix[1][2]   0.01123548 
_atom_sites.fract_transf_matrix[1][3]   0.00212350 
_atom_sites.fract_transf_matrix[2][1]   0.00035635 
_atom_sites.fract_transf_matrix[2][2]   0.00401680 
_atom_sites.fract_transf_matrix[2][3]   0.01089997 
_atom_sites.fract_transf_matrix[3][1]   0.00981133 
_atom_sites.fract_transf_matrix[3][2]   0.00201755 
_atom_sites.fract_transf_matrix[3][3]   -0.00106426 
_atom_sites.fract_transf_vector[1]      -0.181398 
_atom_sites.fract_transf_vector[2]      -0.366570 
_atom_sites.fract_transf_vector[3]      -0.016412 
# 
loop_
_atom_type.symbol 
C 
N 
O 
S 
# 
loop_
_atom_site.group_PDB 
_atom_site.id 
_atom_site.type_symbol 
_atom_site.label_atom_id 
_atom_site.label_alt_id 
_atom_site.label_comp_id 
_atom_site.label_asym_id 
_atom_site.label_entity_id 
_atom_site.label_seq_id 
_atom_site.pdbx_PDB_ins_code 
_atom_site.Cartn_x 
_atom_site.Cartn_y 
_atom_site.Cartn_z 
_atom_site.occupancy 
_atom_site.B_iso_or_equiv 
_atom_site.pdbx_formal_charge 
_atom_site.auth_seq_id 
_atom_site.auth_comp_id 
_atom_site.auth_asym_id 
_atom_site.auth_atom_id 
_atom_site.pdbx_PDB_model_num 
ATOM   1    N N   . GLU A 1 2   ? 3.838   9.085   22.510  1.00 35.33 ? 41  GLU A N   1 
ATOM   2    C CA  . GLU A 1 2   ? 4.059   9.543   21.112  1.00 35.09 ? 41  GLU A CA  1 
ATOM   3    C C   . GLU A 1 2   ? 3.375   8.573   20.140  1.00 29.62 ? 41  GLU A C   1 
ATOM   4    O O   . GLU A 1 2   ? 3.464   7.348   20.365  1.00 31.47 ? 41  GLU A O   1 
ATOM   5    C CB  . GLU A 1 2   ? 5.557   9.601   20.809  1.00 40.76 ? 41  GLU A CB  1 
ATOM   6    C CG  . GLU A 1 2   ? 5.905   10.491  19.632  1.00 45.54 ? 41  GLU A CG  1 
ATOM   7    C CD  . GLU A 1 2   ? 5.778   11.982  19.903  1.00 50.70 ? 41  GLU A CD  1 
ATOM   8    O OE1 . GLU A 1 2   ? 5.857   12.762  18.935  1.00 52.37 ? 41  GLU A OE1 1 
ATOM   9    O OE2 . GLU A 1 2   ? 5.598   12.359  21.082  1.00 51.35 ? 41  GLU A OE2 1 
ATOM   10   N N   . LEU A 1 3   ? 2.751   9.092   19.078  1.00 25.39 ? 42  LEU A N   1 
ATOM   11   C CA  . LEU A 1 3   ? 2.127   8.236   18.035  1.00 23.41 ? 42  LEU A CA  1 
ATOM   12   C C   . LEU A 1 3   ? 3.222   7.424   17.337  1.00 23.11 ? 42  LEU A C   1 
ATOM   13   O O   . LEU A 1 3   ? 4.193   8.011   16.802  1.00 24.34 ? 42  LEU A O   1 
ATOM   14   C CB  . LEU A 1 3   ? 1.341   9.070   17.018  1.00 22.17 ? 42  LEU A CB  1 
ATOM   15   C CG  . LEU A 1 3   ? 0.762   8.274   15.848  1.00 23.49 ? 42  LEU A CG  1 
ATOM   16   C CD1 . LEU A 1 3   ? -0.190  7.196   16.340  1.00 23.17 ? 42  LEU A CD1 1 
ATOM   17   C CD2 . LEU A 1 3   ? 0.061   9.192   14.869  1.00 24.20 ? 42  LEU A CD2 1 
ATOM   18   N N   . ARG A 1 4   ? 3.040   6.113   17.314  1.00 22.04 ? 43  ARG A N   1 
ATOM   19   C CA  . ARG A 1 4   ? 3.928   5.167   16.600  1.00 23.27 ? 43  ARG A CA  1 
ATOM   20   C C   . ARG A 1 4   ? 3.039   4.299   15.718  1.00 20.78 ? 43  ARG A C   1 
ATOM   21   O O   . ARG A 1 4   ? 2.069   3.713   16.254  1.00 21.30 ? 43  ARG A O   1 
ATOM   22   C CB  . ARG A 1 4   ? 4.739   4.318   17.586  1.00 26.20 ? 43  ARG A CB  1 
ATOM   23   C CG  . ARG A 1 4   ? 5.820   5.086   18.338  1.00 30.31 ? 43  ARG A CG  1 
ATOM   24   C CD  . ARG A 1 4   ? 6.349   4.310   19.534  1.00 35.56 ? 43  ARG A CD  1 
ATOM   25   N NE  . ARG A 1 4   ? 6.999   3.062   19.152  1.00 39.39 ? 43  ARG A NE  1 
ATOM   26   C CZ  . ARG A 1 4   ? 8.308   2.809   19.201  1.00 44.17 ? 43  ARG A CZ  1 
ATOM   27   N NH1 . ARG A 1 4   ? 8.755   1.623   18.822  1.00 45.45 ? 43  ARG A NH1 1 
ATOM   28   N NH2 . ARG A 1 4   ? 9.172   3.726   19.614  1.00 47.34 ? 43  ARG A NH2 1 
ATOM   29   N N   . VAL A 1 5   ? 3.374   4.195   14.431  1.00 19.27 ? 44  VAL A N   1 
ATOM   30   C CA  . VAL A 1 5   ? 2.670   3.322   13.460  1.00 18.93 ? 44  VAL A CA  1 
ATOM   31   C C   . VAL A 1 5   ? 3.721   2.405   12.844  1.00 19.74 ? 44  VAL A C   1 
ATOM   32   O O   . VAL A 1 5   ? 4.421   2.843   11.895  1.00 22.49 ? 44  VAL A O   1 
ATOM   33   C CB  . VAL A 1 5   ? 1.910   4.124   12.390  1.00 18.45 ? 44  VAL A CB  1 
ATOM   34   C CG1 . VAL A 1 5   ? 1.161   3.203   11.438  1.00 18.96 ? 44  VAL A CG1 1 
ATOM   35   C CG2 . VAL A 1 5   ? 0.948   5.127   13.006  1.00 18.69 ? 44  VAL A CG2 1 
ATOM   36   N N   . GLY A 1 6   ? 3.794   1.182   13.358  1.00 19.70 ? 45  GLY A N   1 
ATOM   37   C CA  . GLY A 1 6   ? 4.852   0.215   13.032  1.00 20.44 ? 45  GLY A CA  1 
ATOM   38   C C   . GLY A 1 6   ? 4.375   -0.787  12.012  1.00 19.39 ? 45  GLY A C   1 
ATOM   39   O O   . GLY A 1 6   ? 3.291   -1.371  12.186  1.00 19.92 ? 45  GLY A O   1 
ATOM   40   N N   . LEU A 1 7   ? 5.198   -1.044  11.000  1.00 18.96 ? 46  LEU A N   1 
ATOM   41   C CA  . LEU A 1 7   ? 4.905   -2.100  10.006  1.00 18.33 ? 46  LEU A CA  1 
ATOM   42   C C   . LEU A 1 7   ? 4.960   -3.469  10.682  1.00 18.31 ? 46  LEU A C   1 
ATOM   43   O O   . LEU A 1 7   ? 5.979   -3.781  11.328  1.00 19.05 ? 46  LEU A O   1 
ATOM   44   C CB  . LEU A 1 7   ? 5.929   -2.019  8.878   1.00 18.41 ? 46  LEU A CB  1 
ATOM   45   C CG  . LEU A 1 7   ? 5.728   -3.022  7.749   1.00 18.25 ? 46  LEU A CG  1 
ATOM   46   C CD1 . LEU A 1 7   ? 4.401   -2.810  7.045   1.00 18.91 ? 46  LEU A CD1 1 
ATOM   47   C CD2 . LEU A 1 7   ? 6.874   -2.925  6.771   1.00 18.98 ? 46  LEU A CD2 1 
ATOM   48   N N   . GLU A 1 8   ? 3.907   -4.257  10.497  1.00 18.32 ? 47  GLU A N   1 
ATOM   49   C CA  . GLU A 1 8   ? 3.875   -5.692  10.873  1.00 19.26 ? 47  GLU A CA  1 
ATOM   50   C C   . GLU A 1 8   ? 4.529   -6.513  9.760   1.00 19.17 ? 47  GLU A C   1 
ATOM   51   O O   . GLU A 1 8   ? 4.459   -6.107  8.581   1.00 18.93 ? 47  GLU A O   1 
ATOM   52   C CB  . GLU A 1 8   ? 2.441   -6.152  11.067  1.00 21.52 ? 47  GLU A CB  1 
ATOM   53   C CG  . GLU A 1 8   ? 1.790   -5.490  12.257  1.00 21.75 ? 47  GLU A CG  1 
ATOM   54   C CD  . GLU A 1 8   ? 2.035   -6.251  13.550  1.00 24.73 ? 47  GLU A CD  1 
ATOM   55   O OE1 . GLU A 1 8   ? 2.178   -5.611  14.621  1.00 25.39 ? 47  GLU A OE1 1 
ATOM   56   O OE2 . GLU A 1 8   ? 2.091   -7.502  13.482  1.00 25.90 ? 47  GLU A OE2 1 
ATOM   57   N N   . GLU A 1 9   ? 5.128   -7.642  10.125  1.00 19.76 ? 48  GLU A N   1 
ATOM   58   C CA  . GLU A 1 9   ? 5.734   -8.597  9.168   1.00 20.33 ? 48  GLU A CA  1 
ATOM   59   C C   . GLU A 1 9   ? 6.758   -7.850  8.304   1.00 19.94 ? 48  GLU A C   1 
ATOM   60   O O   . GLU A 1 9   ? 6.862   -8.129  7.103   1.00 19.90 ? 48  GLU A O   1 
ATOM   61   C CB  . GLU A 1 9   ? 4.630   -9.256  8.341   1.00 22.20 ? 48  GLU A CB  1 
ATOM   62   C CG  . GLU A 1 9   ? 3.642   -10.022 9.187   1.00 24.76 ? 48  GLU A CG  1 
ATOM   63   C CD  . GLU A 1 9   ? 2.475   -10.679 8.472   1.00 30.32 ? 48  GLU A CD  1 
ATOM   64   O OE1 . GLU A 1 9   ? 2.425   -10.651 7.216   1.00 32.52 ? 48  GLU A OE1 1 
ATOM   65   O OE2 . GLU A 1 9   ? 1.604   -11.227 9.184   1.00 32.84 ? 48  GLU A OE2 1 
ATOM   66   N N   . SER A 1 10  ? 7.523   -6.946  8.893   1.00 19.78 ? 49  SER A N   1 
ATOM   67   C CA  . SER A 1 10  ? 8.529   -6.162  8.143   1.00 20.29 ? 49  SER A CA  1 
ATOM   68   C C   . SER A 1 10  ? 9.553   -7.113  7.507   1.00 20.61 ? 49  SER A C   1 
ATOM   69   O O   . SER A 1 10  ? 9.972   -6.848  6.377   1.00 21.21 ? 49  SER A O   1 
ATOM   70   C CB  . SER A 1 10  ? 9.180   -5.114  9.002   1.00 21.27 ? 49  SER A CB  1 
ATOM   71   O OG  . SER A 1 10  ? 9.857   -5.712  10.095  1.00 22.76 ? 49  SER A OG  1 
ATOM   72   N N   . GLU A 1 11  ? 9.937   -8.192  8.183   1.00 20.71 ? 50  GLU A N   1 
ATOM   73   C CA  . GLU A 1 11  ? 10.964  -9.125  7.651   1.00 22.83 ? 50  GLU A CA  1 
ATOM   74   C C   . GLU A 1 11  ? 10.407  -9.761  6.371   1.00 20.92 ? 50  GLU A C   1 
ATOM   75   O O   . GLU A 1 11  ? 11.187  -9.939  5.419   1.00 22.06 ? 50  GLU A O   1 
ATOM   76   C CB  . GLU A 1 11  ? 11.341  -10.159 8.711   1.00 26.53 ? 50  GLU A CB  1 
ATOM   77   C CG  . GLU A 1 11  ? 12.445  -11.106 8.280   1.00 31.52 ? 50  GLU A CG  1 
ATOM   78   C CD  . GLU A 1 11  ? 13.081  -11.896 9.417   1.00 35.68 ? 50  GLU A CD  1 
ATOM   79   O OE1 . GLU A 1 11  ? 12.745  -11.625 10.586  1.00 37.72 ? 50  GLU A OE1 1 
ATOM   80   O OE2 . GLU A 1 11  ? 13.922  -12.778 9.124   1.00 40.92 ? 50  GLU A OE2 1 
ATOM   81   N N   . LEU A 1 12  ? 9.115   -10.093 6.354   1.00 20.79 ? 51  LEU A N   1 
ATOM   82   C CA  . LEU A 1 12  ? 8.435   -10.699 5.173   1.00 21.31 ? 51  LEU A CA  1 
ATOM   83   C C   . LEU A 1 12  ? 8.460   -9.684  4.030   1.00 20.32 ? 51  LEU A C   1 
ATOM   84   O O   . LEU A 1 12  ? 8.901   -10.017 2.916   1.00 20.28 ? 51  LEU A O   1 
ATOM   85   C CB  . LEU A 1 12  ? 7.007   -11.095 5.543   1.00 22.57 ? 51  LEU A CB  1 
ATOM   86   C CG  . LEU A 1 12  ? 6.129   -11.557 4.384   1.00 24.90 ? 51  LEU A CG  1 
ATOM   87   C CD1 . LEU A 1 12  ? 6.762   -12.748 3.672   1.00 26.00 ? 51  LEU A CD1 1 
ATOM   88   C CD2 . LEU A 1 12  ? 4.726   -11.878 4.868   1.00 26.65 ? 51  LEU A CD2 1 
ATOM   89   N N   . TRP A 1 13  ? 8.034   -8.451  4.295   1.00 19.05 ? 52  TRP A N   1 
ATOM   90   C CA  . TRP A 1 13  ? 8.076   -7.403  3.255   1.00 18.77 ? 52  TRP A CA  1 
ATOM   91   C C   . TRP A 1 13  ? 9.500   -7.259  2.708   1.00 19.15 ? 52  TRP A C   1 
ATOM   92   O O   . TRP A 1 13  ? 9.636   -7.081  1.489   1.00 19.51 ? 52  TRP A O   1 
ATOM   93   C CB  . TRP A 1 13  ? 7.563   -6.081  3.829   1.00 18.30 ? 52  TRP A CB  1 
ATOM   94   C CG  . TRP A 1 13  ? 6.077   -5.966  3.878   1.00 17.61 ? 52  TRP A CG  1 
ATOM   95   C CD1 . TRP A 1 13  ? 5.261   -6.080  4.968   1.00 17.44 ? 52  TRP A CD1 1 
ATOM   96   C CD2 . TRP A 1 13  ? 5.217   -5.686  2.765   1.00 16.47 ? 52  TRP A CD2 1 
ATOM   97   N NE1 . TRP A 1 13  ? 3.959   -5.897  4.607   1.00 18.30 ? 52  TRP A NE1 1 
ATOM   98   C CE2 . TRP A 1 13  ? 3.902   -5.613  3.268   1.00 17.01 ? 52  TRP A CE2 1 
ATOM   99   C CE3 . TRP A 1 13  ? 5.435   -5.470  1.399   1.00 17.14 ? 52  TRP A CE3 1 
ATOM   100  C CZ2 . TRP A 1 13  ? 2.810   -5.360  2.453   1.00 17.29 ? 52  TRP A CZ2 1 
ATOM   101  C CZ3 . TRP A 1 13  ? 4.356   -5.162  0.609   1.00 17.18 ? 52  TRP A CZ3 1 
ATOM   102  C CH2 . TRP A 1 13  ? 3.061   -5.141  1.119   1.00 17.05 ? 52  TRP A CH2 1 
ATOM   103  N N   . LEU A 1 14  ? 10.530  -7.292  3.562   1.00 21.06 ? 53  LEU A N   1 
ATOM   104  C CA  . LEU A 1 14  ? 11.932  -7.054  3.113   1.00 21.76 ? 53  LEU A CA  1 
ATOM   105  C C   . LEU A 1 14  ? 12.408  -8.226  2.240   1.00 21.16 ? 53  LEU A C   1 
ATOM   106  O O   . LEU A 1 14  ? 13.265  -8.006  1.381   1.00 21.54 ? 53  LEU A O   1 
ATOM   107  C CB  . LEU A 1 14  ? 12.860  -6.816  4.310   1.00 23.79 ? 53  LEU A CB  1 
ATOM   108  C CG  . LEU A 1 14  ? 12.817  -5.411  4.919   1.00 24.05 ? 53  LEU A CG  1 
ATOM   109  C CD1 . LEU A 1 14  ? 13.097  -4.321  3.890   1.00 23.58 ? 53  LEU A CD1 1 
ATOM   110  C CD2 . LEU A 1 14  ? 11.499  -5.171  5.593   1.00 28.50 ? 53  LEU A CD2 1 
ATOM   111  N N   . ARG A 1 15  ? 11.882  -9.430  2.442   1.00 22.46 ? 54  ARG A N   1 
ATOM   112  C CA  . ARG A 1 15  ? 12.201  -10.587 1.562   1.00 23.33 ? 54  ARG A CA  1 
ATOM   113  C C   . ARG A 1 15  ? 11.733  -10.266 0.143   1.00 22.64 ? 54  ARG A C   1 
ATOM   114  O O   . ARG A 1 15  ? 12.458  -10.569 -0.802  1.00 23.31 ? 54  ARG A O   1 
ATOM   115  C CB  . ARG A 1 15  ? 11.548  -11.875 2.060   1.00 26.31 ? 54  ARG A CB  1 
ATOM   116  C CG  . ARG A 1 15  ? 12.217  -12.463 3.291   1.00 31.06 ? 54  ARG A CG  1 
ATOM   117  C CD  . ARG A 1 15  ? 11.750  -13.874 3.599   1.00 34.65 ? 54  ARG A CD  1 
ATOM   118  N NE  . ARG A 1 15  ? 11.925  -14.202 5.009   1.00 37.81 ? 54  ARG A NE  1 
ATOM   119  C CZ  . ARG A 1 15  ? 13.079  -14.541 5.581   1.00 41.32 ? 54  ARG A CZ  1 
ATOM   120  N NH1 . ARG A 1 15  ? 14.193  -14.615 4.870   1.00 43.22 ? 54  ARG A NH1 1 
ATOM   121  N NH2 . ARG A 1 15  ? 13.116  -14.810 6.874   1.00 41.67 ? 54  ARG A NH2 1 
ATOM   122  N N   . PHE A 1 16  ? 10.551  -9.664  0.005   1.00 20.42 ? 55  PHE A N   1 
ATOM   123  C CA  . PHE A 1 16  ? 10.011  -9.239  -1.308  1.00 20.16 ? 55  PHE A CA  1 
ATOM   124  C C   . PHE A 1 16  ? 10.827  -8.064  -1.843  1.00 19.89 ? 55  PHE A C   1 
ATOM   125  O O   . PHE A 1 16  ? 11.201  -8.088  -3.003  1.00 19.89 ? 55  PHE A O   1 
ATOM   126  C CB  . PHE A 1 16  ? 8.521   -8.907  -1.214  1.00 20.03 ? 55  PHE A CB  1 
ATOM   127  C CG  . PHE A 1 16  ? 7.662   -10.142 -1.150  1.00 19.49 ? 55  PHE A CG  1 
ATOM   128  C CD1 . PHE A 1 16  ? 7.206   -10.745 -2.313  1.00 20.93 ? 55  PHE A CD1 1 
ATOM   129  C CD2 . PHE A 1 16  ? 7.365   -10.724 0.066   1.00 21.45 ? 55  PHE A CD2 1 
ATOM   130  C CE1 . PHE A 1 16  ? 6.446   -11.898 -2.250  1.00 22.21 ? 55  PHE A CE1 1 
ATOM   131  C CE2 . PHE A 1 16  ? 6.618   -11.888 0.132   1.00 20.94 ? 55  PHE A CE2 1 
ATOM   132  C CZ  . PHE A 1 16  ? 6.165   -12.477 -1.028  1.00 21.94 ? 55  PHE A CZ  1 
ATOM   133  N N   . LYS A 1 17  ? 11.113  -7.068  -0.999  1.00 19.27 ? 56  LYS A N   1 
ATOM   134  C CA  . LYS A 1 17  ? 11.824  -5.846  -1.453  1.00 19.92 ? 56  LYS A CA  1 
ATOM   135  C C   . LYS A 1 17  ? 13.224  -6.202  -1.970  1.00 20.86 ? 56  LYS A C   1 
ATOM   136  O O   . LYS A 1 17  ? 13.674  -5.592  -2.965  1.00 20.77 ? 56  LYS A O   1 
ATOM   137  C CB  . LYS A 1 17  ? 11.872  -4.801  -0.340  1.00 19.30 ? 56  LYS A CB  1 
ATOM   138  C CG  . LYS A 1 17  ? 12.451  -3.479  -0.819  1.00 20.18 ? 56  LYS A CG  1 
ATOM   139  C CD  . LYS A 1 17  ? 12.313  -2.351  0.158   1.00 21.08 ? 56  LYS A CD  1 
ATOM   140  C CE  . LYS A 1 17  ? 13.103  -1.148  -0.287  1.00 21.84 ? 56  LYS A CE  1 
ATOM   141  N NZ  . LYS A 1 17  ? 12.805  0.033   0.555   1.00 22.94 ? 56  LYS A NZ  1 
ATOM   142  N N   . GLU A 1 18  ? 13.881  -7.180  -1.354  1.00 23.35 ? 57  GLU A N   1 
ATOM   143  C CA  . GLU A 1 18  ? 15.249  -7.576  -1.780  1.00 26.37 ? 57  GLU A CA  1 
ATOM   144  C C   . GLU A 1 18  ? 15.194  -8.033  -3.247  1.00 25.38 ? 57  GLU A C   1 
ATOM   145  O O   . GLU A 1 18  ? 16.181  -7.775  -3.964  1.00 26.14 ? 57  GLU A O   1 
ATOM   146  C CB  . GLU A 1 18  ? 15.845  -8.569  -0.779  1.00 31.87 ? 57  GLU A CB  1 
ATOM   147  C CG  . GLU A 1 18  ? 16.064  -9.968  -1.301  1.00 39.56 ? 57  GLU A CG  1 
ATOM   148  C CD  . GLU A 1 18  ? 16.925  -10.801 -0.367  1.00 43.19 ? 57  GLU A CD  1 
ATOM   149  O OE1 . GLU A 1 18  ? 18.161  -10.763 -0.521  1.00 48.07 ? 57  GLU A OE1 1 
ATOM   150  O OE2 . GLU A 1 18  ? 16.359  -11.452 0.538   1.00 48.51 ? 57  GLU A OE2 1 
ATOM   151  N N   . LEU A 1 19  ? 14.079  -8.623  -3.698  1.00 23.67 ? 58  LEU A N   1 
ATOM   152  C CA  . LEU A 1 19  ? 13.898  -9.107  -5.096  1.00 23.59 ? 58  LEU A CA  1 
ATOM   153  C C   . LEU A 1 19  ? 13.382  -7.987  -6.006  1.00 22.41 ? 58  LEU A C   1 
ATOM   154  O O   . LEU A 1 19  ? 13.386  -8.169  -7.234  1.00 22.47 ? 58  LEU A O   1 
ATOM   155  C CB  . LEU A 1 19  ? 12.877  -10.250 -5.108  1.00 24.64 ? 58  LEU A CB  1 
ATOM   156  C CG  . LEU A 1 19  ? 13.194  -11.460 -4.237  1.00 27.85 ? 58  LEU A CG  1 
ATOM   157  C CD1 . LEU A 1 19  ? 12.116  -12.524 -4.414  1.00 28.51 ? 58  LEU A CD1 1 
ATOM   158  C CD2 . LEU A 1 19  ? 14.569  -12.013 -4.569  1.00 28.73 ? 58  LEU A CD2 1 
ATOM   159  N N   . THR A 1 20  ? 12.936  -6.881  -5.406  1.00 19.99 ? 59  THR A N   1 
ATOM   160  C CA  . THR A 1 20  ? 12.037  -5.865  -5.997  1.00 19.44 ? 59  THR A CA  1 
ATOM   161  C C   . THR A 1 20  ? 10.631  -6.440  -5.980  1.00 18.41 ? 59  THR A C   1 
ATOM   162  O O   . THR A 1 20  ? 10.333  -7.383  -6.714  1.00 17.11 ? 59  THR A O   1 
ATOM   163  C CB  . THR A 1 20  ? 12.438  -5.392  -7.399  1.00 21.16 ? 59  THR A CB  1 
ATOM   164  O OG1 . THR A 1 20  ? 13.788  -4.930  -7.308  1.00 23.13 ? 59  THR A OG1 1 
ATOM   165  C CG2 . THR A 1 20  ? 11.506  -4.312  -7.903  1.00 21.33 ? 59  THR A CG2 1 
ATOM   166  N N   . ASN A 1 21  ? 9.762   -5.868  -5.158  1.00 17.29 ? 60  ASN A N   1 
ATOM   167  C CA  . ASN A 1 21  ? 8.397   -6.397  -4.992  1.00 16.89 ? 60  ASN A CA  1 
ATOM   168  C C   . ASN A 1 21  ? 7.557   -5.992  -6.205  1.00 17.07 ? 60  ASN A C   1 
ATOM   169  O O   . ASN A 1 21  ? 7.803   -4.936  -6.839  1.00 17.46 ? 60  ASN A O   1 
ATOM   170  C CB  . ASN A 1 21  ? 7.803   -5.932  -3.662  1.00 17.16 ? 60  ASN A CB  1 
ATOM   171  C CG  . ASN A 1 21  ? 6.664   -6.779  -3.149  1.00 18.07 ? 60  ASN A CG  1 
ATOM   172  O OD1 . ASN A 1 21  ? 6.210   -7.700  -3.806  1.00 18.91 ? 60  ASN A OD1 1 
ATOM   173  N ND2 . ASN A 1 21  ? 6.177   -6.454  -1.956  1.00 18.50 ? 60  ASN A ND2 1 
ATOM   174  N N   . GLU A 1 22  ? 6.602   -6.835  -6.543  1.00 17.07 ? 61  GLU A N   1 
ATOM   175  C CA  . GLU A 1 22  ? 5.641   -6.637  -7.643  1.00 17.22 ? 61  GLU A CA  1 
ATOM   176  C C   . GLU A 1 22  ? 4.241   -6.918  -7.103  1.00 17.53 ? 61  GLU A C   1 
ATOM   177  O O   . GLU A 1 22  ? 4.081   -7.904  -6.341  1.00 18.33 ? 61  GLU A O   1 
ATOM   178  C CB  . GLU A 1 22  ? 5.923   -7.590  -8.809  1.00 17.45 ? 61  GLU A CB  1 
ATOM   179  C CG  . GLU A 1 22  ? 7.327   -7.514  -9.359  1.00 18.00 ? 61  GLU A CG  1 
ATOM   180  C CD  . GLU A 1 22  ? 7.574   -8.474  -10.519 1.00 16.73 ? 61  GLU A CD  1 
ATOM   181  O OE1 . GLU A 1 22  ? 8.682   -9.014  -10.602 1.00 19.72 ? 61  GLU A OE1 1 
ATOM   182  O OE2 . GLU A 1 22  ? 6.658   -8.648  -11.329 1.00 19.29 ? 61  GLU A OE2 1 
ATOM   183  N N   . MET A 1 23  ? 3.267   -6.089  -7.464  1.00 17.43 ? 62  MET A N   1 
ATOM   184  C CA  . MET A 1 23  ? 1.841   -6.333  -7.163  1.00 18.25 ? 62  MET A CA  1 
ATOM   185  C C   . MET A 1 23  ? 1.081   -6.361  -8.482  1.00 18.86 ? 62  MET A C   1 
ATOM   186  O O   . MET A 1 23  ? 1.240   -5.421  -9.276  1.00 18.21 ? 62  MET A O   1 
ATOM   187  C CB  . MET A 1 23  ? 1.221   -5.273  -6.244  1.00 18.42 ? 62  MET A CB  1 
ATOM   188  C CG  . MET A 1 23  ? 1.857   -5.210  -4.900  1.00 18.40 ? 62  MET A CG  1 
ATOM   189  S SD  . MET A 1 23  ? 1.378   -6.581  -3.813  1.00 18.88 ? 62  MET A SD  1 
ATOM   190  C CE  . MET A 1 23  ? 2.415   -6.197  -2.405  1.00 18.95 ? 62  MET A CE  1 
ATOM   191  N N   . ILE A 1 24  ? 0.284   -7.404  -8.690  1.00 19.85 ? 63  ILE A N   1 
ATOM   192  C CA  . ILE A 1 24  ? -0.593  -7.529  -9.884  1.00 21.76 ? 63  ILE A CA  1 
ATOM   193  C C   . ILE A 1 24  ? -1.710  -6.486  -9.822  1.00 21.18 ? 63  ILE A C   1 
ATOM   194  O O   . ILE A 1 24  ? -2.388  -6.375  -8.783  1.00 23.38 ? 63  ILE A O   1 
ATOM   195  C CB  . ILE A 1 24  ? -1.188  -8.944  -10.004 1.00 24.58 ? 63  ILE A CB  1 
ATOM   196  C CG1 . ILE A 1 24  ? -0.114  -10.031 -10.057 1.00 28.26 ? 63  ILE A CG1 1 
ATOM   197  C CG2 . ILE A 1 24  ? -2.122  -8.999  -11.204 1.00 25.36 ? 63  ILE A CG2 1 
ATOM   198  C CD1 . ILE A 1 24  ? 0.737   -9.985  -11.290 1.00 29.69 ? 63  ILE A CD1 1 
ATOM   199  N N   . VAL A 1 25  ? -1.926  -5.779  -10.923 1.00 21.10 ? 64  VAL A N   1 
ATOM   200  C CA  . VAL A 1 25  ? -3.136  -4.953  -11.158 1.00 22.01 ? 64  VAL A CA  1 
ATOM   201  C C   . VAL A 1 25  ? -3.943  -5.639  -12.263 1.00 24.33 ? 64  VAL A C   1 
ATOM   202  O O   . VAL A 1 25  ? -3.331  -6.151  -13.228 1.00 24.51 ? 64  VAL A O   1 
ATOM   203  C CB  . VAL A 1 25  ? -2.787  -3.489  -11.479 1.00 22.55 ? 64  VAL A CB  1 
ATOM   204  C CG1 . VAL A 1 25  ? -2.155  -2.816  -10.268 1.00 22.42 ? 64  VAL A CG1 1 
ATOM   205  C CG2 . VAL A 1 25  ? -1.898  -3.327  -12.711 1.00 21.93 ? 64  VAL A CG2 1 
ATOM   206  N N   . THR A 1 26  ? -5.260  -5.689  -12.090 1.00 26.10 ? 65  THR A N   1 
ATOM   207  C CA  . THR A 1 26  ? -6.196  -6.298  -13.064 1.00 26.81 ? 65  THR A CA  1 
ATOM   208  C C   . THR A 1 26  ? -7.379  -5.354  -13.247 1.00 26.48 ? 65  THR A C   1 
ATOM   209  O O   . THR A 1 26  ? -7.549  -4.421  -12.433 1.00 24.80 ? 65  THR A O   1 
ATOM   210  C CB  . THR A 1 26  ? -6.668  -7.692  -12.634 1.00 27.45 ? 65  THR A CB  1 
ATOM   211  O OG1 . THR A 1 26  ? -7.496  -7.566  -11.475 1.00 27.52 ? 65  THR A OG1 1 
ATOM   212  C CG2 . THR A 1 26  ? -5.533  -8.652  -12.358 1.00 27.78 ? 65  THR A CG2 1 
ATOM   213  N N   . LYS A 1 27  ? -8.178  -5.611  -14.279 1.00 28.86 ? 66  LYS A N   1 
ATOM   214  C CA  . LYS A 1 27  ? -9.390  -4.818  -14.581 1.00 29.90 ? 66  LYS A CA  1 
ATOM   215  C C   . LYS A 1 27  ? -10.274 -4.760  -13.331 1.00 28.90 ? 66  LYS A C   1 
ATOM   216  O O   . LYS A 1 27  ? -10.696 -3.656  -12.975 1.00 30.23 ? 66  LYS A O   1 
ATOM   217  C CB  . LYS A 1 27  ? -10.152 -5.453  -15.750 1.00 33.06 ? 66  LYS A CB  1 
ATOM   218  C CG  . LYS A 1 27  ? -11.481 -4.799  -16.095 1.00 37.92 ? 66  LYS A CG  1 
ATOM   219  C CD  . LYS A 1 27  ? -12.152 -5.441  -17.296 1.00 42.01 ? 66  LYS A CD  1 
ATOM   220  C CE  . LYS A 1 27  ? -13.660 -5.327  -17.282 1.00 45.08 ? 66  LYS A CE  1 
ATOM   221  N NZ  . LYS A 1 27  ? -14.285 -6.332  -18.177 1.00 48.53 ? 66  LYS A NZ  1 
ATOM   222  N N   . ASN A 1 28  ? -10.543 -5.907  -12.710 1.00 29.96 ? 67  ASN A N   1 
ATOM   223  C CA  . ASN A 1 28  ? -11.537 -6.017  -11.607 1.00 32.07 ? 67  ASN A CA  1 
ATOM   224  C C   . ASN A 1 28  ? -10.845 -5.840  -10.254 1.00 31.55 ? 67  ASN A C   1 
ATOM   225  O O   . ASN A 1 28  ? -11.558 -5.704  -9.238  1.00 31.98 ? 67  ASN A O   1 
ATOM   226  C CB  . ASN A 1 28  ? -12.336 -7.313  -11.698 1.00 33.08 ? 67  ASN A CB  1 
ATOM   227  C CG  . ASN A 1 28  ? -13.154 -7.363  -12.970 1.00 34.33 ? 67  ASN A CG  1 
ATOM   228  O OD1 . ASN A 1 28  ? -13.748 -6.364  -13.370 1.00 35.68 ? 67  ASN A OD1 1 
ATOM   229  N ND2 . ASN A 1 28  ? -13.142 -8.503  -13.632 1.00 36.62 ? 67  ASN A ND2 1 
ATOM   230  N N   . GLY A 1 29  ? -9.514  -5.808  -10.246 1.00 27.96 ? 68  GLY A N   1 
ATOM   231  C CA  . GLY A 1 29  ? -8.737  -5.462  -9.042  1.00 27.48 ? 68  GLY A CA  1 
ATOM   232  C C   . GLY A 1 29  ? -8.285  -6.704  -8.314  1.00 26.01 ? 68  GLY A C   1 
ATOM   233  O O   . GLY A 1 29  ? -9.027  -7.695  -8.289  1.00 27.10 ? 68  GLY A O   1 
ATOM   234  N N   . ARG A 1 30  ? -7.102  -6.641  -7.714  1.00 23.64 ? 69  ARG A N   1 
ATOM   235  C CA  . ARG A 1 30  ? -6.436  -7.781  -7.053  1.00 23.70 ? 69  ARG A CA  1 
ATOM   236  C C   . ARG A 1 30  ? -5.985  -7.355  -5.654  1.00 23.74 ? 69  ARG A C   1 
ATOM   237  O O   . ARG A 1 30  ? -5.339  -6.294  -5.510  1.00 22.63 ? 69  ARG A O   1 
ATOM   238  C CB  . ARG A 1 30  ? -5.259  -8.244  -7.914  1.00 26.01 ? 69  ARG A CB  1 
ATOM   239  C CG  . ARG A 1 30  ? -4.540  -9.474  -7.395  1.00 30.26 ? 69  ARG A CG  1 
ATOM   240  C CD  . ARG A 1 30  ? -5.358  -10.744 -7.542  1.00 32.14 ? 69  ARG A CD  1 
ATOM   241  N NE  . ARG A 1 30  ? -5.716  -11.056 -8.922  1.00 33.05 ? 69  ARG A NE  1 
ATOM   242  C CZ  . ARG A 1 30  ? -4.919  -11.662 -9.806  1.00 35.23 ? 69  ARG A CZ  1 
ATOM   243  N NH1 . ARG A 1 30  ? -5.348  -11.896 -11.036 1.00 36.81 ? 69  ARG A NH1 1 
ATOM   244  N NH2 . ARG A 1 30  ? -3.687  -12.005 -9.476  1.00 35.41 ? 69  ARG A NH2 1 
ATOM   245  N N   . ARG A 1 31  ? -6.322  -8.155  -4.648  1.00 22.62 ? 70  ARG A N   1 
ATOM   246  C CA  . ARG A 1 31  ? -5.813  -7.967  -3.266  1.00 23.75 ? 70  ARG A CA  1 
ATOM   247  C C   . ARG A 1 31  ? -4.288  -8.107  -3.248  1.00 22.65 ? 70  ARG A C   1 
ATOM   248  O O   . ARG A 1 31  ? -3.704  -8.792  -4.119  1.00 23.45 ? 70  ARG A O   1 
ATOM   249  C CB  . ARG A 1 31  ? -6.473  -8.960  -2.305  1.00 25.16 ? 70  ARG A CB  1 
ATOM   250  C CG  . ARG A 1 31  ? -7.898  -8.570  -1.953  1.00 28.15 ? 70  ARG A CG  1 
ATOM   251  C CD  . ARG A 1 31  ? -8.596  -9.599  -1.074  1.00 29.98 ? 70  ARG A CD  1 
ATOM   252  N NE  . ARG A 1 31  ? -8.919  -10.796 -1.837  1.00 34.55 ? 70  ARG A NE  1 
ATOM   253  C CZ  . ARG A 1 31  ? -10.012 -10.955 -2.588  1.00 33.79 ? 70  ARG A CZ  1 
ATOM   254  N NH1 . ARG A 1 31  ? -10.918 -9.995  -2.681  1.00 35.75 ? 70  ARG A NH1 1 
ATOM   255  N NH2 . ARG A 1 31  ? -10.194 -12.082 -3.253  1.00 34.17 ? 70  ARG A NH2 1 
ATOM   256  N N   . MET A 1 32  ? -3.661  -7.446  -2.281  1.00 20.94 ? 71  MET A N   1 
ATOM   257  C CA  . MET A 1 32  ? -2.191  -7.432  -2.142  1.00 20.97 ? 71  MET A CA  1 
ATOM   258  C C   . MET A 1 32  ? -1.737  -8.670  -1.369  1.00 20.60 ? 71  MET A C   1 
ATOM   259  O O   . MET A 1 32  ? -2.455  -9.116  -0.427  1.00 21.35 ? 71  MET A O   1 
ATOM   260  C CB  . MET A 1 32  ? -1.749  -6.171  -1.402  1.00 20.32 ? 71  MET A CB  1 
ATOM   261  C CG  . MET A 1 32  ? -2.101  -4.905  -2.144  1.00 20.80 ? 71  MET A CG  1 
ATOM   262  S SD  . MET A 1 32  ? -1.805  -3.442  -1.138  1.00 21.52 ? 71  MET A SD  1 
ATOM   263  C CE  . MET A 1 32  ? -0.027  -3.538  -0.974  1.00 22.99 ? 71  MET A CE  1 
ATOM   264  N N   . PHE A 1 33  ? -0.561  -9.179  -1.718  1.00 21.36 ? 72  PHE A N   1 
ATOM   265  C CA  . PHE A 1 33  ? 0.255   -10.055 -0.846  1.00 21.47 ? 72  PHE A CA  1 
ATOM   266  C C   . PHE A 1 33  ? 1.710   -9.610  -0.896  1.00 21.57 ? 72  PHE A C   1 
ATOM   267  O O   . PHE A 1 33  ? 2.266   -9.476  -1.982  1.00 24.35 ? 72  PHE A O   1 
ATOM   268  C CB  . PHE A 1 33  ? 0.153   -11.541 -1.201  1.00 23.14 ? 72  PHE A CB  1 
ATOM   269  C CG  . PHE A 1 33  ? 0.871   -12.352 -0.162  1.00 23.25 ? 72  PHE A CG  1 
ATOM   270  C CD1 . PHE A 1 33  ? 0.228   -12.703 1.017   1.00 24.81 ? 72  PHE A CD1 1 
ATOM   271  C CD2 . PHE A 1 33  ? 2.215   -12.650 -0.298  1.00 23.44 ? 72  PHE A CD2 1 
ATOM   272  C CE1 . PHE A 1 33  ? 0.911   -13.380 2.013   1.00 24.14 ? 72  PHE A CE1 1 
ATOM   273  C CE2 . PHE A 1 33  ? 2.902   -13.315 0.705   1.00 26.51 ? 72  PHE A CE2 1 
ATOM   274  C CZ  . PHE A 1 33  ? 2.245   -13.675 1.861   1.00 25.01 ? 72  PHE A CZ  1 
ATOM   275  N N   . PRO A 1 34  ? 2.389   -9.378  0.248   1.00 21.62 ? 73  PRO A N   1 
ATOM   276  C CA  . PRO A 1 34  ? 1.756   -9.405  1.566   1.00 20.63 ? 73  PRO A CA  1 
ATOM   277  C C   . PRO A 1 34  ? 0.660   -8.342  1.714   1.00 20.54 ? 73  PRO A C   1 
ATOM   278  O O   . PRO A 1 34  ? 0.583   -7.382  0.950   1.00 19.54 ? 73  PRO A O   1 
ATOM   279  C CB  . PRO A 1 34  ? 2.898   -9.106  2.555   1.00 23.12 ? 73  PRO A CB  1 
ATOM   280  C CG  . PRO A 1 34  ? 4.159   -9.421  1.784   1.00 23.01 ? 73  PRO A CG  1 
ATOM   281  C CD  . PRO A 1 34  ? 3.830   -9.097  0.342   1.00 21.98 ? 73  PRO A CD  1 
ATOM   282  N N   . VAL A 1 35  ? -0.160  -8.543  2.740   1.00 22.30 ? 74  VAL A N   1 
ATOM   283  C CA  . VAL A 1 35  ? -1.173  -7.548  3.168   1.00 22.41 ? 74  VAL A CA  1 
ATOM   284  C C   . VAL A 1 35  ? -0.471  -6.511  4.042   1.00 21.25 ? 74  VAL A C   1 
ATOM   285  O O   . VAL A 1 35  ? 0.316   -6.901  4.933   1.00 22.31 ? 74  VAL A O   1 
ATOM   286  C CB  . VAL A 1 35  ? -2.325  -8.231  3.924   1.00 24.16 ? 74  VAL A CB  1 
ATOM   287  C CG1 . VAL A 1 35  ? -3.244  -7.221  4.592   1.00 24.74 ? 74  VAL A CG1 1 
ATOM   288  C CG2 . VAL A 1 35  ? -3.110  -9.153  2.999   1.00 25.74 ? 74  VAL A CG2 1 
ATOM   289  N N   . LEU A 1 36  ? -0.779  -5.236  3.815   1.00 21.37 ? 75  LEU A N   1 
ATOM   290  C CA  . LEU A 1 36  ? -0.281  -4.140  4.678   1.00 20.97 ? 75  LEU A CA  1 
ATOM   291  C C   . LEU A 1 36  ? -1.014  -4.190  6.021   1.00 20.38 ? 75  LEU A C   1 
ATOM   292  O O   . LEU A 1 36  ? -2.238  -4.066  6.040   1.00 19.05 ? 75  LEU A O   1 
ATOM   293  C CB  . LEU A 1 36  ? -0.494  -2.792  3.997   1.00 22.02 ? 75  LEU A CB  1 
ATOM   294  C CG  . LEU A 1 36  ? 0.093   -1.608  4.750   1.00 24.34 ? 75  LEU A CG  1 
ATOM   295  C CD1 . LEU A 1 36  ? 1.593   -1.769  4.936   1.00 24.91 ? 75  LEU A CD1 1 
ATOM   296  C CD2 . LEU A 1 36  ? -0.220  -0.311  4.021   1.00 25.48 ? 75  LEU A CD2 1 
ATOM   297  N N   . LYS A 1 37  ? -0.247  -4.353  7.096   1.00 18.97 ? 76  LYS A N   1 
ATOM   298  C CA  . LYS A 1 37  ? -0.756  -4.454  8.484   1.00 19.93 ? 76  LYS A CA  1 
ATOM   299  C C   . LYS A 1 37  ? 0.159   -3.586  9.331   1.00 18.08 ? 76  LYS A C   1 
ATOM   300  O O   . LYS A 1 37  ? 1.375   -3.661  9.158   1.00 18.92 ? 76  LYS A O   1 
ATOM   301  C CB  . LYS A 1 37  ? -0.735  -5.905  8.974   1.00 22.58 ? 76  LYS A CB  1 
ATOM   302  C CG  . LYS A 1 37  ? -1.446  -6.906  8.077   1.00 26.15 ? 76  LYS A CG  1 
ATOM   303  C CD  . LYS A 1 37  ? -1.343  -8.331  8.605   1.00 30.54 ? 76  LYS A CD  1 
ATOM   304  C CE  . LYS A 1 37  ? -1.179  -9.362  7.505   1.00 33.79 ? 76  LYS A CE  1 
ATOM   305  N NZ  . LYS A 1 37  ? 0.083   -9.172  6.749   1.00 37.01 ? 76  LYS A NZ  1 
ATOM   306  N N   . VAL A 1 38  ? -0.413  -2.793  10.235  1.00 17.78 ? 77  VAL A N   1 
ATOM   307  C CA  . VAL A 1 38  ? 0.403   -1.923  11.117  1.00 18.37 ? 77  VAL A CA  1 
ATOM   308  C C   . VAL A 1 38  ? -0.075  -2.072  12.552  1.00 18.28 ? 77  VAL A C   1 
ATOM   309  O O   . VAL A 1 38  ? -1.252  -2.352  12.776  1.00 20.07 ? 77  VAL A O   1 
ATOM   310  C CB  . VAL A 1 38  ? 0.362   -0.458  10.653  1.00 18.51 ? 77  VAL A CB  1 
ATOM   311  C CG1 . VAL A 1 38  ? 0.963   -0.304  9.265   1.00 19.42 ? 77  VAL A CG1 1 
ATOM   312  C CG2 . VAL A 1 38  ? -1.039  0.122   10.668  1.00 19.18 ? 77  VAL A CG2 1 
ATOM   313  N N   . ASN A 1 39  ? 0.850   -1.849  13.473  1.00 18.17 ? 78  ASN A N   1 
ATOM   314  C CA  . ASN A 1 39  ? 0.549   -1.721  14.917  1.00 19.92 ? 78  ASN A CA  1 
ATOM   315  C C   . ASN A 1 39  ? 0.583   -0.230  15.251  1.00 18.98 ? 78  ASN A C   1 
ATOM   316  O O   . ASN A 1 39  ? 1.349   0.543   14.644  1.00 20.23 ? 78  ASN A O   1 
ATOM   317  C CB  . ASN A 1 39  ? 1.462   -2.574  15.796  1.00 21.72 ? 78  ASN A CB  1 
ATOM   318  C CG  . ASN A 1 39  ? 2.930   -2.299  15.580  1.00 23.39 ? 78  ASN A CG  1 
ATOM   319  O OD1 . ASN A 1 39  ? 3.429   -1.210  15.872  1.00 24.67 ? 78  ASN A OD1 1 
ATOM   320  N ND2 . ASN A 1 39  ? 3.632   -3.289  15.051  1.00 26.49 ? 78  ASN A ND2 1 
ATOM   321  N N   . VAL A 1 40  ? -0.311  0.177   16.128  1.00 18.85 ? 79  VAL A N   1 
ATOM   322  C CA  . VAL A 1 40  ? -0.522  1.607   16.458  1.00 19.35 ? 79  VAL A CA  1 
ATOM   323  C C   . VAL A 1 40  ? -0.441  1.757   17.971  1.00 19.44 ? 79  VAL A C   1 
ATOM   324  O O   . VAL A 1 40  ? -1.140  1.013   18.680  1.00 20.11 ? 79  VAL A O   1 
ATOM   325  C CB  . VAL A 1 40  ? -1.869  2.105   15.913  1.00 19.49 ? 79  VAL A CB  1 
ATOM   326  C CG1 . VAL A 1 40  ? -2.067  3.588   16.191  1.00 21.06 ? 79  VAL A CG1 1 
ATOM   327  C CG2 . VAL A 1 40  ? -2.013  1.790   14.424  1.00 19.95 ? 79  VAL A CG2 1 
ATOM   328  N N   . SER A 1 41  ? 0.377   2.695   18.428  1.00 20.52 ? 80  SER A N   1 
ATOM   329  C CA  . SER A 1 41  ? 0.368   3.165   19.833  1.00 21.52 ? 80  SER A CA  1 
ATOM   330  C C   . SER A 1 41  ? 0.345   4.695   19.853  1.00 19.23 ? 80  SER A C   1 
ATOM   331  O O   . SER A 1 41  ? 0.767   5.321   18.888  1.00 18.79 ? 80  SER A O   1 
ATOM   332  C CB  . SER A 1 41  ? 1.534   2.601   20.621  1.00 21.65 ? 80  SER A CB  1 
ATOM   333  O OG  . SER A 1 41  ? 2.777   3.117   20.161  1.00 25.22 ? 80  SER A OG  1 
ATOM   334  N N   . GLY A 1 42  ? -0.142  5.284   20.941  1.00 19.93 ? 81  GLY A N   1 
ATOM   335  C CA  . GLY A 1 42  ? -0.015  6.730   21.167  1.00 20.11 ? 81  GLY A CA  1 
ATOM   336  C C   . GLY A 1 42  ? -1.159  7.531   20.578  1.00 20.13 ? 81  GLY A C   1 
ATOM   337  O O   . GLY A 1 42  ? -1.059  8.764   20.573  1.00 23.62 ? 81  GLY A O   1 
ATOM   338  N N   . LEU A 1 43  ? -2.219  6.885   20.078  1.00 19.03 ? 82  LEU A N   1 
ATOM   339  C CA  . LEU A 1 43  ? -3.497  7.596   19.808  1.00 18.39 ? 82  LEU A CA  1 
ATOM   340  C C   . LEU A 1 43  ? -4.176  7.892   21.146  1.00 18.76 ? 82  LEU A C   1 
ATOM   341  O O   . LEU A 1 43  ? -3.843  7.238   22.150  1.00 19.82 ? 82  LEU A O   1 
ATOM   342  C CB  . LEU A 1 43  ? -4.421  6.764   18.912  1.00 18.66 ? 82  LEU A CB  1 
ATOM   343  C CG  . LEU A 1 43  ? -3.973  6.620   17.460  1.00 19.02 ? 82  LEU A CG  1 
ATOM   344  C CD1 . LEU A 1 43  ? -4.923  5.706   16.720  1.00 18.84 ? 82  LEU A CD1 1 
ATOM   345  C CD2 . LEU A 1 43  ? -3.907  7.965   16.768  1.00 19.05 ? 82  LEU A CD2 1 
ATOM   346  N N   . ASP A 1 44  ? -5.100  8.846   21.141  1.00 18.83 ? 83  ASP A N   1 
ATOM   347  C CA  . ASP A 1 44  ? -6.006  9.049   22.290  1.00 19.37 ? 83  ASP A CA  1 
ATOM   348  C C   . ASP A 1 44  ? -7.001  7.899   22.246  1.00 18.35 ? 83  ASP A C   1 
ATOM   349  O O   . ASP A 1 44  ? -7.769  7.807   21.295  1.00 18.15 ? 83  ASP A O   1 
ATOM   350  C CB  . ASP A 1 44  ? -6.657  10.420  22.196  1.00 20.55 ? 83  ASP A CB  1 
ATOM   351  C CG  . ASP A 1 44  ? -7.610  10.714  23.331  1.00 22.92 ? 83  ASP A CG  1 
ATOM   352  O OD1 . ASP A 1 44  ? -7.926  9.777   24.113  1.00 23.28 ? 83  ASP A OD1 1 
ATOM   353  O OD2 . ASP A 1 44  ? -8.048  11.889  23.413  1.00 25.88 ? 83  ASP A OD2 1 
ATOM   354  N N   . PRO A 1 45  ? -7.006  6.971   23.226  1.00 18.89 ? 84  PRO A N   1 
ATOM   355  C CA  . PRO A 1 45  ? -7.943  5.850   23.181  1.00 18.67 ? 84  PRO A CA  1 
ATOM   356  C C   . PRO A 1 45  ? -9.412  6.290   23.109  1.00 19.24 ? 84  PRO A C   1 
ATOM   357  O O   . PRO A 1 45  ? -10.209 5.557   22.546  1.00 18.70 ? 84  PRO A O   1 
ATOM   358  C CB  . PRO A 1 45  ? -7.708  5.070   24.472  1.00 20.92 ? 84  PRO A CB  1 
ATOM   359  C CG  . PRO A 1 45  ? -6.900  5.997   25.353  1.00 20.78 ? 84  PRO A CG  1 
ATOM   360  C CD  . PRO A 1 45  ? -6.178  6.968   24.444  1.00 19.29 ? 84  PRO A CD  1 
ATOM   361  N N   . ASN A 1 46  ? -9.721  7.466   23.670  1.00 19.72 ? 85  ASN A N   1 
ATOM   362  C CA  . ASN A 1 46  ? -11.087 8.035   23.778  1.00 20.45 ? 85  ASN A CA  1 
ATOM   363  C C   . ASN A 1 46  ? -11.522 8.749   22.494  1.00 20.85 ? 85  ASN A C   1 
ATOM   364  O O   . ASN A 1 46  ? -12.727 8.979   22.323  1.00 21.94 ? 85  ASN A O   1 
ATOM   365  C CB  . ASN A 1 46  ? -11.142 9.037   24.928  1.00 22.73 ? 85  ASN A CB  1 
ATOM   366  C CG  . ASN A 1 46  ? -10.558 8.489   26.210  1.00 25.67 ? 85  ASN A CG  1 
ATOM   367  O OD1 . ASN A 1 46  ? -10.935 7.414   26.665  1.00 29.01 ? 85  ASN A OD1 1 
ATOM   368  N ND2 . ASN A 1 46  ? -9.607  9.209   26.784  1.00 29.66 ? 85  ASN A ND2 1 
ATOM   369  N N   . ALA A 1 47  ? -10.588 9.129   21.625  1.00 18.57 ? 86  ALA A N   1 
ATOM   370  C CA  . ALA A 1 47  ? -10.904 9.896   20.406  1.00 18.88 ? 86  ALA A CA  1 
ATOM   371  C C   . ALA A 1 47  ? -11.368 8.934   19.316  1.00 17.79 ? 86  ALA A C   1 
ATOM   372  O O   . ALA A 1 47  ? -11.132 7.734   19.451  1.00 17.65 ? 86  ALA A O   1 
ATOM   373  C CB  . ALA A 1 47  ? -9.712  10.712  19.975  1.00 20.40 ? 86  ALA A CB  1 
ATOM   374  N N   . MET A 1 48  ? -12.015 9.454   18.284  1.00 17.70 ? 87  MET A N   1 
ATOM   375  C CA  . MET A 1 48  ? -12.338 8.656   17.080  1.00 16.56 ? 87  MET A CA  1 
ATOM   376  C C   . MET A 1 48  ? -11.463 9.116   15.918  1.00 16.76 ? 87  MET A C   1 
ATOM   377  O O   . MET A 1 48  ? -11.159 10.307  15.801  1.00 17.31 ? 87  MET A O   1 
ATOM   378  C CB  . MET A 1 48  ? -13.822 8.745   16.729  1.00 18.69 ? 87  MET A CB  1 
ATOM   379  C CG  . MET A 1 48  ? -14.696 8.144   17.798  1.00 20.06 ? 87  MET A CG  1 
ATOM   380  S SD  . MET A 1 48  ? -16.374 7.949   17.202  1.00 21.49 ? 87  MET A SD  1 
ATOM   381  C CE  . MET A 1 48  ? -16.235 6.398   16.309  1.00 22.73 ? 87  MET A CE  1 
ATOM   382  N N   . TYR A 1 49  ? -11.063 8.150   15.103  1.00 15.97 ? 88  TYR A N   1 
ATOM   383  C CA  . TYR A 1 49  ? -10.182 8.321   13.929  1.00 16.72 ? 88  TYR A CA  1 
ATOM   384  C C   . TYR A 1 49  ? -10.697 7.461   12.782  1.00 16.64 ? 88  TYR A C   1 
ATOM   385  O O   . TYR A 1 49  ? -11.290 6.399   13.034  1.00 16.64 ? 88  TYR A O   1 
ATOM   386  C CB  . TYR A 1 49  ? -8.770  7.861   14.274  1.00 16.50 ? 88  TYR A CB  1 
ATOM   387  C CG  . TYR A 1 49  ? -8.161  8.515   15.484  1.00 16.45 ? 88  TYR A CG  1 
ATOM   388  C CD1 . TYR A 1 49  ? -7.452  9.697   15.387  1.00 16.60 ? 88  TYR A CD1 1 
ATOM   389  C CD2 . TYR A 1 49  ? -8.308  7.953   16.742  1.00 15.87 ? 88  TYR A CD2 1 
ATOM   390  C CE1 . TYR A 1 49  ? -6.872  10.282  16.495  1.00 16.87 ? 88  TYR A CE1 1 
ATOM   391  C CE2 . TYR A 1 49  ? -7.718  8.514   17.856  1.00 16.24 ? 88  TYR A CE2 1 
ATOM   392  C CZ  . TYR A 1 49  ? -7.020  9.697   17.744  1.00 17.14 ? 88  TYR A CZ  1 
ATOM   393  O OH  . TYR A 1 49  ? -6.428  10.251  18.849  1.00 20.15 ? 88  TYR A OH  1 
ATOM   394  N N   . SER A 1 50  ? -10.426 7.893   11.553  1.00 17.29 ? 89  SER A N   1 
ATOM   395  C CA  . SER A 1 50  ? -10.518 7.071   10.331  1.00 17.60 ? 89  SER A CA  1 
ATOM   396  C C   . SER A 1 50  ? -9.101  6.772   9.829   1.00 16.54 ? 89  SER A C   1 
ATOM   397  O O   . SER A 1 50  ? -8.221  7.652   9.961   1.00 16.70 ? 89  SER A O   1 
ATOM   398  C CB  . SER A 1 50  ? -11.353 7.749   9.297   1.00 20.15 ? 89  SER A CB  1 
ATOM   399  O OG  . SER A 1 50  ? -12.668 7.965   9.799   1.00 20.51 ? 89  SER A OG  1 
ATOM   400  N N   . PHE A 1 51  ? -8.885  5.568   9.322   1.00 16.22 ? 90  PHE A N   1 
ATOM   401  C CA  . PHE A 1 51  ? -7.605  5.147   8.716   1.00 16.60 ? 90  PHE A CA  1 
ATOM   402  C C   . PHE A 1 51  ? -7.794  5.107   7.207   1.00 17.23 ? 90  PHE A C   1 
ATOM   403  O O   . PHE A 1 51  ? -8.771  4.488   6.717   1.00 18.07 ? 90  PHE A O   1 
ATOM   404  C CB  . PHE A 1 51  ? -7.156  3.795   9.254   1.00 16.68 ? 90  PHE A CB  1 
ATOM   405  C CG  . PHE A 1 51  ? -6.354  3.861   10.531  1.00 15.93 ? 90  PHE A CG  1 
ATOM   406  C CD1 . PHE A 1 51  ? -5.125  3.236   10.613  1.00 15.87 ? 90  PHE A CD1 1 
ATOM   407  C CD2 . PHE A 1 51  ? -6.839  4.503   11.655  1.00 16.46 ? 90  PHE A CD2 1 
ATOM   408  C CE1 . PHE A 1 51  ? -4.382  3.270   11.784  1.00 17.51 ? 90  PHE A CE1 1 
ATOM   409  C CE2 . PHE A 1 51  ? -6.095  4.550   12.822  1.00 16.46 ? 90  PHE A CE2 1 
ATOM   410  C CZ  . PHE A 1 51  ? -4.879  3.916   12.889  1.00 15.98 ? 90  PHE A CZ  1 
ATOM   411  N N   . LEU A 1 52  ? -6.889  5.767   6.483   0.68 17.10 ? 91  LEU A N   1 
ATOM   412  C CA  . LEU A 1 52  ? -6.879  5.818   5.000   0.68 17.01 ? 91  LEU A CA  1 
ATOM   413  C C   . LEU A 1 52  ? -5.597  5.167   4.489   0.68 17.30 ? 91  LEU A C   1 
ATOM   414  O O   . LEU A 1 52  ? -4.572  5.222   5.192   0.68 17.32 ? 91  LEU A O   1 
ATOM   415  C CB  . LEU A 1 52  ? -6.941  7.269   4.518   0.68 17.20 ? 91  LEU A CB  1 
ATOM   416  C CG  . LEU A 1 52  ? -7.878  8.197   5.285   0.68 16.83 ? 91  LEU A CG  1 
ATOM   417  C CD1 . LEU A 1 52  ? -7.719  9.624   4.784   0.68 17.48 ? 91  LEU A CD1 1 
ATOM   418  C CD2 . LEU A 1 52  ? -9.321  7.731   5.156   0.68 17.40 ? 91  LEU A CD2 1 
ATOM   419  N N   . LEU A 1 53  ? -5.664  4.610   3.282   1.00 17.47 ? 92  LEU A N   1 
ATOM   420  C CA  . LEU A 1 53  ? -4.479  4.065   2.582   1.00 17.34 ? 92  LEU A CA  1 
ATOM   421  C C   . LEU A 1 53  ? -4.414  4.716   1.212   1.00 16.83 ? 92  LEU A C   1 
ATOM   422  O O   . LEU A 1 53  ? -5.435  4.729   0.496   1.00 17.78 ? 92  LEU A O   1 
ATOM   423  C CB  . LEU A 1 53  ? -4.607  2.548   2.490   1.00 17.00 ? 92  LEU A CB  1 
ATOM   424  C CG  . LEU A 1 53  ? -3.616  1.853   1.562   1.00 18.21 ? 92  LEU A CG  1 
ATOM   425  C CD1 . LEU A 1 53  ? -2.177  1.965   2.076   1.00 18.52 ? 92  LEU A CD1 1 
ATOM   426  C CD2 . LEU A 1 53  ? -4.023  0.406   1.406   1.00 18.61 ? 92  LEU A CD2 1 
ATOM   427  N N   . ASP A 1 54  ? -3.249  5.224   0.830   1.00 16.70 ? 93  ASP A N   1 
ATOM   428  C CA  . ASP A 1 54  ? -2.997  5.578   -0.582  1.00 17.28 ? 93  ASP A CA  1 
ATOM   429  C C   . ASP A 1 54  ? -1.594  5.129   -0.962  1.00 17.10 ? 93  ASP A C   1 
ATOM   430  O O   . ASP A 1 54  ? -0.910  4.504   -0.145  1.00 16.61 ? 93  ASP A O   1 
ATOM   431  C CB  . ASP A 1 54  ? -3.327  7.042   -0.854  1.00 17.46 ? 93  ASP A CB  1 
ATOM   432  C CG  . ASP A 1 54  ? -2.417  8.061   -0.196  1.00 19.76 ? 93  ASP A CG  1 
ATOM   433  O OD1 . ASP A 1 54  ? -1.452  7.674   0.475   1.00 19.09 ? 93  ASP A OD1 1 
ATOM   434  O OD2 . ASP A 1 54  ? -2.697  9.245   -0.358  1.00 23.99 ? 93  ASP A OD2 1 
ATOM   435  N N   . PHE A 1 55  ? -1.222  5.386   -2.209  1.00 17.20 ? 94  PHE A N   1 
ATOM   436  C CA  . PHE A 1 55  ? 0.032   4.893   -2.813  1.00 17.64 ? 94  PHE A CA  1 
ATOM   437  C C   . PHE A 1 55  ? 0.736   6.075   -3.455  1.00 19.10 ? 94  PHE A C   1 
ATOM   438  O O   . PHE A 1 55  ? 0.125   6.745   -4.306  1.00 22.83 ? 94  PHE A O   1 
ATOM   439  C CB  . PHE A 1 55  ? -0.289  3.772   -3.794  1.00 18.06 ? 94  PHE A CB  1 
ATOM   440  C CG  . PHE A 1 55  ? -0.913  2.566   -3.146  1.00 17.96 ? 94  PHE A CG  1 
ATOM   441  C CD1 . PHE A 1 55  ? -0.133  1.486   -2.757  1.00 17.05 ? 94  PHE A CD1 1 
ATOM   442  C CD2 . PHE A 1 55  ? -2.262  2.543   -2.857  1.00 18.11 ? 94  PHE A CD2 1 
ATOM   443  C CE1 . PHE A 1 55  ? -0.707  0.399   -2.110  1.00 17.91 ? 94  PHE A CE1 1 
ATOM   444  C CE2 . PHE A 1 55  ? -2.839  1.452   -2.228  1.00 18.09 ? 94  PHE A CE2 1 
ATOM   445  C CZ  . PHE A 1 55  ? -2.063  0.370   -1.878  1.00 18.54 ? 94  PHE A CZ  1 
ATOM   446  N N   . VAL A 1 56  ? 1.956   6.346   -3.010  1.00 18.83 ? 95  VAL A N   1 
ATOM   447  C CA  . VAL A 1 56  ? 2.761   7.497   -3.495  1.00 19.16 ? 95  VAL A CA  1 
ATOM   448  C C   . VAL A 1 56  ? 3.658   7.013   -4.634  1.00 18.74 ? 95  VAL A C   1 
ATOM   449  O O   . VAL A 1 56  ? 4.345   6.028   -4.445  1.00 18.59 ? 95  VAL A O   1 
ATOM   450  C CB  . VAL A 1 56  ? 3.584   8.096   -2.344  1.00 21.45 ? 95  VAL A CB  1 
ATOM   451  C CG1 . VAL A 1 56  ? 4.542   9.169   -2.826  1.00 23.26 ? 95  VAL A CG1 1 
ATOM   452  C CG2 . VAL A 1 56  ? 2.669   8.617   -1.245  1.00 23.00 ? 95  VAL A CG2 1 
ATOM   453  N N   . ALA A 1 57  ? 3.654   7.712   -5.759  1.00 19.63 ? 96  ALA A N   1 
ATOM   454  C CA  . ALA A 1 57  ? 4.533   7.421   -6.911  1.00 20.57 ? 96  ALA A CA  1 
ATOM   455  C C   . ALA A 1 57  ? 5.970   7.705   -6.502  1.00 21.20 ? 96  ALA A C   1 
ATOM   456  O O   . ALA A 1 57  ? 6.235   8.817   -6.038  1.00 21.61 ? 96  ALA A O   1 
ATOM   457  C CB  . ALA A 1 57  ? 4.142   8.250   -8.108  1.00 21.67 ? 96  ALA A CB  1 
ATOM   458  N N   . ALA A 1 58  ? 6.865   6.736   -6.674  1.00 21.07 ? 97  ALA A N   1 
ATOM   459  C CA  . ALA A 1 58  ? 8.250   6.791   -6.162  1.00 22.91 ? 97  ALA A CA  1 
ATOM   460  C C   . ALA A 1 58  ? 9.156   7.543   -7.149  1.00 25.07 ? 97  ALA A C   1 
ATOM   461  O O   . ALA A 1 58  ? 10.143  8.147   -6.679  1.00 27.90 ? 97  ALA A O   1 
ATOM   462  C CB  . ALA A 1 58  ? 8.747   5.395   -5.885  1.00 23.47 ? 97  ALA A CB  1 
ATOM   463  N N   . ASP A 1 59  ? 8.851   7.559   -8.449  1.00 25.27 ? 98  ASP A N   1 
ATOM   464  C CA  . ASP A 1 59  ? 9.849   7.997   -9.469  1.00 24.95 ? 98  ASP A CA  1 
ATOM   465  C C   . ASP A 1 59  ? 9.244   8.889   -10.546 1.00 24.87 ? 98  ASP A C   1 
ATOM   466  O O   . ASP A 1 59  ? 8.027   8.791   -10.799 1.00 25.21 ? 98  ASP A O   1 
ATOM   467  C CB  . ASP A 1 59  ? 10.453  6.797   -10.193 1.00 25.72 ? 98  ASP A CB  1 
ATOM   468  C CG  . ASP A 1 59  ? 10.874  5.727   -9.220  1.00 24.98 ? 98  ASP A CG  1 
ATOM   469  O OD1 . ASP A 1 59  ? 10.299  4.630   -9.292  1.00 28.33 ? 98  ASP A OD1 1 
ATOM   470  O OD2 . ASP A 1 59  ? 11.740  6.018   -8.376  1.00 30.09 ? 98  ASP A OD2 1 
ATOM   471  N N   . ASN A 1 60  ? 10.116  9.643   -11.234 1.00 24.26 ? 99  ASN A N   1 
ATOM   472  C CA  . ASN A 1 60  ? 9.768   10.458  -12.429 1.00 27.30 ? 99  ASN A CA  1 
ATOM   473  C C   . ASN A 1 60  ? 10.036  9.634   -13.698 1.00 25.17 ? 99  ASN A C   1 
ATOM   474  O O   . ASN A 1 60  ? 10.344  10.227  -14.755 1.00 25.63 ? 99  ASN A O   1 
ATOM   475  C CB  . ASN A 1 60  ? 10.536  11.790  -12.464 1.00 29.40 ? 99  ASN A CB  1 
ATOM   476  C CG  . ASN A 1 60  ? 12.024  11.655  -12.739 1.00 35.08 ? 99  ASN A CG  1 
ATOM   477  O OD1 . ASN A 1 60  ? 12.566  10.550  -12.764 1.00 40.74 ? 99  ASN A OD1 1 
ATOM   478  N ND2 . ASN A 1 60  ? 12.711  12.777  -12.931 1.00 38.21 ? 99  ASN A ND2 1 
ATOM   479  N N   . HIS A 1 61  ? 9.912   8.309   -13.613 1.00 23.77 ? 100 HIS A N   1 
ATOM   480  C CA  . HIS A 1 61  ? 10.117  7.395   -14.761 1.00 22.22 ? 100 HIS A CA  1 
ATOM   481  C C   . HIS A 1 61  ? 9.429   6.066   -14.458 1.00 21.78 ? 100 HIS A C   1 
ATOM   482  O O   . HIS A 1 61  ? 9.060   5.831   -13.289 1.00 23.21 ? 100 HIS A O   1 
ATOM   483  C CB  . HIS A 1 61  ? 11.612  7.226   -15.053 1.00 22.32 ? 100 HIS A CB  1 
ATOM   484  C CG  . HIS A 1 61  ? 12.355  6.499   -13.989 1.00 22.08 ? 100 HIS A CG  1 
ATOM   485  N ND1 . HIS A 1 61  ? 13.125  7.134   -13.031 1.00 23.54 ? 100 HIS A ND1 1 
ATOM   486  C CD2 . HIS A 1 61  ? 12.452  5.176   -13.736 1.00 21.33 ? 100 HIS A CD2 1 
ATOM   487  C CE1 . HIS A 1 61  ? 13.666  6.228   -12.249 1.00 20.01 ? 100 HIS A CE1 1 
ATOM   488  N NE2 . HIS A 1 61  ? 13.263  5.020   -12.656 1.00 24.24 ? 100 HIS A NE2 1 
ATOM   489  N N   . ARG A 1 62  ? 9.249   5.248   -15.479 1.00 21.16 ? 101 ARG A N   1 
ATOM   490  C CA  . ARG A 1 62  ? 8.712   3.882   -15.319 1.00 21.52 ? 101 ARG A CA  1 
ATOM   491  C C   . ARG A 1 62  ? 9.890   2.908   -15.257 1.00 19.74 ? 101 ARG A C   1 
ATOM   492  O O   . ARG A 1 62  ? 11.070  3.296   -15.365 1.00 18.87 ? 101 ARG A O   1 
ATOM   493  C CB  . ARG A 1 62  ? 7.684   3.563   -16.415 1.00 25.15 ? 101 ARG A CB  1 
ATOM   494  C CG  . ARG A 1 62  ? 8.273   3.266   -17.781 1.00 30.02 ? 101 ARG A CG  1 
ATOM   495  C CD  . ARG A 1 62  ? 7.197   2.955   -18.812 1.00 33.65 ? 101 ARG A CD  1 
ATOM   496  N NE  . ARG A 1 62  ? 6.647   4.162   -19.412 1.00 40.35 ? 101 ARG A NE  1 
ATOM   497  C CZ  . ARG A 1 62  ? 5.692   4.179   -20.334 1.00 46.59 ? 101 ARG A CZ  1 
ATOM   498  N NH1 . ARG A 1 62  ? 5.270   5.334   -20.822 1.00 50.51 ? 101 ARG A NH1 1 
ATOM   499  N NH2 . ARG A 1 62  ? 5.156   3.048   -20.767 1.00 49.53 ? 101 ARG A NH2 1 
ATOM   500  N N   . TRP A 1 63  ? 9.565   1.650   -15.046 1.00 18.13 ? 102 TRP A N   1 
ATOM   501  C CA  . TRP A 1 63  ? 10.561  0.575   -14.862 1.00 18.93 ? 102 TRP A CA  1 
ATOM   502  C C   . TRP A 1 63  ? 10.322  -0.472  -15.940 1.00 19.00 ? 102 TRP A C   1 
ATOM   503  O O   . TRP A 1 63  ? 9.230   -0.519  -16.522 1.00 19.25 ? 102 TRP A O   1 
ATOM   504  C CB  . TRP A 1 63  ? 10.430  -0.039  -13.459 1.00 18.03 ? 102 TRP A CB  1 
ATOM   505  C CG  . TRP A 1 63  ? 10.904  0.875   -12.380 1.00 19.06 ? 102 TRP A CG  1 
ATOM   506  C CD1 . TRP A 1 63  ? 10.158  1.772   -11.670 1.00 20.38 ? 102 TRP A CD1 1 
ATOM   507  C CD2 . TRP A 1 63  ? 12.256  1.025   -11.928 1.00 19.37 ? 102 TRP A CD2 1 
ATOM   508  N NE1 . TRP A 1 63  ? 10.959  2.465   -10.812 1.00 19.78 ? 102 TRP A NE1 1 
ATOM   509  C CE2 . TRP A 1 63  ? 12.246  2.019   -10.928 1.00 20.37 ? 102 TRP A CE2 1 
ATOM   510  C CE3 . TRP A 1 63  ? 13.469  0.411   -12.267 1.00 20.59 ? 102 TRP A CE3 1 
ATOM   511  C CZ2 . TRP A 1 63  ? 13.412  2.422   -10.278 1.00 20.68 ? 102 TRP A CZ2 1 
ATOM   512  C CZ3 . TRP A 1 63  ? 14.620  0.818   -11.630 1.00 21.65 ? 102 TRP A CZ3 1 
ATOM   513  C CH2 . TRP A 1 63  ? 14.588  1.809   -10.645 1.00 21.96 ? 102 TRP A CH2 1 
ATOM   514  N N   A LYS A 1 64  ? 11.346  -1.286  -16.203 0.25 19.76 ? 103 LYS A N   1 
ATOM   515  N N   B LYS A 1 64  ? 11.334  -1.289  -16.213 0.25 19.65 ? 103 LYS A N   1 
ATOM   516  C CA  A LYS A 1 64  ? 11.265  -2.466  -17.105 0.25 19.99 ? 103 LYS A CA  1 
ATOM   517  C CA  B LYS A 1 64  ? 11.178  -2.504  -17.052 0.25 19.77 ? 103 LYS A CA  1 
ATOM   518  C C   A LYS A 1 64  ? 12.193  -3.560  -16.569 0.25 19.50 ? 103 LYS A C   1 
ATOM   519  C C   B LYS A 1 64  ? 12.174  -3.559  -16.574 0.25 19.43 ? 103 LYS A C   1 
ATOM   520  O O   A LYS A 1 64  ? 13.237  -3.217  -15.988 0.25 18.57 ? 103 LYS A O   1 
ATOM   521  O O   B LYS A 1 64  ? 13.231  -3.189  -16.034 0.25 18.57 ? 103 LYS A O   1 
ATOM   522  C CB  A LYS A 1 64  ? 11.578  -2.080  -18.557 0.25 21.58 ? 103 LYS A CB  1 
ATOM   523  C CB  B LYS A 1 64  ? 11.292  -2.180  -18.546 0.25 21.37 ? 103 LYS A CB  1 
ATOM   524  C CG  A LYS A 1 64  ? 12.966  -1.531  -18.850 0.25 23.60 ? 103 LYS A CG  1 
ATOM   525  C CG  B LYS A 1 64  ? 12.621  -1.625  -19.029 0.25 22.29 ? 103 LYS A CG  1 
ATOM   526  C CD  A LYS A 1 64  ? 13.230  -1.430  -20.348 0.25 24.55 ? 103 LYS A CD  1 
ATOM   527  C CD  B LYS A 1 64  ? 12.603  -1.279  -20.512 0.25 22.86 ? 103 LYS A CD  1 
ATOM   528  C CE  A LYS A 1 64  ? 13.964  -0.185  -20.804 0.25 25.27 ? 103 LYS A CE  1 
ATOM   529  C CE  B LYS A 1 64  ? 13.957  -0.890  -21.069 0.25 23.02 ? 103 LYS A CE  1 
ATOM   530  N NZ  A LYS A 1 64  ? 15.218  0.060   -20.053 0.25 25.74 ? 103 LYS A NZ  1 
ATOM   531  N NZ  B LYS A 1 64  ? 13.855  -0.303  -22.431 0.25 23.13 ? 103 LYS A NZ  1 
ATOM   532  N N   . TYR A 1 65  ? 11.786  -4.826  -16.721 1.00 18.99 ? 104 TYR A N   1 
ATOM   533  C CA  . TYR A 1 65  ? 12.567  -5.998  -16.273 1.00 19.50 ? 104 TYR A CA  1 
ATOM   534  C C   . TYR A 1 65  ? 13.306  -6.511  -17.502 1.00 20.24 ? 104 TYR A C   1 
ATOM   535  O O   . TYR A 1 65  ? 12.627  -6.947  -18.451 1.00 22.81 ? 104 TYR A O   1 
ATOM   536  C CB  . TYR A 1 65  ? 11.636  -7.044  -15.657 1.00 20.01 ? 104 TYR A CB  1 
ATOM   537  C CG  . TYR A 1 65  ? 12.325  -8.084  -14.810 1.00 20.64 ? 104 TYR A CG  1 
ATOM   538  C CD1 . TYR A 1 65  ? 12.922  -7.757  -13.606 1.00 20.26 ? 104 TYR A CD1 1 
ATOM   539  C CD2 . TYR A 1 65  ? 12.334  -9.426  -15.182 1.00 21.60 ? 104 TYR A CD2 1 
ATOM   540  C CE1 . TYR A 1 65  ? 13.539  -8.710  -12.812 1.00 22.02 ? 104 TYR A CE1 1 
ATOM   541  C CE2 . TYR A 1 65  ? 12.933  -10.390 -14.391 1.00 21.37 ? 104 TYR A CE2 1 
ATOM   542  C CZ  . TYR A 1 65  ? 13.547  -10.037 -13.207 1.00 22.50 ? 104 TYR A CZ  1 
ATOM   543  O OH  . TYR A 1 65  ? 14.136  -10.992 -12.426 1.00 25.05 ? 104 TYR A OH  1 
ATOM   544  N N   . VAL A 1 66  ? 14.620  -6.302  -17.525 1.00 20.68 ? 105 VAL A N   1 
ATOM   545  C CA  . VAL A 1 66  ? 15.508  -6.604  -18.685 1.00 22.21 ? 105 VAL A CA  1 
ATOM   546  C C   . VAL A 1 66  ? 16.651  -7.482  -18.188 1.00 21.22 ? 105 VAL A C   1 
ATOM   547  O O   . VAL A 1 66  ? 17.339  -7.066  -17.267 1.00 21.52 ? 105 VAL A O   1 
ATOM   548  C CB  . VAL A 1 66  ? 16.043  -5.321  -19.337 1.00 22.57 ? 105 VAL A CB  1 
ATOM   549  C CG1 . VAL A 1 66  ? 16.986  -5.652  -20.485 1.00 23.18 ? 105 VAL A CG1 1 
ATOM   550  C CG2 . VAL A 1 66  ? 14.912  -4.420  -19.810 1.00 22.96 ? 105 VAL A CG2 1 
ATOM   551  N N   . ASN A 1 67  ? 16.834  -8.658  -18.787 1.00 22.20 ? 106 ASN A N   1 
ATOM   552  C CA  . ASN A 1 67  ? 17.924  -9.601  -18.420 1.00 22.99 ? 106 ASN A CA  1 
ATOM   553  C C   . ASN A 1 67  ? 17.924  -9.825  -16.904 1.00 22.64 ? 106 ASN A C   1 
ATOM   554  O O   . ASN A 1 67  ? 19.010  -9.816  -16.292 1.00 22.11 ? 106 ASN A O   1 
ATOM   555  C CB  . ASN A 1 67  ? 19.273  -9.094  -18.930 1.00 24.10 ? 106 ASN A CB  1 
ATOM   556  C CG  . ASN A 1 67  ? 19.286  -8.911  -20.428 1.00 24.19 ? 106 ASN A CG  1 
ATOM   557  O OD1 . ASN A 1 67  ? 18.622  -9.660  -21.152 1.00 24.98 ? 106 ASN A OD1 1 
ATOM   558  N ND2 . ASN A 1 67  ? 20.028  -7.917  -20.889 1.00 25.35 ? 106 ASN A ND2 1 
ATOM   559  N N   . GLY A 1 68  ? 16.734  -9.994  -16.312 1.00 23.82 ? 107 GLY A N   1 
ATOM   560  C CA  . GLY A 1 68  ? 16.550  -10.395 -14.907 1.00 25.87 ? 107 GLY A CA  1 
ATOM   561  C C   . GLY A 1 68  ? 16.785  -9.257  -13.932 1.00 26.11 ? 107 GLY A C   1 
ATOM   562  O O   . GLY A 1 68  ? 16.956  -9.534  -12.735 1.00 30.01 ? 107 GLY A O   1 
ATOM   563  N N   . GLU A 1 69  ? 16.795  -8.012  -14.417 1.00 26.00 ? 108 GLU A N   1 
ATOM   564  C CA  . GLU A 1 69  ? 17.069  -6.807  -13.594 1.00 27.59 ? 108 GLU A CA  1 
ATOM   565  C C   . GLU A 1 69  ? 16.017  -5.750  -13.886 1.00 23.46 ? 108 GLU A C   1 
ATOM   566  O O   . GLU A 1 69  ? 15.707  -5.528  -15.057 1.00 22.73 ? 108 GLU A O   1 
ATOM   567  C CB  . GLU A 1 69  ? 18.435  -6.200  -13.926 1.00 30.43 ? 108 GLU A CB  1 
ATOM   568  C CG  . GLU A 1 69  ? 19.577  -7.172  -13.748 1.00 35.51 ? 108 GLU A CG  1 
ATOM   569  C CD  . GLU A 1 69  ? 19.438  -8.006  -12.491 1.00 39.14 ? 108 GLU A CD  1 
ATOM   570  O OE1 . GLU A 1 69  ? 18.927  -7.467  -11.481 1.00 41.45 ? 108 GLU A OE1 1 
ATOM   571  O OE2 . GLU A 1 69  ? 19.811  -9.195  -12.528 1.00 44.36 ? 108 GLU A OE2 1 
ATOM   572  N N   . TRP A 1 70  ? 15.522  -5.096  -12.846 1.00 21.42 ? 109 TRP A N   1 
ATOM   573  C CA  . TRP A 1 70  ? 14.692  -3.882  -13.012 1.00 20.76 ? 109 TRP A CA  1 
ATOM   574  C C   . TRP A 1 70  ? 15.589  -2.697  -13.340 1.00 21.18 ? 109 TRP A C   1 
ATOM   575  O O   . TRP A 1 70  ? 16.549  -2.433  -12.596 1.00 23.84 ? 109 TRP A O   1 
ATOM   576  C CB  . TRP A 1 70  ? 13.877  -3.602  -11.760 1.00 19.48 ? 109 TRP A CB  1 
ATOM   577  C CG  . TRP A 1 70  ? 12.729  -4.531  -11.615 1.00 19.68 ? 109 TRP A CG  1 
ATOM   578  C CD1 . TRP A 1 70  ? 12.674  -5.618  -10.794 1.00 20.60 ? 109 TRP A CD1 1 
ATOM   579  C CD2 . TRP A 1 70  ? 11.492  -4.485  -12.335 1.00 19.41 ? 109 TRP A CD2 1 
ATOM   580  N NE1 . TRP A 1 70  ? 11.463  -6.216  -10.926 1.00 20.77 ? 109 TRP A NE1 1 
ATOM   581  C CE2 . TRP A 1 70  ? 10.710  -5.553  -11.853 1.00 20.33 ? 109 TRP A CE2 1 
ATOM   582  C CE3 . TRP A 1 70  ? 10.955  -3.643  -13.313 1.00 18.12 ? 109 TRP A CE3 1 
ATOM   583  C CZ2 . TRP A 1 70  ? 9.421   -5.774  -12.314 1.00 20.25 ? 109 TRP A CZ2 1 
ATOM   584  C CZ3 . TRP A 1 70  ? 9.678   -3.863  -13.771 1.00 19.59 ? 109 TRP A CZ3 1 
ATOM   585  C CH2 . TRP A 1 70  ? 8.918   -4.928  -13.276 1.00 20.57 ? 109 TRP A CH2 1 
ATOM   586  N N   . VAL A 1 71  ? 15.270  -2.008  -14.420 1.00 19.32 ? 110 VAL A N   1 
ATOM   587  C CA  . VAL A 1 71  ? 16.024  -0.818  -14.889 1.00 19.39 ? 110 VAL A CA  1 
ATOM   588  C C   . VAL A 1 71  ? 15.018  0.257   -15.271 1.00 18.53 ? 110 VAL A C   1 
ATOM   589  O O   . VAL A 1 71  ? 13.859  -0.011  -15.578 1.00 18.28 ? 110 VAL A O   1 
ATOM   590  C CB  . VAL A 1 71  ? 16.928  -1.161  -16.081 1.00 19.30 ? 110 VAL A CB  1 
ATOM   591  C CG1 . VAL A 1 71  ? 17.980  -2.178  -15.711 1.00 21.26 ? 110 VAL A CG1 1 
ATOM   592  C CG2 . VAL A 1 71  ? 16.104  -1.629  -17.268 1.00 19.18 ? 110 VAL A CG2 1 
ATOM   593  N N   . PRO A 1 72  ? 15.439  1.539   -15.275 1.00 19.01 ? 111 PRO A N   1 
ATOM   594  C CA  . PRO A 1 72  ? 14.586  2.596   -15.815 1.00 19.10 ? 111 PRO A CA  1 
ATOM   595  C C   . PRO A 1 72  ? 14.071  2.272   -17.225 1.00 20.54 ? 111 PRO A C   1 
ATOM   596  O O   . PRO A 1 72  ? 14.853  1.859   -18.082 1.00 20.75 ? 111 PRO A O   1 
ATOM   597  C CB  . PRO A 1 72  ? 15.522  3.816   -15.793 1.00 18.77 ? 111 PRO A CB  1 
ATOM   598  C CG  . PRO A 1 72  ? 16.462  3.516   -14.633 1.00 19.52 ? 111 PRO A CG  1 
ATOM   599  C CD  . PRO A 1 72  ? 16.717  2.026   -14.732 1.00 19.51 ? 111 PRO A CD  1 
ATOM   600  N N   . GLY A 1 73  ? 12.763  2.447   -17.432 1.00 20.63 ? 112 GLY A N   1 
ATOM   601  C CA  . GLY A 1 73  ? 12.032  1.890   -18.586 1.00 23.35 ? 112 GLY A CA  1 
ATOM   602  C C   . GLY A 1 73  ? 11.312  2.931   -19.413 1.00 24.38 ? 112 GLY A C   1 
ATOM   603  O O   . GLY A 1 73  ? 10.482  2.548   -20.265 1.00 27.69 ? 112 GLY A O   1 
ATOM   604  N N   . GLY A 1 74  ? 11.584  4.207   -19.174 1.00 22.68 ? 113 GLY A N   1 
ATOM   605  C CA  . GLY A 1 74  ? 11.001  5.274   -20.000 1.00 24.43 ? 113 GLY A CA  1 
ATOM   606  C C   . GLY A 1 74  ? 10.356  6.354   -19.170 1.00 26.04 ? 113 GLY A C   1 
ATOM   607  O O   . GLY A 1 74  ? 10.395  6.283   -17.928 1.00 23.97 ? 113 GLY A O   1 
ATOM   608  N N   . LYS A 1 75  ? 9.785   7.352   -19.843 1.00 29.14 ? 114 LYS A N   1 
ATOM   609  C CA  . LYS A 1 75  ? 9.104   8.472   -19.163 1.00 30.77 ? 114 LYS A CA  1 
ATOM   610  C C   . LYS A 1 75  ? 7.828   7.909   -18.542 1.00 30.88 ? 114 LYS A C   1 
ATOM   611  O O   . LYS A 1 75  ? 7.293   6.896   -18.989 1.00 29.32 ? 114 LYS A O   1 
ATOM   612  C CB  . LYS A 1 75  ? 8.906   9.649   -20.128 1.00 34.58 ? 114 LYS A CB  1 
ATOM   613  C CG  . LYS A 1 75  ? 10.168  10.476  -20.381 1.00 35.59 ? 114 LYS A CG  1 
ATOM   614  C CD  . LYS A 1 75  ? 9.892   11.891  -20.874 1.00 36.54 ? 114 LYS A CD  1 
ATOM   615  C CE  . LYS A 1 75  ? 10.876  12.922  -20.356 1.00 37.23 ? 114 LYS A CE  1 
ATOM   616  N NZ  . LYS A 1 75  ? 10.335  14.302  -20.440 1.00 42.83 ? 114 LYS A NZ  1 
ATOM   617  N N   . PRO A 1 76  ? 7.342   8.526   -17.451 1.00 30.36 ? 115 PRO A N   1 
ATOM   618  C CA  . PRO A 1 76  ? 6.184   8.003   -16.734 1.00 30.75 ? 115 PRO A CA  1 
ATOM   619  C C   . PRO A 1 76  ? 4.884   8.337   -17.477 1.00 31.36 ? 115 PRO A C   1 
ATOM   620  O O   . PRO A 1 76  ? 4.849   9.258   -18.285 1.00 30.19 ? 115 PRO A O   1 
ATOM   621  C CB  . PRO A 1 76  ? 6.279   8.736   -15.394 1.00 30.70 ? 115 PRO A CB  1 
ATOM   622  C CG  . PRO A 1 76  ? 6.831   10.089  -15.786 1.00 31.86 ? 115 PRO A CG  1 
ATOM   623  C CD  . PRO A 1 76  ? 7.835   9.786   -16.878 1.00 31.72 ? 115 PRO A CD  1 
ATOM   624  N N   . GLU A 1 77  ? 3.854   7.544   -17.217 1.00 29.91 ? 116 GLU A N   1 
ATOM   625  C CA  . GLU A 1 77  ? 2.458   7.892   -17.548 1.00 30.94 ? 116 GLU A CA  1 
ATOM   626  C C   . GLU A 1 77  ? 2.035   9.022   -16.609 1.00 31.16 ? 116 GLU A C   1 
ATOM   627  O O   . GLU A 1 77  ? 2.580   9.194   -15.519 1.00 29.93 ? 116 GLU A O   1 
ATOM   628  C CB  . GLU A 1 77  ? 1.583   6.641   -17.473 1.00 34.01 ? 116 GLU A CB  1 
ATOM   629  C CG  . GLU A 1 77  ? 1.850   5.659   -18.607 1.00 37.59 ? 116 GLU A CG  1 
ATOM   630  C CD  . GLU A 1 77  ? 1.338   4.243   -18.401 1.00 42.09 ? 116 GLU A CD  1 
ATOM   631  O OE1 . GLU A 1 77  ? 0.298   4.070   -17.730 1.00 46.38 ? 116 GLU A OE1 1 
ATOM   632  O OE2 . GLU A 1 77  ? 1.983   3.308   -18.923 1.00 48.59 ? 116 GLU A OE2 1 
ATOM   633  N N   . PRO A 1 78  ? 1.086   9.877   -17.031 1.00 28.57 ? 117 PRO A N   1 
ATOM   634  C CA  . PRO A 1 78  ? 0.462   10.832  -16.126 1.00 29.63 ? 117 PRO A CA  1 
ATOM   635  C C   . PRO A 1 78  ? 0.056   10.139  -14.820 1.00 30.96 ? 117 PRO A C   1 
ATOM   636  O O   . PRO A 1 78  ? -0.425  9.021   -14.893 1.00 30.54 ? 117 PRO A O   1 
ATOM   637  C CB  . PRO A 1 78  ? -0.765  11.286  -16.915 1.00 28.87 ? 117 PRO A CB  1 
ATOM   638  C CG  . PRO A 1 78  ? -0.318  11.194  -18.352 1.00 29.09 ? 117 PRO A CG  1 
ATOM   639  C CD  . PRO A 1 78  ? 0.567   9.968   -18.403 1.00 29.49 ? 117 PRO A CD  1 
ATOM   640  N N   . GLN A 1 79  ? 0.263   10.815  -13.687 1.00 34.18 ? 118 GLN A N   1 
ATOM   641  C CA  . GLN A 1 79  ? -0.030  10.268  -12.335 1.00 38.83 ? 118 GLN A CA  1 
ATOM   642  C C   . GLN A 1 79  ? -1.434  9.660   -12.319 1.00 39.35 ? 118 GLN A C   1 
ATOM   643  O O   . GLN A 1 79  ? -2.388  10.335  -12.763 1.00 35.79 ? 118 GLN A O   1 
ATOM   644  C CB  . GLN A 1 79  ? 0.074   11.354  -11.264 1.00 44.14 ? 118 GLN A CB  1 
ATOM   645  C CG  . GLN A 1 79  ? 1.506   11.770  -10.961 1.00 48.87 ? 118 GLN A CG  1 
ATOM   646  C CD  . GLN A 1 79  ? 1.767   11.888  -9.479  1.00 51.95 ? 118 GLN A CD  1 
ATOM   647  O OE1 . GLN A 1 79  ? 1.288   12.804  -8.814  1.00 56.79 ? 118 GLN A OE1 1 
ATOM   648  N NE2 . GLN A 1 79  ? 2.531   10.948  -8.946  1.00 56.10 ? 118 GLN A NE2 1 
ATOM   649  N N   . ALA A 1 80  ? -1.555  8.431   -11.811 1.00 40.73 ? 119 ALA A N   1 
ATOM   650  C CA  . ALA A 1 80  ? -2.846  7.791   -11.481 1.00 42.08 ? 119 ALA A CA  1 
ATOM   651  C C   . ALA A 1 80  ? -3.674  8.783   -10.662 1.00 44.72 ? 119 ALA A C   1 
ATOM   652  O O   . ALA A 1 80  ? -3.116  9.599   -9.926  1.00 42.83 ? 119 ALA A O   1 
ATOM   653  C CB  . ALA A 1 80  ? -2.608  6.498   -10.736 1.00 40.70 ? 119 ALA A CB  1 
ATOM   654  N N   . PRO A 1 81  ? -5.021  8.772   -10.781 1.00 46.95 ? 120 PRO A N   1 
ATOM   655  C CA  . PRO A 1 81  ? -5.858  9.714   -10.037 1.00 49.50 ? 120 PRO A CA  1 
ATOM   656  C C   . PRO A 1 81  ? -5.703  9.470   -8.528  1.00 49.96 ? 120 PRO A C   1 
ATOM   657  O O   . PRO A 1 81  ? -5.505  8.326   -8.136  1.00 51.49 ? 120 PRO A O   1 
ATOM   658  C CB  . PRO A 1 81  ? -7.286  9.438   -10.536 1.00 49.58 ? 120 PRO A CB  1 
ATOM   659  C CG  . PRO A 1 81  ? -7.230  8.037   -11.117 1.00 49.92 ? 120 PRO A CG  1 
ATOM   660  C CD  . PRO A 1 81  ? -5.810  7.855   -11.615 1.00 49.27 ? 120 PRO A CD  1 
ATOM   661  N N   . SER A 1 82  ? -5.737  10.542  -7.732  1.00 48.64 ? 121 SER A N   1 
ATOM   662  C CA  . SER A 1 82  ? -5.581  10.496  -6.254  1.00 48.32 ? 121 SER A CA  1 
ATOM   663  C C   . SER A 1 82  ? -6.714  9.651   -5.662  1.00 44.85 ? 121 SER A C   1 
ATOM   664  O O   . SER A 1 82  ? -7.784  10.221  -5.368  1.00 52.87 ? 121 SER A O   1 
ATOM   665  C CB  . SER A 1 82  ? -5.539  11.885  -5.669  1.00 49.89 ? 121 SER A CB  1 
ATOM   666  O OG  . SER A 1 82  ? -4.420  12.602  -6.165  1.00 52.99 ? 121 SER A OG  1 
ATOM   667  N N   . CYS A 1 83  ? -6.504  8.333   -5.587  1.00 37.85 ? 122 CYS A N   1 
ATOM   668  C CA  . CYS A 1 83  ? -7.440  7.328   -5.014  1.00 34.71 ? 122 CYS A CA  1 
ATOM   669  C C   . CYS A 1 83  ? -7.069  7.106   -3.544  1.00 31.77 ? 122 CYS A C   1 
ATOM   670  O O   . CYS A 1 83  ? -5.879  6.852   -3.254  1.00 30.64 ? 122 CYS A O   1 
ATOM   671  C CB  . CYS A 1 83  ? -7.359  5.981   -5.728  1.00 34.48 ? 122 CYS A CB  1 
ATOM   672  S SG  . CYS A 1 83  ? -7.940  5.969   -7.448  1.00 37.79 ? 122 CYS A SG  1 
ATOM   673  N N   . VAL A 1 84  ? -8.045  7.186   -2.642  1.00 27.64 ? 123 VAL A N   1 
ATOM   674  C CA  . VAL A 1 84  ? -7.836  6.828   -1.215  1.00 26.26 ? 123 VAL A CA  1 
ATOM   675  C C   . VAL A 1 84  ? -8.734  5.639   -0.870  1.00 23.83 ? 123 VAL A C   1 
ATOM   676  O O   . VAL A 1 84  ? -9.898  5.604   -1.313  1.00 23.59 ? 123 VAL A O   1 
ATOM   677  C CB  . VAL A 1 84  ? -8.103  8.048   -0.324  1.00 28.32 ? 123 VAL A CB  1 
ATOM   678  C CG1 . VAL A 1 84  ? -8.237  7.651   1.126   1.00 30.05 ? 123 VAL A CG1 1 
ATOM   679  C CG2 . VAL A 1 84  ? -7.042  9.122   -0.508  1.00 30.52 ? 123 VAL A CG2 1 
ATOM   680  N N   . TYR A 1 85  ? -8.204  4.676   -0.128  1.00 20.27 ? 124 TYR A N   1 
ATOM   681  C CA  . TYR A 1 85  ? -8.976  3.541   0.430   1.00 19.27 ? 124 TYR A CA  1 
ATOM   682  C C   . TYR A 1 85  ? -9.248  3.829   1.902   1.00 20.25 ? 124 TYR A C   1 
ATOM   683  O O   . TYR A 1 85  ? -8.290  4.044   2.647   1.00 19.85 ? 124 TYR A O   1 
ATOM   684  C CB  . TYR A 1 85  ? -8.207  2.232   0.276   1.00 19.59 ? 124 TYR A CB  1 
ATOM   685  C CG  . TYR A 1 85  ? -8.909  1.047   0.877   1.00 19.87 ? 124 TYR A CG  1 
ATOM   686  C CD1 . TYR A 1 85  ? -9.952  0.425   0.209   1.00 21.42 ? 124 TYR A CD1 1 
ATOM   687  C CD2 . TYR A 1 85  ? -8.538  0.543   2.107   1.00 20.02 ? 124 TYR A CD2 1 
ATOM   688  C CE1 . TYR A 1 85  ? -10.588 -0.679  0.748   1.00 21.08 ? 124 TYR A CE1 1 
ATOM   689  C CE2 . TYR A 1 85  ? -9.167  -0.558  2.664   1.00 20.93 ? 124 TYR A CE2 1 
ATOM   690  C CZ  . TYR A 1 85  ? -10.198 -1.173  1.979   1.00 20.22 ? 124 TYR A CZ  1 
ATOM   691  O OH  . TYR A 1 85  ? -10.802 -2.248  2.564   1.00 22.23 ? 124 TYR A OH  1 
ATOM   692  N N   . ILE A 1 86  ? -10.514 3.861   2.303   1.00 19.81 ? 125 ILE A N   1 
ATOM   693  C CA  . ILE A 1 86  ? -10.890 4.065   3.722   1.00 19.76 ? 125 ILE A CA  1 
ATOM   694  C C   . ILE A 1 86  ? -10.966 2.689   4.369   1.00 18.73 ? 125 ILE A C   1 
ATOM   695  O O   . ILE A 1 86  ? -11.770 1.833   3.917   1.00 20.39 ? 125 ILE A O   1 
ATOM   696  C CB  . ILE A 1 86  ? -12.213 4.840   3.854   1.00 21.35 ? 125 ILE A CB  1 
ATOM   697  C CG1 . ILE A 1 86  ? -12.115 6.209   3.177   1.00 23.79 ? 125 ILE A CG1 1 
ATOM   698  C CG2 . ILE A 1 86  ? -12.589 4.955   5.327   1.00 21.82 ? 125 ILE A CG2 1 
ATOM   699  C CD1 . ILE A 1 86  ? -13.422 6.962   3.101   1.00 25.01 ? 125 ILE A CD1 1 
ATOM   700  N N   . HIS A 1 87  ? -10.202 2.480   5.435   1.00 18.84 ? 126 HIS A N   1 
ATOM   701  C CA  . HIS A 1 87  ? -10.271 1.215   6.194   1.00 19.66 ? 126 HIS A CA  1 
ATOM   702  C C   . HIS A 1 87  ? -11.710 0.989   6.648   1.00 20.33 ? 126 HIS A C   1 
ATOM   703  O O   . HIS A 1 87  ? -12.348 1.893   7.189   1.00 19.52 ? 126 HIS A O   1 
ATOM   704  C CB  . HIS A 1 87  ? -9.298  1.207   7.371   1.00 18.98 ? 126 HIS A CB  1 
ATOM   705  C CG  . HIS A 1 87  ? -9.166  -0.162  7.936   1.00 18.57 ? 126 HIS A CG  1 
ATOM   706  N ND1 . HIS A 1 87  ? -10.160 -0.726  8.720   1.00 19.67 ? 126 HIS A ND1 1 
ATOM   707  C CD2 . HIS A 1 87  ? -8.200  -1.094  7.814   1.00 19.52 ? 126 HIS A CD2 1 
ATOM   708  C CE1 . HIS A 1 87  ? -9.789  -1.935  9.074   1.00 22.27 ? 126 HIS A CE1 1 
ATOM   709  N NE2 . HIS A 1 87  ? -8.603  -2.189  8.532   1.00 21.30 ? 126 HIS A NE2 1 
ATOM   710  N N   . PRO A 1 88  ? -12.286 -0.207  6.398   1.00 20.49 ? 127 PRO A N   1 
ATOM   711  C CA  . PRO A 1 88  ? -13.704 -0.410  6.674   1.00 22.98 ? 127 PRO A CA  1 
ATOM   712  C C   . PRO A 1 88  ? -14.100 -0.308  8.157   1.00 22.83 ? 127 PRO A C   1 
ATOM   713  O O   . PRO A 1 88  ? -15.290 -0.134  8.397   1.00 25.24 ? 127 PRO A O   1 
ATOM   714  C CB  . PRO A 1 88  ? -14.006 -1.805  6.115   1.00 23.64 ? 127 PRO A CB  1 
ATOM   715  C CG  . PRO A 1 88  ? -12.661 -2.473  5.986   1.00 23.83 ? 127 PRO A CG  1 
ATOM   716  C CD  . PRO A 1 88  ? -11.650 -1.364  5.754   1.00 22.65 ? 127 PRO A CD  1 
ATOM   717  N N   . ASP A 1 89  ? -13.148 -0.368  9.098   1.00 20.52 ? 128 ASP A N   1 
ATOM   718  C CA  . ASP A 1 89  ? -13.467 -0.178  10.544  1.00 20.56 ? 128 ASP A CA  1 
ATOM   719  C C   . ASP A 1 89  ? -13.702 1.305   10.863  1.00 20.86 ? 128 ASP A C   1 
ATOM   720  O O   . ASP A 1 89  ? -14.089 1.594   12.010  1.00 21.83 ? 128 ASP A O   1 
ATOM   721  C CB  . ASP A 1 89  ? -12.357 -0.716  11.446  1.00 20.89 ? 128 ASP A CB  1 
ATOM   722  C CG  . ASP A 1 89  ? -12.175 -2.221  11.410  1.00 21.69 ? 128 ASP A CG  1 
ATOM   723  O OD1 . ASP A 1 89  ? -12.926 -2.888  10.653  1.00 24.35 ? 128 ASP A OD1 1 
ATOM   724  O OD2 . ASP A 1 89  ? -11.286 -2.708  12.115  1.00 22.61 ? 128 ASP A OD2 1 
ATOM   725  N N   . SER A 1 90  ? -13.453 2.224   9.923   1.00 19.29 ? 129 SER A N   1 
ATOM   726  C CA  . SER A 1 90  ? -13.551 3.694   10.136  1.00 20.02 ? 129 SER A CA  1 
ATOM   727  C C   . SER A 1 90  ? -15.007 4.128   10.195  1.00 20.60 ? 129 SER A C   1 
ATOM   728  O O   . SER A 1 90  ? -15.831 3.564   9.483   1.00 21.29 ? 129 SER A O   1 
ATOM   729  C CB  . SER A 1 90  ? -12.870 4.478   9.045   1.00 19.84 ? 129 SER A CB  1 
ATOM   730  O OG  . SER A 1 90  ? -11.528 4.069   8.878   1.00 19.49 ? 129 SER A OG  1 
ATOM   731  N N   . PRO A 1 91  ? -15.370 5.162   10.981  1.00 21.42 ? 130 PRO A N   1 
ATOM   732  C CA  . PRO A 1 91  ? -14.520 5.736   12.023  1.00 20.96 ? 130 PRO A CA  1 
ATOM   733  C C   . PRO A 1 91  ? -14.546 4.823   13.259  1.00 19.52 ? 130 PRO A C   1 
ATOM   734  O O   . PRO A 1 91  ? -15.515 4.096   13.468  1.00 20.54 ? 130 PRO A O   1 
ATOM   735  C CB  . PRO A 1 91  ? -15.205 7.069   12.338  1.00 21.45 ? 130 PRO A CB  1 
ATOM   736  C CG  . PRO A 1 91  ? -16.669 6.775   12.101  1.00 22.79 ? 130 PRO A CG  1 
ATOM   737  C CD  . PRO A 1 91  ? -16.681 5.828   10.925  1.00 23.30 ? 130 PRO A CD  1 
ATOM   738  N N   . ASN A 1 92  ? -13.516 4.896   14.092  1.00 18.54 ? 131 ASN A N   1 
ATOM   739  C CA  . ASN A 1 92  ? -13.458 4.038   15.293  1.00 18.25 ? 131 ASN A CA  1 
ATOM   740  C C   . ASN A 1 92  ? -12.576 4.682   16.360  1.00 17.53 ? 131 ASN A C   1 
ATOM   741  O O   . ASN A 1 92  ? -11.800 5.596   16.075  1.00 17.87 ? 131 ASN A O   1 
ATOM   742  C CB  . ASN A 1 92  ? -13.004 2.620   14.939  1.00 19.75 ? 131 ASN A CB  1 
ATOM   743  C CG  . ASN A 1 92  ? -13.874 1.580   15.601  1.00 21.86 ? 131 ASN A CG  1 
ATOM   744  O OD1 . ASN A 1 92  ? -14.249 1.744   16.760  1.00 22.53 ? 131 ASN A OD1 1 
ATOM   745  N ND2 . ASN A 1 92  ? -14.206 0.527   14.871  1.00 22.35 ? 131 ASN A ND2 1 
ATOM   746  N N   . PHE A 1 93  ? -12.739 4.231   17.589  1.00 18.25 ? 132 PHE A N   1 
ATOM   747  C CA  . PHE A 1 93  ? -11.994 4.745   18.753  1.00 17.96 ? 132 PHE A CA  1 
ATOM   748  C C   . PHE A 1 93  ? -10.503 4.455   18.606  1.00 18.37 ? 132 PHE A C   1 
ATOM   749  O O   . PHE A 1 93  ? -10.113 3.412   18.063  1.00 17.20 ? 132 PHE A O   1 
ATOM   750  C CB  . PHE A 1 93  ? -12.484 4.073   20.033  1.00 18.03 ? 132 PHE A CB  1 
ATOM   751  C CG  . PHE A 1 93  ? -13.883 4.460   20.420  1.00 19.29 ? 132 PHE A CG  1 
ATOM   752  C CD1 . PHE A 1 93  ? -14.138 5.702   20.964  1.00 20.76 ? 132 PHE A CD1 1 
ATOM   753  C CD2 . PHE A 1 93  ? -14.928 3.567   20.247  1.00 20.74 ? 132 PHE A CD2 1 
ATOM   754  C CE1 . PHE A 1 93  ? -15.425 6.048   21.346  1.00 22.30 ? 132 PHE A CE1 1 
ATOM   755  C CE2 . PHE A 1 93  ? -16.211 3.917   20.626  1.00 21.86 ? 132 PHE A CE2 1 
ATOM   756  C CZ  . PHE A 1 93  ? -16.451 5.148   21.176  1.00 21.35 ? 132 PHE A CZ  1 
ATOM   757  N N   . GLY A 1 94  ? -9.662  5.348   19.121  1.00 16.72 ? 133 GLY A N   1 
ATOM   758  C CA  . GLY A 1 94  ? -8.239  5.054   19.344  1.00 17.57 ? 133 GLY A CA  1 
ATOM   759  C C   . GLY A 1 94  ? -8.043  3.657   19.911  1.00 17.79 ? 133 GLY A C   1 
ATOM   760  O O   . GLY A 1 94  ? -7.199  2.922   19.395  1.00 18.14 ? 133 GLY A O   1 
ATOM   761  N N   . ALA A 1 95  ? -8.831  3.268   20.914  1.00 18.42 ? 134 ALA A N   1 
ATOM   762  C CA  . ALA A 1 95  ? -8.669  1.971   21.603  1.00 18.98 ? 134 ALA A CA  1 
ATOM   763  C C   . ALA A 1 95  ? -8.866  0.833   20.596  1.00 19.48 ? 134 ALA A C   1 
ATOM   764  O O   . ALA A 1 95  ? -8.151  -0.175  20.708  1.00 20.89 ? 134 ALA A O   1 
ATOM   765  C CB  . ALA A 1 95  ? -9.629  1.852   22.757  1.00 19.63 ? 134 ALA A CB  1 
ATOM   766  N N   . HIS A 1 96  ? -9.763  0.994   19.630  1.00 19.61 ? 135 HIS A N   1 
ATOM   767  C CA  . HIS A 1 96  ? -10.022 -0.038  18.597  1.00 19.82 ? 135 HIS A CA  1 
ATOM   768  C C   . HIS A 1 96  ? -8.769  -0.214  17.737  1.00 19.81 ? 135 HIS A C   1 
ATOM   769  O O   . HIS A 1 96  ? -8.341  -1.350  17.464  1.00 20.04 ? 135 HIS A O   1 
ATOM   770  C CB  . HIS A 1 96  ? -11.239 0.340   17.753  1.00 20.58 ? 135 HIS A CB  1 
ATOM   771  C CG  . HIS A 1 96  ? -11.439 -0.569  16.592  1.00 21.61 ? 135 HIS A CG  1 
ATOM   772  N ND1 . HIS A 1 96  ? -12.195 -1.719  16.682  1.00 24.03 ? 135 HIS A ND1 1 
ATOM   773  C CD2 . HIS A 1 96  ? -10.936 -0.527  15.340  1.00 20.77 ? 135 HIS A CD2 1 
ATOM   774  C CE1 . HIS A 1 96  ? -12.196 -2.313  15.503  1.00 22.67 ? 135 HIS A CE1 1 
ATOM   775  N NE2 . HIS A 1 96  ? -11.419 -1.616  14.667  1.00 23.20 ? 135 HIS A NE2 1 
ATOM   776  N N   . TRP A 1 97  ? -8.215  0.885   17.243  1.00 18.25 ? 136 TRP A N   1 
ATOM   777  C CA  . TRP A 1 97  ? -7.064  0.818   16.318  1.00 17.31 ? 136 TRP A CA  1 
ATOM   778  C C   . TRP A 1 97  ? -5.836  0.245   17.033  1.00 17.26 ? 136 TRP A C   1 
ATOM   779  O O   . TRP A 1 97  ? -4.980  -0.335  16.353  1.00 18.49 ? 136 TRP A O   1 
ATOM   780  C CB  . TRP A 1 97  ? -6.790  2.200   15.718  1.00 17.05 ? 136 TRP A CB  1 
ATOM   781  C CG  . TRP A 1 97  ? -7.948  2.785   14.969  1.00 16.52 ? 136 TRP A CG  1 
ATOM   782  C CD1 . TRP A 1 97  ? -8.681  3.889   15.319  1.00 16.74 ? 136 TRP A CD1 1 
ATOM   783  C CD2 . TRP A 1 97  ? -8.512  2.322   13.729  1.00 16.38 ? 136 TRP A CD2 1 
ATOM   784  N NE1 . TRP A 1 97  ? -9.640  4.145   14.377  1.00 16.74 ? 136 TRP A NE1 1 
ATOM   785  C CE2 . TRP A 1 97  ? -9.557  3.206   13.382  1.00 16.57 ? 136 TRP A CE2 1 
ATOM   786  C CE3 . TRP A 1 97  ? -8.212  1.278   12.845  1.00 16.28 ? 136 TRP A CE3 1 
ATOM   787  C CZ2 . TRP A 1 97  ? -10.310 3.058   12.217  1.00 17.00 ? 136 TRP A CZ2 1 
ATOM   788  C CZ3 . TRP A 1 97  ? -8.955  1.137   11.697  1.00 17.23 ? 136 TRP A CZ3 1 
ATOM   789  C CH2 . TRP A 1 97  ? -9.973  2.028   11.375  1.00 17.05 ? 136 TRP A CH2 1 
ATOM   790  N N   . MET A 1 98  ? -5.711  0.454   18.349  1.00 17.54 ? 137 MET A N   1 
ATOM   791  C CA  . MET A 1 98  ? -4.483  0.095   19.101  1.00 18.46 ? 137 MET A CA  1 
ATOM   792  C C   . MET A 1 98  ? -4.567  -1.314  19.710  1.00 20.39 ? 137 MET A C   1 
ATOM   793  O O   . MET A 1 98  ? -3.512  -1.832  20.087  1.00 22.57 ? 137 MET A O   1 
ATOM   794  C CB  . MET A 1 98  ? -4.226  1.116   20.211  1.00 18.79 ? 137 MET A CB  1 
ATOM   795  C CG  . MET A 1 98  ? -3.914  2.492   19.664  1.00 18.96 ? 137 MET A CG  1 
ATOM   796  S SD  . MET A 1 98  ? -3.372  3.657   20.935  1.00 20.54 ? 137 MET A SD  1 
ATOM   797  C CE  . MET A 1 98  ? -4.939  4.079   21.695  1.00 20.09 ? 137 MET A CE  1 
ATOM   798  N N   . LYS A 1 99  ? -5.747  -1.917  19.807  1.00 21.96 ? 138 LYS A N   1 
ATOM   799  C CA  . LYS A 1 99  ? -5.904  -3.191  20.562  1.00 23.47 ? 138 LYS A CA  1 
ATOM   800  C C   . LYS A 1 99  ? -5.324  -4.365  19.770  1.00 26.03 ? 138 LYS A C   1 
ATOM   801  O O   . LYS A 1 99  ? -4.950  -5.371  20.395  1.00 27.72 ? 138 LYS A O   1 
ATOM   802  C CB  . LYS A 1 99  ? -7.367  -3.456  20.905  1.00 26.14 ? 138 LYS A CB  1 
ATOM   803  C CG  . LYS A 1 99  ? -8.247  -3.848  19.732  1.00 28.58 ? 138 LYS A CG  1 
ATOM   804  C CD  . LYS A 1 99  ? -9.690  -3.947  20.117  1.00 31.85 ? 138 LYS A CD  1 
ATOM   805  C CE  . LYS A 1 99  ? -10.593 -4.330  18.964  1.00 36.71 ? 138 LYS A CE  1 
ATOM   806  N NZ  . LYS A 1 99  ? -11.984 -4.568  19.420  1.00 41.39 ? 138 LYS A NZ  1 
ATOM   807  N N   . ALA A 1 100 ? -5.272  -4.260  18.446  1.00 22.58 ? 139 ALA A N   1 
ATOM   808  C CA  . ALA A 1 100 ? -4.754  -5.317  17.556  1.00 23.20 ? 139 ALA A CA  1 
ATOM   809  C C   . ALA A 1 100 ? -4.299  -4.674  16.257  1.00 21.66 ? 139 ALA A C   1 
ATOM   810  O O   . ALA A 1 100 ? -4.762  -3.585  15.904  1.00 20.94 ? 139 ALA A O   1 
ATOM   811  C CB  . ALA A 1 100 ? -5.817  -6.357  17.306  1.00 23.76 ? 139 ALA A CB  1 
ATOM   812  N N   . PRO A 1 101 ? -3.378  -5.322  15.517  1.00 22.19 ? 140 PRO A N   1 
ATOM   813  C CA  . PRO A 1 101 ? -2.886  -4.765  14.262  1.00 21.72 ? 140 PRO A CA  1 
ATOM   814  C C   . PRO A 1 101 ? -4.025  -4.410  13.298  1.00 21.27 ? 140 PRO A C   1 
ATOM   815  O O   . PRO A 1 101 ? -5.046  -5.094  13.240  1.00 21.44 ? 140 PRO A O   1 
ATOM   816  C CB  . PRO A 1 101 ? -2.002  -5.870  13.676  1.00 22.80 ? 140 PRO A CB  1 
ATOM   817  C CG  . PRO A 1 101 ? -1.544  -6.637  14.904  1.00 23.94 ? 140 PRO A CG  1 
ATOM   818  C CD  . PRO A 1 101 ? -2.730  -6.603  15.848  1.00 23.35 ? 140 PRO A CD  1 
ATOM   819  N N   . VAL A 1 102 ? -3.826  -3.309  12.591  1.00 19.92 ? 141 VAL A N   1 
ATOM   820  C CA  . VAL A 1 102 ? -4.763  -2.768  11.569  1.00 19.93 ? 141 VAL A CA  1 
ATOM   821  C C   . VAL A 1 102 ? -4.342  -3.338  10.214  1.00 20.07 ? 141 VAL A C   1 
ATOM   822  O O   . VAL A 1 102 ? -3.238  -3.047  9.746   1.00 20.39 ? 141 VAL A O   1 
ATOM   823  C CB  . VAL A 1 102 ? -4.757  -1.230  11.574  1.00 19.63 ? 141 VAL A CB  1 
ATOM   824  C CG1 . VAL A 1 102 ? -5.786  -0.687  10.599  1.00 19.40 ? 141 VAL A CG1 1 
ATOM   825  C CG2 . VAL A 1 102 ? -4.983  -0.678  12.977  1.00 19.75 ? 141 VAL A CG2 1 
ATOM   826  N N   A SER A 1 103 ? -5.219  -4.139  9.607   0.25 20.13 ? 142 SER A N   1 
ATOM   827  N N   B SER A 1 103 ? -5.217  -4.134  9.595   0.25 20.47 ? 142 SER A N   1 
ATOM   828  C CA  A SER A 1 103 ? -4.947  -4.893  8.356   0.25 20.32 ? 142 SER A CA  1 
ATOM   829  C CA  B SER A 1 103 ? -4.927  -4.905  8.356   0.25 20.87 ? 142 SER A CA  1 
ATOM   830  C C   A SER A 1 103 ? -5.739  -4.283  7.197   0.25 19.86 ? 142 SER A C   1 
ATOM   831  C C   B SER A 1 103 ? -5.742  -4.349  7.182   0.25 20.22 ? 142 SER A C   1 
ATOM   832  O O   A SER A 1 103 ? -6.937  -4.016  7.374   0.25 20.45 ? 142 SER A O   1 
ATOM   833  O O   B SER A 1 103 ? -6.966  -4.220  7.326   0.25 21.06 ? 142 SER A O   1 
ATOM   834  C CB  A SER A 1 103 ? -5.277  -6.353  8.533   0.25 20.91 ? 142 SER A CB  1 
ATOM   835  C CB  B SER A 1 103 ? -5.209  -6.373  8.564   0.25 21.78 ? 142 SER A CB  1 
ATOM   836  O OG  A SER A 1 103 ? -5.142  -7.047  7.302   0.25 22.32 ? 142 SER A OG  1 
ATOM   837  O OG  B SER A 1 103 ? -4.382  -6.911  9.585   0.25 23.99 ? 142 SER A OG  1 
ATOM   838  N N   . PHE A 1 104 ? -5.080  -4.063  6.056   1.00 19.26 ? 143 PHE A N   1 
ATOM   839  C CA  . PHE A 1 104 ? -5.726  -3.553  4.825   1.00 19.47 ? 143 PHE A CA  1 
ATOM   840  C C   . PHE A 1 104 ? -5.954  -4.724  3.866   1.00 20.25 ? 143 PHE A C   1 
ATOM   841  O O   . PHE A 1 104 ? -5.590  -4.643  2.697   1.00 20.01 ? 143 PHE A O   1 
ATOM   842  C CB  . PHE A 1 104 ? -4.883  -2.417  4.243   1.00 18.84 ? 143 PHE A CB  1 
ATOM   843  C CG  . PHE A 1 104 ? -4.978  -1.154  5.059   1.00 18.67 ? 143 PHE A CG  1 
ATOM   844  C CD1 . PHE A 1 104 ? -5.925  -0.185  4.754   1.00 19.19 ? 143 PHE A CD1 1 
ATOM   845  C CD2 . PHE A 1 104 ? -4.164  -0.963  6.163   1.00 20.25 ? 143 PHE A CD2 1 
ATOM   846  C CE1 . PHE A 1 104 ? -6.028  0.969   5.517   1.00 19.24 ? 143 PHE A CE1 1 
ATOM   847  C CE2 . PHE A 1 104 ? -4.275  0.190   6.927   1.00 20.94 ? 143 PHE A CE2 1 
ATOM   848  C CZ  . PHE A 1 104 ? -5.209  1.145   6.606   1.00 20.36 ? 143 PHE A CZ  1 
ATOM   849  N N   . SER A 1 105 ? -6.580  -5.790  4.352   1.00 21.12 ? 144 SER A N   1 
ATOM   850  C CA  . SER A 1 105 ? -6.646  -7.087  3.627   1.00 23.38 ? 144 SER A CA  1 
ATOM   851  C C   . SER A 1 105 ? -7.544  -7.000  2.389   1.00 23.47 ? 144 SER A C   1 
ATOM   852  O O   . SER A 1 105 ? -7.326  -7.820  1.490   1.00 24.81 ? 144 SER A O   1 
ATOM   853  C CB  . SER A 1 105 ? -7.088  -8.199  4.543   1.00 26.45 ? 144 SER A CB  1 
ATOM   854  O OG  . SER A 1 105 ? -8.368  -7.907  5.045   1.00 28.31 ? 144 SER A OG  1 
ATOM   855  N N   . LYS A 1 106 ? -8.488  -6.056  2.324   1.00 21.89 ? 145 LYS A N   1 
ATOM   856  C CA  . LYS A 1 106 ? -9.567  -6.069  1.303   1.00 23.37 ? 145 LYS A CA  1 
ATOM   857  C C   . LYS A 1 106 ? -9.304  -5.056  0.184   1.00 22.86 ? 145 LYS A C   1 
ATOM   858  O O   . LYS A 1 106 ? -10.052 -5.106  -0.804  1.00 23.93 ? 145 LYS A O   1 
ATOM   859  C CB  . LYS A 1 106 ? -10.927 -5.805  1.956   1.00 25.96 ? 145 LYS A CB  1 
ATOM   860  C CG  . LYS A 1 106 ? -11.273 -6.757  3.094   1.00 29.89 ? 145 LYS A CG  1 
ATOM   861  C CD  . LYS A 1 106 ? -11.091 -8.211  2.733   1.00 36.01 ? 145 LYS A CD  1 
ATOM   862  C CE  . LYS A 1 106 ? -11.807 -9.174  3.659   1.00 39.05 ? 145 LYS A CE  1 
ATOM   863  N NZ  . LYS A 1 106 ? -11.598 -10.576 3.226   1.00 42.08 ? 145 LYS A NZ  1 
ATOM   864  N N   . VAL A 1 107 ? -8.303  -4.182  0.309   1.00 21.08 ? 146 VAL A N   1 
ATOM   865  C CA  . VAL A 1 107 ? -8.003  -3.186  -0.763  1.00 20.63 ? 146 VAL A CA  1 
ATOM   866  C C   . VAL A 1 107 ? -7.625  -3.941  -2.050  1.00 20.41 ? 146 VAL A C   1 
ATOM   867  O O   . VAL A 1 107 ? -6.897  -4.942  -1.978  1.00 21.08 ? 146 VAL A O   1 
ATOM   868  C CB  . VAL A 1 107 ? -6.936  -2.151  -0.343  1.00 21.46 ? 146 VAL A CB  1 
ATOM   869  C CG1 . VAL A 1 107 ? -5.579  -2.788  -0.083  1.00 22.47 ? 146 VAL A CG1 1 
ATOM   870  C CG2 . VAL A 1 107 ? -6.831  -1.043  -1.384  1.00 21.44 ? 146 VAL A CG2 1 
ATOM   871  N N   . LYS A 1 108 ? -8.124  -3.481  -3.198  1.00 21.18 ? 147 LYS A N   1 
ATOM   872  C CA  . LYS A 1 108 ? -7.825  -4.098  -4.514  1.00 21.36 ? 147 LYS A CA  1 
ATOM   873  C C   . LYS A 1 108 ? -7.091  -3.078  -5.379  1.00 21.17 ? 147 LYS A C   1 
ATOM   874  O O   . LYS A 1 108 ? -7.505  -1.921  -5.431  1.00 21.49 ? 147 LYS A O   1 
ATOM   875  C CB  . LYS A 1 108 ? -9.109  -4.583  -5.199  1.00 24.11 ? 147 LYS A CB  1 
ATOM   876  C CG  . LYS A 1 108 ? -9.749  -5.811  -4.574  1.00 26.24 ? 147 LYS A CG  1 
ATOM   877  C CD  . LYS A 1 108 ? -10.977 -6.293  -5.321  1.00 29.06 ? 147 LYS A CD  1 
ATOM   878  C CE  . LYS A 1 108 ? -11.462 -7.637  -4.827  1.00 32.40 ? 147 LYS A CE  1 
ATOM   879  N NZ  . LYS A 1 108 ? -12.679 -8.088  -5.541  1.00 35.15 ? 147 LYS A NZ  1 
ATOM   880  N N   . LEU A 1 109 ? -6.027  -3.526  -6.041  1.00 20.04 ? 148 LEU A N   1 
ATOM   881  C CA  . LEU A 1 109 ? -5.246  -2.686  -6.977  1.00 20.34 ? 148 LEU A CA  1 
ATOM   882  C C   . LEU A 1 109 ? -5.713  -3.008  -8.398  1.00 20.80 ? 148 LEU A C   1 
ATOM   883  O O   . LEU A 1 109 ? -5.856  -4.193  -8.732  1.00 21.45 ? 148 LEU A O   1 
ATOM   884  C CB  . LEU A 1 109 ? -3.757  -2.974  -6.789  1.00 20.70 ? 148 LEU A CB  1 
ATOM   885  C CG  . LEU A 1 109 ? -3.251  -2.874  -5.350  1.00 19.96 ? 148 LEU A CG  1 
ATOM   886  C CD1 . LEU A 1 109 ? -1.735  -3.050  -5.303  1.00 19.93 ? 148 LEU A CD1 1 
ATOM   887  C CD2 . LEU A 1 109 ? -3.687  -1.562  -4.703  1.00 21.11 ? 148 LEU A CD2 1 
ATOM   888  N N   . THR A 1 110 ? -5.932  -1.968  -9.187  1.00 21.33 ? 149 THR A N   1 
ATOM   889  C CA  . THR A 1 110 ? -6.563  -2.080  -10.522 1.00 22.67 ? 149 THR A CA  1 
ATOM   890  C C   . THR A 1 110 ? -5.806  -1.200  -11.512 1.00 23.63 ? 149 THR A C   1 
ATOM   891  O O   . THR A 1 110 ? -5.127  -0.260  -11.076 1.00 22.31 ? 149 THR A O   1 
ATOM   892  C CB  . THR A 1 110 ? -8.044  -1.697  -10.450 1.00 23.85 ? 149 THR A CB  1 
ATOM   893  O OG1 . THR A 1 110 ? -8.626  -2.097  -11.690 1.00 24.18 ? 149 THR A OG1 1 
ATOM   894  C CG2 . THR A 1 110 ? -8.286  -0.226  -10.208 1.00 23.06 ? 149 THR A CG2 1 
ATOM   895  N N   . ASN A 1 111 ? -5.984  -1.492  -12.801 1.00 24.48 ? 150 ASN A N   1 
ATOM   896  C CA  . ASN A 1 111 ? -5.470  -0.673  -13.929 1.00 27.96 ? 150 ASN A CA  1 
ATOM   897  C C   . ASN A 1 111 ? -6.661  -0.157  -14.749 1.00 31.45 ? 150 ASN A C   1 
ATOM   898  O O   . ASN A 1 111 ? -6.432  0.333   -15.875 1.00 34.22 ? 150 ASN A O   1 
ATOM   899  C CB  . ASN A 1 111 ? -4.428  -1.439  -14.751 1.00 28.90 ? 150 ASN A CB  1 
ATOM   900  C CG  . ASN A 1 111 ? -4.936  -2.706  -15.409 1.00 28.68 ? 150 ASN A CG  1 
ATOM   901  O OD1 . ASN A 1 111 ? -4.213  -3.325  -16.185 1.00 32.49 ? 150 ASN A OD1 1 
ATOM   902  N ND2 . ASN A 1 111 ? -6.165  -3.094  -15.130 1.00 27.17 ? 150 ASN A ND2 1 
ATOM   903  N N   . LYS A 1 112 ? -7.868  -0.210  -14.179 1.00 35.16 ? 151 LYS A N   1 
ATOM   904  C CA  . LYS A 1 112 ? -9.141  0.210   -14.830 1.00 42.24 ? 151 LYS A CA  1 
ATOM   905  C C   . LYS A 1 112 ? -10.088 0.789   -13.772 1.00 46.44 ? 151 LYS A C   1 
ATOM   906  O O   . LYS A 1 112 ? -10.510 0.027   -12.874 1.00 41.88 ? 151 LYS A O   1 
ATOM   907  C CB  . LYS A 1 112 ? -9.807  -0.980  -15.527 1.00 45.77 ? 151 LYS A CB  1 
ATOM   908  C CG  . LYS A 1 112 ? -9.258  -1.330  -16.907 1.00 50.93 ? 151 LYS A CG  1 
ATOM   909  C CD  . LYS A 1 112 ? -9.932  -0.581  -18.046 1.00 53.96 ? 151 LYS A CD  1 
ATOM   910  C CE  . LYS A 1 112 ? -9.723  -1.237  -19.397 1.00 54.99 ? 151 LYS A CE  1 
ATOM   911  N NZ  . LYS A 1 112 ? -8.283  -1.395  -19.715 1.00 56.42 ? 151 LYS A NZ  1 
ATOM   912  N N   . LEU A 1 113 ? -10.372 2.092   -13.873 1.00 51.95 ? 152 LEU A N   1 
ATOM   913  C CA  . LEU A 1 113 ? -11.475 2.795   -13.160 1.00 56.88 ? 152 LEU A CA  1 
ATOM   914  C C   . LEU A 1 113 ? -12.826 2.118   -13.450 1.00 56.40 ? 152 LEU A C   1 
ATOM   915  O O   . LEU A 1 113 ? -13.531 2.576   -14.364 1.00 59.43 ? 152 LEU A O   1 
ATOM   916  C CB  . LEU A 1 113 ? -11.500 4.282   -13.559 1.00 59.53 ? 152 LEU A CB  1 
ATOM   917  C CG  . LEU A 1 113 ? -11.338 4.682   -15.038 1.00 61.59 ? 152 LEU A CG  1 
ATOM   918  C CD1 . LEU A 1 113 ? -9.922  5.158   -15.335 1.00 62.26 ? 152 LEU A CD1 1 
ATOM   919  C CD2 . LEU A 1 113 ? -11.755 3.608   -16.042 1.00 60.94 ? 152 LEU A CD2 1 
ATOM   920  N N   . ASN A 1 114 ? -13.189 1.074   -12.695 1.00 56.76 ? 153 ASN A N   1 
ATOM   921  C CA  . ASN A 1 114 ? -14.536 0.440   -12.768 1.00 56.38 ? 153 ASN A CA  1 
ATOM   922  C C   . ASN A 1 114 ? -15.099 0.273   -11.349 1.00 57.16 ? 153 ASN A C   1 
ATOM   923  O O   . ASN A 1 114 ? -15.600 -0.828  -11.033 1.00 54.71 ? 153 ASN A O   1 
ATOM   924  C CB  . ASN A 1 114 ? -14.521 -0.857  -13.587 1.00 55.22 ? 153 ASN A CB  1 
ATOM   925  C CG  . ASN A 1 114 ? -13.608 -1.932  -13.036 1.00 54.89 ? 153 ASN A CG  1 
ATOM   926  O OD1 . ASN A 1 114 ? -13.060 -1.801  -11.944 1.00 53.35 ? 153 ASN A OD1 1 
ATOM   927  N ND2 . ASN A 1 114 ? -13.457 -3.014  -13.783 1.00 52.54 ? 153 ASN A ND2 1 
ATOM   928  N N   . GLY A 1 115 ? -15.018 1.340   -10.543 1.00 60.00 ? 154 GLY A N   1 
ATOM   929  C CA  . GLY A 1 115 ? -15.667 1.485   -9.224  1.00 58.79 ? 154 GLY A CA  1 
ATOM   930  C C   . GLY A 1 115 ? -15.144 0.497   -8.194  1.00 58.21 ? 154 GLY A C   1 
ATOM   931  O O   . GLY A 1 115 ? -13.990 0.044   -8.332  1.00 62.56 ? 154 GLY A O   1 
ATOM   932  N N   . GLY A 1 116 ? -15.962 0.211   -7.176  1.00 55.69 ? 155 GLY A N   1 
ATOM   933  C CA  . GLY A 1 116 ? -15.743 -0.849  -6.172  1.00 53.83 ? 155 GLY A CA  1 
ATOM   934  C C   . GLY A 1 116 ? -14.651 -0.509  -5.169  1.00 51.09 ? 155 GLY A C   1 
ATOM   935  O O   . GLY A 1 116 ? -14.049 -1.456  -4.634  1.00 48.63 ? 155 GLY A O   1 
ATOM   936  N N   . GLY A 1 117 ? -14.407 0.782   -4.912  1.00 51.41 ? 156 GLY A N   1 
ATOM   937  C CA  . GLY A 1 117 ? -13.406 1.265   -3.938  1.00 48.91 ? 156 GLY A CA  1 
ATOM   938  C C   . GLY A 1 117 ? -12.022 0.692   -4.203  1.00 49.36 ? 156 GLY A C   1 
ATOM   939  O O   . GLY A 1 117 ? -11.284 0.454   -3.231  1.00 53.22 ? 156 GLY A O   1 
ATOM   940  N N   . GLN A 1 118 ? -11.686 0.472   -5.476  1.00 43.95 ? 157 GLN A N   1 
ATOM   941  C CA  . GLN A 1 118 ? -10.371 -0.055  -5.928  1.00 37.56 ? 157 GLN A CA  1 
ATOM   942  C C   . GLN A 1 118 ? -9.366  1.102   -5.905  1.00 33.60 ? 157 GLN A C   1 
ATOM   943  O O   . GLN A 1 118 ? -9.787  2.259   -5.718  1.00 35.67 ? 157 GLN A O   1 
ATOM   944  C CB  . GLN A 1 118 ? -10.523 -0.683  -7.315  1.00 36.99 ? 157 GLN A CB  1 
ATOM   945  C CG  . GLN A 1 118 ? -11.331 -1.974  -7.314  1.00 37.46 ? 157 GLN A CG  1 
ATOM   946  C CD  . GLN A 1 118 ? -11.778 -2.402  -8.692  1.00 39.58 ? 157 GLN A CD  1 
ATOM   947  O OE1 . GLN A 1 118 ? -10.970 -2.737  -9.553  1.00 39.79 ? 157 GLN A OE1 1 
ATOM   948  N NE2 . GLN A 1 118 ? -13.084 -2.416  -8.905  1.00 42.05 ? 157 GLN A NE2 1 
ATOM   949  N N   . ILE A 1 119 ? -8.074  0.809   -6.044  1.00 25.85 ? 158 ILE A N   1 
ATOM   950  C CA  . ILE A 1 119 ? -7.021  1.847   -6.206  1.00 24.73 ? 158 ILE A CA  1 
ATOM   951  C C   . ILE A 1 119 ? -6.408  1.656   -7.588  1.00 22.09 ? 158 ILE A C   1 
ATOM   952  O O   . ILE A 1 119 ? -5.863  0.581   -7.825  1.00 22.16 ? 158 ILE A O   1 
ATOM   953  C CB  . ILE A 1 119 ? -5.942  1.743   -5.113  1.00 25.59 ? 158 ILE A CB  1 
ATOM   954  C CG1 . ILE A 1 119 ? -6.539  1.871   -3.707  1.00 28.11 ? 158 ILE A CG1 1 
ATOM   955  C CG2 . ILE A 1 119 ? -4.838  2.756   -5.374  1.00 25.54 ? 158 ILE A CG2 1 
ATOM   956  C CD1 . ILE A 1 119 ? -6.570  3.277   -3.154  1.00 29.37 ? 158 ILE A CD1 1 
ATOM   957  N N   . MET A 1 120 ? -6.476  2.674   -8.445  1.00 22.20 ? 159 MET A N   1 
ATOM   958  C CA  . MET A 1 120 ? -5.866  2.587   -9.788  1.00 24.78 ? 159 MET A CA  1 
ATOM   959  C C   . MET A 1 120 ? -4.379  2.928   -9.696  1.00 22.60 ? 159 MET A C   1 
ATOM   960  O O   . MET A 1 120 ? -4.041  3.983   -9.128  1.00 22.57 ? 159 MET A O   1 
ATOM   961  C CB  . MET A 1 120 ? -6.528  3.533   -10.786 1.00 29.70 ? 159 MET A CB  1 
ATOM   962  C CG  . MET A 1 120 ? -5.876  3.401   -12.146 1.00 33.81 ? 159 MET A CG  1 
ATOM   963  S SD  . MET A 1 120 ? -7.065  3.645   -13.451 1.00 44.86 ? 159 MET A SD  1 
ATOM   964  C CE  . MET A 1 120 ? -7.193  5.432   -13.389 1.00 44.24 ? 159 MET A CE  1 
ATOM   965  N N   . LEU A 1 121 ? -3.537  2.064   -10.267 1.00 20.60 ? 160 LEU A N   1 
ATOM   966  C CA  . LEU A 1 121 ? -2.076  2.288   -10.362 1.00 20.99 ? 160 LEU A CA  1 
ATOM   967  C C   . LEU A 1 121 ? -1.661  2.109   -11.822 1.00 22.15 ? 160 LEU A C   1 
ATOM   968  O O   . LEU A 1 121 ? -2.389  1.440   -12.564 1.00 23.94 ? 160 LEU A O   1 
ATOM   969  C CB  . LEU A 1 121 ? -1.342  1.285   -9.471  1.00 20.94 ? 160 LEU A CB  1 
ATOM   970  C CG  . LEU A 1 121 ? -1.721  1.330   -7.988  1.00 19.82 ? 160 LEU A CG  1 
ATOM   971  C CD1 . LEU A 1 121 ? -0.984  0.245   -7.229  1.00 20.52 ? 160 LEU A CD1 1 
ATOM   972  C CD2 . LEU A 1 121 ? -1.430  2.688   -7.375  1.00 19.79 ? 160 LEU A CD2 1 
ATOM   973  N N   . ASN A 1 122 ? -0.552  2.720   -12.205 1.00 21.62 ? 161 ASN A N   1 
ATOM   974  C CA  . ASN A 1 122 ? 0.020   2.564   -13.561 1.00 22.26 ? 161 ASN A CA  1 
ATOM   975  C C   . ASN A 1 122 ? 0.974   1.370   -13.555 1.00 20.72 ? 161 ASN A C   1 
ATOM   976  O O   . ASN A 1 122 ? 1.914   1.345   -12.741 1.00 21.11 ? 161 ASN A O   1 
ATOM   977  C CB  . ASN A 1 122 ? 0.698   3.852   -14.013 1.00 23.43 ? 161 ASN A CB  1 
ATOM   978  C CG  . ASN A 1 122 ? -0.283  5.000   -14.112 1.00 25.84 ? 161 ASN A CG  1 
ATOM   979  O OD1 . ASN A 1 122 ? -1.420  4.803   -14.524 1.00 28.12 ? 161 ASN A OD1 1 
ATOM   980  N ND2 . ASN A 1 122 ? 0.150   6.186   -13.736 1.00 29.71 ? 161 ASN A ND2 1 
ATOM   981  N N   . SER A 1 123 ? 0.755   0.428   -14.466 1.00 21.32 ? 162 SER A N   1 
ATOM   982  C CA  . SER A 1 123 ? 1.651   -0.732  -14.657 1.00 22.48 ? 162 SER A CA  1 
ATOM   983  C C   . SER A 1 123 ? 3.072   -0.226  -14.939 1.00 20.15 ? 162 SER A C   1 
ATOM   984  O O   . SER A 1 123 ? 3.238   0.823   -15.607 1.00 20.13 ? 162 SER A O   1 
ATOM   985  C CB  . SER A 1 123 ? 1.148   -1.641  -15.736 1.00 25.70 ? 162 SER A CB  1 
ATOM   986  O OG  . SER A 1 123 ? 0.943   -0.916  -16.934 1.00 33.25 ? 162 SER A OG  1 
ATOM   987  N N   . LEU A 1 124 ? 4.047   -0.922  -14.361 1.00 19.14 ? 163 LEU A N   1 
ATOM   988  C CA  . LEU A 1 124 ? 5.505   -0.689  -14.492 1.00 19.70 ? 163 LEU A CA  1 
ATOM   989  C C   . LEU A 1 124 ? 5.924   0.622   -13.823 1.00 18.19 ? 163 LEU A C   1 
ATOM   990  O O   . LEU A 1 124 ? 7.039   1.083   -14.072 1.00 19.51 ? 163 LEU A O   1 
ATOM   991  C CB  . LEU A 1 124 ? 5.918   -0.748  -15.969 1.00 20.65 ? 163 LEU A CB  1 
ATOM   992  C CG  . LEU A 1 124 ? 5.627   -2.081  -16.665 1.00 23.07 ? 163 LEU A CG  1 
ATOM   993  C CD1 . LEU A 1 124 ? 6.199   -2.077  -18.077 1.00 24.17 ? 163 LEU A CD1 1 
ATOM   994  C CD2 . LEU A 1 124 ? 6.191   -3.254  -15.884 1.00 23.52 ? 163 LEU A CD2 1 
ATOM   995  N N   . HIS A 1 125 ? 5.100   1.171   -12.927 1.00 18.07 ? 164 HIS A N   1 
ATOM   996  C CA  . HIS A 1 125 ? 5.478   2.299   -12.049 1.00 17.35 ? 164 HIS A CA  1 
ATOM   997  C C   . HIS A 1 125 ? 5.625   1.789   -10.615 1.00 16.54 ? 164 HIS A C   1 
ATOM   998  O O   . HIS A 1 125 ? 4.896   0.837   -10.222 1.00 16.84 ? 164 HIS A O   1 
ATOM   999  C CB  . HIS A 1 125 ? 4.469   3.447   -12.154 1.00 18.20 ? 164 HIS A CB  1 
ATOM   1000 C CG  . HIS A 1 125 ? 4.409   4.078   -13.508 1.00 18.66 ? 164 HIS A CG  1 
ATOM   1001 N ND1 . HIS A 1 125 ? 3.979   3.403   -14.632 1.00 19.05 ? 164 HIS A ND1 1 
ATOM   1002 C CD2 . HIS A 1 125 ? 4.673   5.341   -13.907 1.00 20.36 ? 164 HIS A CD2 1 
ATOM   1003 C CE1 . HIS A 1 125 ? 4.026   4.222   -15.671 1.00 21.53 ? 164 HIS A CE1 1 
ATOM   1004 N NE2 . HIS A 1 125 ? 4.434   5.405   -15.250 1.00 21.62 ? 164 HIS A NE2 1 
ATOM   1005 N N   . LYS A 1 126 ? 6.540   2.405   -9.882  1.00 16.94 ? 165 LYS A N   1 
ATOM   1006 C CA  . LYS A 1 126 ? 6.832   2.023   -8.490  1.00 16.77 ? 165 LYS A CA  1 
ATOM   1007 C C   . LYS A 1 126 ? 6.011   2.894   -7.549  1.00 16.68 ? 165 LYS A C   1 
ATOM   1008 O O   . LYS A 1 126 ? 5.939   4.106   -7.764  1.00 16.81 ? 165 LYS A O   1 
ATOM   1009 C CB  . LYS A 1 126 ? 8.319   2.145   -8.192  1.00 19.10 ? 165 LYS A CB  1 
ATOM   1010 C CG  . LYS A 1 126 ? 8.738   1.693   -6.806  1.00 21.48 ? 165 LYS A CG  1 
ATOM   1011 C CD  . LYS A 1 126 ? 10.236  1.796   -6.590  1.00 25.01 ? 165 LYS A CD  1 
ATOM   1012 C CE  . LYS A 1 126 ? 11.001  0.741   -7.358  1.00 28.48 ? 165 LYS A CE  1 
ATOM   1013 N NZ  . LYS A 1 126 ? 12.424  0.695   -6.949  1.00 30.89 ? 165 LYS A NZ  1 
ATOM   1014 N N   . TYR A 1 127 ? 5.466   2.275   -6.509  1.00 16.03 ? 166 TYR A N   1 
ATOM   1015 C CA  . TYR A 1 127 ? 4.628   2.966   -5.508  1.00 17.30 ? 166 TYR A CA  1 
ATOM   1016 C C   . TYR A 1 127 ? 5.065   2.608   -4.099  1.00 17.46 ? 166 TYR A C   1 
ATOM   1017 O O   . TYR A 1 127 ? 5.567   1.496   -3.857  1.00 17.29 ? 166 TYR A O   1 
ATOM   1018 C CB  . TYR A 1 127 ? 3.174   2.563   -5.691  1.00 17.51 ? 166 TYR A CB  1 
ATOM   1019 C CG  . TYR A 1 127 ? 2.610   3.038   -6.999  1.00 17.83 ? 166 TYR A CG  1 
ATOM   1020 C CD1 . TYR A 1 127 ? 2.129   4.326   -7.119  1.00 17.74 ? 166 TYR A CD1 1 
ATOM   1021 C CD2 . TYR A 1 127 ? 2.599   2.218   -8.110  1.00 17.16 ? 166 TYR A CD2 1 
ATOM   1022 C CE1 . TYR A 1 127 ? 1.613   4.789   -8.315  1.00 18.84 ? 166 TYR A CE1 1 
ATOM   1023 C CE2 . TYR A 1 127 ? 2.085   2.663   -9.311  1.00 17.96 ? 166 TYR A CE2 1 
ATOM   1024 C CZ  . TYR A 1 127 ? 1.596   3.952   -9.414  1.00 18.76 ? 166 TYR A CZ  1 
ATOM   1025 O OH  . TYR A 1 127 ? 1.086   4.412   -10.602 1.00 20.59 ? 166 TYR A OH  1 
ATOM   1026 N N   . GLU A 1 128 ? 4.878   3.557   -3.177  0.68 17.30 ? 167 GLU A N   1 
ATOM   1027 C CA  . GLU A 1 128 ? 5.107   3.358   -1.723  0.68 17.58 ? 167 GLU A CA  1 
ATOM   1028 C C   . GLU A 1 128 ? 3.787   3.559   -0.985  0.68 17.16 ? 167 GLU A C   1 
ATOM   1029 O O   . GLU A 1 128 ? 3.240   4.664   -0.992  0.68 17.17 ? 167 GLU A O   1 
ATOM   1030 C CB  . GLU A 1 128 ? 6.174   4.318   -1.201  0.68 18.51 ? 167 GLU A CB  1 
ATOM   1031 C CG  . GLU A 1 128 ? 6.521   4.080   0.259   0.68 19.52 ? 167 GLU A CG  1 
ATOM   1032 C CD  . GLU A 1 128 ? 7.857   4.645   0.713   0.68 20.63 ? 167 GLU A CD  1 
ATOM   1033 O OE1 . GLU A 1 128 ? 8.049   4.783   1.938   0.68 20.98 ? 167 GLU A OE1 1 
ATOM   1034 O OE2 . GLU A 1 128 ? 8.718   4.931   -0.153  0.68 21.86 ? 167 GLU A OE2 1 
ATOM   1035 N N   . PRO A 1 129 ? 3.224   2.498   -0.364  1.00 17.10 ? 168 PRO A N   1 
ATOM   1036 C CA  . PRO A 1 129 ? 2.064   2.641   0.507   1.00 16.34 ? 168 PRO A CA  1 
ATOM   1037 C C   . PRO A 1 129 ? 2.247   3.690   1.610   1.00 15.43 ? 168 PRO A C   1 
ATOM   1038 O O   . PRO A 1 129 ? 3.337   3.867   2.164   1.00 15.56 ? 168 PRO A O   1 
ATOM   1039 C CB  . PRO A 1 129 ? 1.897   1.246   1.115   1.00 16.42 ? 168 PRO A CB  1 
ATOM   1040 C CG  . PRO A 1 129 ? 2.462   0.330   0.050   1.00 17.20 ? 168 PRO A CG  1 
ATOM   1041 C CD  . PRO A 1 129 ? 3.640   1.090   -0.514  1.00 16.69 ? 168 PRO A CD  1 
ATOM   1042 N N   . ARG A 1 130 ? 1.146   4.371   1.885   1.00 15.62 ? 169 ARG A N   1 
ATOM   1043 C CA  . ARG A 1 130 ? 1.063   5.459   2.881   1.00 15.84 ? 169 ARG A CA  1 
ATOM   1044 C C   . ARG A 1 130 ? -0.246  5.319   3.646   1.00 16.41 ? 169 ARG A C   1 
ATOM   1045 O O   . ARG A 1 130 ? -1.276  5.128   3.015   1.00 16.94 ? 169 ARG A O   1 
ATOM   1046 C CB  . ARG A 1 130 ? 1.149   6.802   2.161   1.00 16.26 ? 169 ARG A CB  1 
ATOM   1047 C CG  . ARG A 1 130 ? 0.992   7.995   3.088   1.00 17.26 ? 169 ARG A CG  1 
ATOM   1048 C CD  . ARG A 1 130 ? 1.383   9.289   2.425   1.00 17.44 ? 169 ARG A CD  1 
ATOM   1049 N NE  . ARG A 1 130 ? 0.522   9.560   1.290   1.00 16.40 ? 169 ARG A NE  1 
ATOM   1050 C CZ  . ARG A 1 130 ? 0.642   10.604  0.496   1.00 18.22 ? 169 ARG A CZ  1 
ATOM   1051 N NH1 . ARG A 1 130 ? 1.634   11.463  0.687   1.00 19.41 ? 169 ARG A NH1 1 
ATOM   1052 N NH2 . ARG A 1 130 ? -0.221  10.770  -0.495  1.00 20.14 ? 169 ARG A NH2 1 
ATOM   1053 N N   . ILE A 1 131 ? -0.186  5.375   4.970   1.00 15.85 ? 170 ILE A N   1 
ATOM   1054 C CA  . ILE A 1 131 ? -1.410  5.315   5.803   1.00 16.22 ? 170 ILE A CA  1 
ATOM   1055 C C   . ILE A 1 131 ? -1.601  6.670   6.461   1.00 15.54 ? 170 ILE A C   1 
ATOM   1056 O O   . ILE A 1 131 ? -0.631  7.221   6.987   1.00 16.55 ? 170 ILE A O   1 
ATOM   1057 C CB  . ILE A 1 131 ? -1.349  4.170   6.824   1.00 17.06 ? 170 ILE A CB  1 
ATOM   1058 C CG1 . ILE A 1 131 ? -1.436  2.830   6.084   1.00 17.33 ? 170 ILE A CG1 1 
ATOM   1059 C CG2 . ILE A 1 131 ? -2.435  4.335   7.885   1.00 17.70 ? 170 ILE A CG2 1 
ATOM   1060 C CD1 . ILE A 1 131 ? -1.034  1.646   6.926   1.00 19.28 ? 170 ILE A CD1 1 
ATOM   1061 N N   . HIS A 1 132 ? -2.828  7.168   6.407   1.00 15.82 ? 171 HIS A N   1 
ATOM   1062 C CA  . HIS A 1 132 ? -3.266  8.419   7.054   1.00 15.51 ? 171 HIS A CA  1 
ATOM   1063 C C   . HIS A 1 132 ? -4.193  8.090   8.213   1.00 15.86 ? 171 HIS A C   1 
ATOM   1064 O O   . HIS A 1 132 ? -5.048  7.216   8.064   1.00 16.66 ? 171 HIS A O   1 
ATOM   1065 C CB  . HIS A 1 132 ? -4.018  9.314   6.083   1.00 16.10 ? 171 HIS A CB  1 
ATOM   1066 C CG  . HIS A 1 132 ? -3.328  9.492   4.780   1.00 17.17 ? 171 HIS A CG  1 
ATOM   1067 N ND1 . HIS A 1 132 ? -2.320  10.399  4.625   1.00 16.99 ? 171 HIS A ND1 1 
ATOM   1068 C CD2 . HIS A 1 132 ? -3.494  8.887   3.587   1.00 20.03 ? 171 HIS A CD2 1 
ATOM   1069 C CE1 . HIS A 1 132 ? -1.883  10.364  3.377   1.00 18.12 ? 171 HIS A CE1 1 
ATOM   1070 N NE2 . HIS A 1 132 ? -2.598  9.457   2.712   1.00 20.13 ? 171 HIS A NE2 1 
ATOM   1071 N N   . ILE A 1 133 ? -4.059  8.835   9.293   1.00 15.44 ? 172 ILE A N   1 
ATOM   1072 C CA  . ILE A 1 133 ? -4.979  8.761   10.457  1.00 15.70 ? 172 ILE A CA  1 
ATOM   1073 C C   . ILE A 1 133 ? -5.639  10.123  10.585  1.00 16.58 ? 172 ILE A C   1 
ATOM   1074 O O   . ILE A 1 133 ? -4.908  11.099  10.789  1.00 16.02 ? 172 ILE A O   1 
ATOM   1075 C CB  . ILE A 1 133 ? -4.235  8.339   11.729  1.00 16.16 ? 172 ILE A CB  1 
ATOM   1076 C CG1 . ILE A 1 133 ? -3.538  6.989   11.530  1.00 16.27 ? 172 ILE A CG1 1 
ATOM   1077 C CG2 . ILE A 1 133 ? -5.201  8.301   12.900  1.00 16.07 ? 172 ILE A CG2 1 
ATOM   1078 C CD1 . ILE A 1 133 ? -2.673  6.562   12.689  1.00 17.70 ? 172 ILE A CD1 1 
ATOM   1079 N N   . VAL A 1 134 ? -6.951  10.173  10.417  1.00 17.03 ? 173 VAL A N   1 
ATOM   1080 C CA  . VAL A 1 134 ? -7.739  11.437  10.386  1.00 17.47 ? 173 VAL A CA  1 
ATOM   1081 C C   . VAL A 1 134 ? -8.576  11.484  11.660  1.00 18.06 ? 173 VAL A C   1 
ATOM   1082 O O   . VAL A 1 134 ? -9.334  10.502  11.922  1.00 18.98 ? 173 VAL A O   1 
ATOM   1083 C CB  . VAL A 1 134 ? -8.625  11.494  9.133   1.00 19.49 ? 173 VAL A CB  1 
ATOM   1084 C CG1 . VAL A 1 134 ? -9.481  12.741  9.088   1.00 21.71 ? 173 VAL A CG1 1 
ATOM   1085 C CG2 . VAL A 1 134 ? -7.814  11.377  7.862   1.00 20.71 ? 173 VAL A CG2 1 
ATOM   1086 N N   . ARG A 1 135 ? -8.456  12.556  12.433  1.00 17.38 ? 174 ARG A N   1 
ATOM   1087 C CA  . ARG A 1 135 ? -9.254  12.699  13.673  1.00 17.92 ? 174 ARG A CA  1 
ATOM   1088 C C   . ARG A 1 135 ? -10.686 13.137  13.343  1.00 18.18 ? 174 ARG A C   1 
ATOM   1089 O O   . ARG A 1 135 ? -10.901 14.095  12.579  1.00 20.74 ? 174 ARG A O   1 
ATOM   1090 C CB  . ARG A 1 135 ? -8.597  13.674  14.640  1.00 18.69 ? 174 ARG A CB  1 
ATOM   1091 C CG  . ARG A 1 135 ? -9.266  13.654  16.002  1.00 20.18 ? 174 ARG A CG  1 
ATOM   1092 C CD  . ARG A 1 135 ? -8.327  14.213  17.044  1.00 22.65 ? 174 ARG A CD  1 
ATOM   1093 N NE  . ARG A 1 135 ? -7.894  15.545  16.669  1.00 23.69 ? 174 ARG A NE  1 
ATOM   1094 C CZ  . ARG A 1 135 ? -6.932  16.228  17.275  1.00 25.40 ? 174 ARG A CZ  1 
ATOM   1095 N NH1 . ARG A 1 135 ? -6.630  17.444  16.854  1.00 24.24 ? 174 ARG A NH1 1 
ATOM   1096 N NH2 . ARG A 1 135 ? -6.237  15.679  18.262  1.00 29.57 ? 174 ARG A NH2 1 
ATOM   1097 N N   . VAL A 1 136 ? -11.640 12.413  13.906  1.00 18.46 ? 175 VAL A N   1 
ATOM   1098 C CA  . VAL A 1 136 ? -13.093 12.645  13.691  1.00 18.19 ? 175 VAL A CA  1 
ATOM   1099 C C   . VAL A 1 136 ? -13.567 13.827  14.540  1.00 18.82 ? 175 VAL A C   1 
ATOM   1100 O O   . VAL A 1 136 ? -13.150 13.931  15.696  1.00 18.60 ? 175 VAL A O   1 
ATOM   1101 C CB  . VAL A 1 136 ? -13.854 11.352  14.014  1.00 18.78 ? 175 VAL A CB  1 
ATOM   1102 C CG1 . VAL A 1 136 ? -15.356 11.572  14.051  1.00 19.58 ? 175 VAL A CG1 1 
ATOM   1103 C CG2 . VAL A 1 136 ? -13.457 10.240  13.052  1.00 19.83 ? 175 VAL A CG2 1 
ATOM   1104 N N   . GLY A 1 137 ? -14.415 14.680  13.962  1.00 20.91 ? 176 GLY A N   1 
ATOM   1105 C CA  . GLY A 1 137 ? -15.126 15.769  14.670  1.00 22.39 ? 176 GLY A CA  1 
ATOM   1106 C C   . GLY A 1 137 ? -14.195 16.912  15.035  1.00 22.92 ? 176 GLY A C   1 
ATOM   1107 O O   . GLY A 1 137 ? -14.452 17.622  16.024  1.00 25.58 ? 176 GLY A O   1 
ATOM   1108 N N   . ASP A 1 138 ? -13.124 17.073  14.268  1.00 21.16 ? 177 ASP A N   1 
ATOM   1109 C CA  . ASP A 1 138 ? -12.032 18.025  14.565  1.00 19.81 ? 177 ASP A CA  1 
ATOM   1110 C C   . ASP A 1 138 ? -12.163 19.205  13.613  1.00 19.08 ? 177 ASP A C   1 
ATOM   1111 O O   . ASP A 1 138 ? -12.036 19.038  12.403  1.00 18.88 ? 177 ASP A O   1 
ATOM   1112 C CB  . ASP A 1 138 ? -10.676 17.348  14.379  1.00 19.95 ? 177 ASP A CB  1 
ATOM   1113 C CG  . ASP A 1 138 ? -9.508  18.251  14.700  1.00 21.22 ? 177 ASP A CG  1 
ATOM   1114 O OD1 . ASP A 1 138 ? -9.734  19.410  15.111  1.00 20.73 ? 177 ASP A OD1 1 
ATOM   1115 O OD2 . ASP A 1 138 ? -8.376  17.794  14.534  1.00 22.40 ? 177 ASP A OD2 1 
ATOM   1116 N N   . PRO A 1 139 ? -12.418 20.439  14.107  1.00 19.55 ? 178 PRO A N   1 
ATOM   1117 C CA  . PRO A 1 139 ? -12.494 21.594  13.217  1.00 19.09 ? 178 PRO A CA  1 
ATOM   1118 C C   . PRO A 1 139 ? -11.194 21.864  12.445  1.00 18.59 ? 178 PRO A C   1 
ATOM   1119 O O   . PRO A 1 139 ? -11.262 22.459  11.397  1.00 18.96 ? 178 PRO A O   1 
ATOM   1120 C CB  . PRO A 1 139 ? -12.850 22.776  14.128  1.00 20.94 ? 178 PRO A CB  1 
ATOM   1121 C CG  . PRO A 1 139 ? -12.635 22.289  15.536  1.00 22.82 ? 178 PRO A CG  1 
ATOM   1122 C CD  . PRO A 1 139 ? -12.719 20.782  15.503  1.00 20.30 ? 178 PRO A CD  1 
ATOM   1123 N N   . GLN A 1 140 ? -10.061 21.368  12.950  1.00 16.63 ? 179 GLN A N   1 
ATOM   1124 C CA  . GLN A 1 140 ? -8.742  21.514  12.281  1.00 17.08 ? 179 GLN A CA  1 
ATOM   1125 C C   . GLN A 1 140 ? -8.454  20.352  11.332  1.00 17.91 ? 179 GLN A C   1 
ATOM   1126 O O   . GLN A 1 140 ? -7.448  20.399  10.600  1.00 17.94 ? 179 GLN A O   1 
ATOM   1127 C CB  . GLN A 1 140 ? -7.659  21.623  13.339  1.00 17.87 ? 179 GLN A CB  1 
ATOM   1128 C CG  . GLN A 1 140 ? -7.813  22.859  14.205  1.00 18.55 ? 179 GLN A CG  1 
ATOM   1129 C CD  . GLN A 1 140 ? -6.570  23.047  15.033  1.00 19.91 ? 179 GLN A CD  1 
ATOM   1130 O OE1 . GLN A 1 140 ? -5.775  23.953  14.799  1.00 24.59 ? 179 GLN A OE1 1 
ATOM   1131 N NE2 . GLN A 1 140 ? -6.379  22.173  16.002  1.00 19.47 ? 179 GLN A NE2 1 
ATOM   1132 N N   . ARG A 1 141 ? -9.335  19.347  11.332  0.68 19.13 ? 180 ARG A N   1 
ATOM   1133 C CA  . ARG A 1 141 ? -9.252  18.141  10.462  0.68 20.46 ? 180 ARG A CA  1 
ATOM   1134 C C   . ARG A 1 141 ? -7.838  17.561  10.550  0.68 19.85 ? 180 ARG A C   1 
ATOM   1135 O O   . ARG A 1 141 ? -7.230  17.263  9.502   0.68 18.83 ? 180 ARG A O   1 
ATOM   1136 C CB  . ARG A 1 141 ? -9.668  18.466  9.024   0.68 23.37 ? 180 ARG A CB  1 
ATOM   1137 C CG  . ARG A 1 141 ? -11.158 18.741  8.871   0.68 26.65 ? 180 ARG A CG  1 
ATOM   1138 C CD  . ARG A 1 141 ? -11.482 20.220  8.858   0.68 29.94 ? 180 ARG A CD  1 
ATOM   1139 N NE  . ARG A 1 141 ? -11.593 20.720  7.494   0.68 31.72 ? 180 ARG A NE  1 
ATOM   1140 C CZ  . ARG A 1 141 ? -12.720 20.771  6.782   0.68 34.35 ? 180 ARG A CZ  1 
ATOM   1141 N NH1 . ARG A 1 141 ? -12.691 21.245  5.548   0.68 36.61 ? 180 ARG A NH1 1 
ATOM   1142 N NH2 . ARG A 1 141 ? -13.868 20.362  7.297   0.68 35.95 ? 180 ARG A NH2 1 
ATOM   1143 N N   . MET A 1 142 ? -7.339  17.383  11.773  0.68 19.40 ? 181 MET A N   1 
ATOM   1144 C CA  . MET A 1 142 ? -5.974  16.856  12.009  0.68 19.72 ? 181 MET A CA  1 
ATOM   1145 C C   . MET A 1 142 ? -5.810  15.545  11.239  0.68 18.20 ? 181 MET A C   1 
ATOM   1146 O O   . MET A 1 142 ? -6.728  14.699  11.252  0.68 17.63 ? 181 MET A O   1 
ATOM   1147 C CB  . MET A 1 142 ? -5.702  16.625  13.495  0.68 21.60 ? 181 MET A CB  1 
ATOM   1148 C CG  . MET A 1 142 ? -4.273  16.221  13.787  0.68 23.29 ? 181 MET A CG  1 
ATOM   1149 S SD  . MET A 1 142 ? -4.077  15.879  15.539  0.68 26.71 ? 181 MET A SD  1 
ATOM   1150 C CE  . MET A 1 142 ? -2.305  15.658  15.664  0.68 26.39 ? 181 MET A CE  1 
ATOM   1151 N N   . ILE A 1 143 ? -4.677  15.412  10.559  0.68 16.48 ? 182 ILE A N   1 
ATOM   1152 C CA  . ILE A 1 143 ? -4.308  14.180  9.812   0.68 15.96 ? 182 ILE A CA  1 
ATOM   1153 C C   . ILE A 1 143 ? -2.822  13.928  10.057  0.68 16.21 ? 182 ILE A C   1 
ATOM   1154 O O   . ILE A 1 143 ? -2.035  14.895  10.073  0.68 15.14 ? 182 ILE A O   1 
ATOM   1155 C CB  . ILE A 1 143 ? -4.663  14.305  8.318   0.68 15.48 ? 182 ILE A CB  1 
ATOM   1156 C CG1 . ILE A 1 143 ? -4.265  13.051  7.533   0.68 15.60 ? 182 ILE A CG1 1 
ATOM   1157 C CG2 . ILE A 1 143 ? -4.060  15.570  7.725   0.68 14.91 ? 182 ILE A CG2 1 
ATOM   1158 C CD1 . ILE A 1 143 ? -4.906  12.942  6.162   0.68 15.74 ? 182 ILE A CD1 1 
ATOM   1159 N N   . THR A 1 144 ? -2.474  12.668  10.296  0.68 16.39 ? 183 THR A N   1 
ATOM   1160 C CA  . THR A 1 144 ? -1.074  12.214  10.428  0.68 16.67 ? 183 THR A CA  1 
ATOM   1161 C C   . THR A 1 144 ? -0.839  11.137  9.378   0.68 16.25 ? 183 THR A C   1 
ATOM   1162 O O   . THR A 1 144 ? -1.672  10.216  9.279   0.68 15.78 ? 183 THR A O   1 
ATOM   1163 C CB  . THR A 1 144 ? -0.759  11.722  11.843  0.68 17.59 ? 183 THR A CB  1 
ATOM   1164 O OG1 . THR A 1 144 ? -1.171  12.731  12.766  0.68 18.91 ? 183 THR A OG1 1 
ATOM   1165 C CG2 . THR A 1 144 ? 0.709   11.431  12.042  0.68 18.24 ? 183 THR A CG2 1 
ATOM   1166 N N   . SER A 1 145 ? 0.243   11.275  8.618   0.68 15.45 ? 184 SER A N   1 
ATOM   1167 C CA  . SER A 1 145 ? 0.573   10.384  7.482   0.68 15.46 ? 184 SER A CA  1 
ATOM   1168 C C   . SER A 1 145 ? 1.946   9.748   7.704   0.68 15.11 ? 184 SER A C   1 
ATOM   1169 O O   . SER A 1 145 ? 2.858   10.444  8.180   0.68 15.24 ? 184 SER A O   1 
ATOM   1170 C CB  . SER A 1 145 ? 0.518   11.126  6.183   0.68 15.17 ? 184 SER A CB  1 
ATOM   1171 O OG  . SER A 1 145 ? -0.672  11.897  6.083   0.68 15.83 ? 184 SER A OG  1 
ATOM   1172 N N   . HIS A 1 146 ? 2.061   8.461   7.375   0.68 15.57 ? 185 HIS A N   1 
ATOM   1173 C CA  . HIS A 1 146 ? 3.315   7.669   7.429   0.68 15.71 ? 185 HIS A CA  1 
ATOM   1174 C C   . HIS A 1 146 ? 3.439   6.881   6.129   0.68 15.63 ? 185 HIS A C   1 
ATOM   1175 O O   . HIS A 1 146 ? 2.439   6.320   5.680   0.68 15.66 ? 185 HIS A O   1 
ATOM   1176 C CB  . HIS A 1 146 ? 3.323   6.676   8.600   0.68 16.05 ? 185 HIS A CB  1 
ATOM   1177 C CG  . HIS A 1 146 ? 3.443   7.281   9.960   0.68 16.97 ? 185 HIS A CG  1 
ATOM   1178 N ND1 . HIS A 1 146 ? 2.345   7.760   10.641  0.68 17.06 ? 185 HIS A ND1 1 
ATOM   1179 C CD2 . HIS A 1 146 ? 4.499   7.434   10.790  0.68 17.36 ? 185 HIS A CD2 1 
ATOM   1180 C CE1 . HIS A 1 146 ? 2.721   8.202   11.825  0.68 17.76 ? 185 HIS A CE1 1 
ATOM   1181 N NE2 . HIS A 1 146 ? 4.037   8.019   11.940  0.68 18.57 ? 185 HIS A NE2 1 
ATOM   1182 N N   A CYS A 1 147 ? 4.637   6.796   5.568   0.34 16.42 ? 186 CYS A N   1 
ATOM   1183 N N   B CYS A 1 147 ? 4.677   6.799   5.603   0.34 16.95 ? 186 CYS A N   1 
ATOM   1184 C CA  A CYS A 1 147 ? 4.932   5.829   4.489   0.34 17.53 ? 186 CYS A CA  1 
ATOM   1185 C CA  B CYS A 1 147 ? 5.064   5.891   4.493   0.34 18.38 ? 186 CYS A CA  1 
ATOM   1186 C C   A CYS A 1 147 ? 5.667   4.637   5.102   0.34 17.65 ? 186 CYS A C   1 
ATOM   1187 C C   B CYS A 1 147 ? 5.811   4.686   5.062   0.34 18.20 ? 186 CYS A C   1 
ATOM   1188 O O   A CYS A 1 147 ? 6.129   4.733   6.253   0.34 18.09 ? 186 CYS A O   1 
ATOM   1189 O O   B CYS A 1 147 ? 6.472   4.835   6.100   0.34 18.43 ? 186 CYS A O   1 
ATOM   1190 C CB  A CYS A 1 147 ? 5.741   6.469   3.373   0.34 18.72 ? 186 CYS A CB  1 
ATOM   1191 C CB  B CYS A 1 147 ? 5.959   6.587   3.479   0.34 20.12 ? 186 CYS A CB  1 
ATOM   1192 S SG  A CYS A 1 147 ? 7.284   7.199   3.969   0.34 20.84 ? 186 CYS A SG  1 
ATOM   1193 S SG  B CYS A 1 147 ? 5.140   7.956   2.629   0.34 23.46 ? 186 CYS A SG  1 
ATOM   1194 N N   . PHE A 1 148 ? 5.741   3.541   4.357   0.68 17.93 ? 187 PHE A N   1 
ATOM   1195 C CA  . PHE A 1 148 ? 6.385   2.279   4.796   0.68 17.89 ? 187 PHE A CA  1 
ATOM   1196 C C   . PHE A 1 148 ? 7.376   1.874   3.716   0.68 17.80 ? 187 PHE A C   1 
ATOM   1197 O O   . PHE A 1 148 ? 6.999   1.201   2.763   0.68 17.39 ? 187 PHE A O   1 
ATOM   1198 C CB  . PHE A 1 148 ? 5.313   1.235   5.104   0.68 17.98 ? 187 PHE A CB  1 
ATOM   1199 C CG  . PHE A 1 148 ? 4.298   1.749   6.089   0.68 17.94 ? 187 PHE A CG  1 
ATOM   1200 C CD1 . PHE A 1 148 ? 4.527   1.672   7.455   0.68 17.88 ? 187 PHE A CD1 1 
ATOM   1201 C CD2 . PHE A 1 148 ? 3.154   2.388   5.643   0.68 18.24 ? 187 PHE A CD2 1 
ATOM   1202 C CE1 . PHE A 1 148 ? 3.610   2.195   8.353   0.68 17.96 ? 187 PHE A CE1 1 
ATOM   1203 C CE2 . PHE A 1 148 ? 2.237   2.907   6.541   0.68 18.27 ? 187 PHE A CE2 1 
ATOM   1204 C CZ  . PHE A 1 148 ? 2.466   2.806   7.894   0.68 17.64 ? 187 PHE A CZ  1 
ATOM   1205 N N   . PRO A 1 149 ? 8.650   2.321   3.796   1.00 18.09 ? 188 PRO A N   1 
ATOM   1206 C CA  . PRO A 1 149 ? 9.609   2.066   2.722   1.00 17.80 ? 188 PRO A CA  1 
ATOM   1207 C C   . PRO A 1 149 ? 9.813   0.581   2.415   1.00 18.06 ? 188 PRO A C   1 
ATOM   1208 O O   . PRO A 1 149 ? 10.100  0.268   1.268   1.00 16.93 ? 188 PRO A O   1 
ATOM   1209 C CB  . PRO A 1 149 ? 10.905  2.718   3.209   1.00 18.94 ? 188 PRO A CB  1 
ATOM   1210 C CG  . PRO A 1 149 ? 10.717  2.948   4.692   1.00 21.37 ? 188 PRO A CG  1 
ATOM   1211 C CD  . PRO A 1 149 ? 9.231   3.093   4.920   1.00 18.44 ? 188 PRO A CD  1 
ATOM   1212 N N   . GLU A 1 150 ? 9.622   -0.281  3.409   1.00 18.27 ? 189 GLU A N   1 
ATOM   1213 C CA  . GLU A 1 150 ? 9.795   -1.748  3.229   1.00 17.79 ? 189 GLU A CA  1 
ATOM   1214 C C   . GLU A 1 150 ? 8.761   -2.283  2.236   1.00 17.89 ? 189 GLU A C   1 
ATOM   1215 O O   . GLU A 1 150 ? 8.951   -3.396  1.731   1.00 17.49 ? 189 GLU A O   1 
ATOM   1216 C CB  . GLU A 1 150 ? 9.652   -2.493  4.557   1.00 19.52 ? 189 GLU A CB  1 
ATOM   1217 C CG  . GLU A 1 150 ? 10.667  -2.065  5.606   1.00 20.69 ? 189 GLU A CG  1 
ATOM   1218 C CD  . GLU A 1 150 ? 10.211  -0.973  6.555   1.00 22.18 ? 189 GLU A CD  1 
ATOM   1219 O OE1 . GLU A 1 150 ? 10.853  -0.812  7.612   1.00 25.84 ? 189 GLU A OE1 1 
ATOM   1220 O OE2 . GLU A 1 150 ? 9.233   -0.281  6.236   1.00 20.71 ? 189 GLU A OE2 1 
ATOM   1221 N N   . THR A 1 151 ? 7.675   -1.555  1.992   1.00 16.35 ? 190 THR A N   1 
ATOM   1222 C CA  . THR A 1 151 ? 6.501   -2.070  1.249   1.00 16.27 ? 190 THR A CA  1 
ATOM   1223 C C   . THR A 1 151 ? 6.456   -1.524  -0.180  1.00 16.30 ? 190 THR A C   1 
ATOM   1224 O O   . THR A 1 151 ? 5.474   -1.801  -0.850  1.00 16.36 ? 190 THR A O   1 
ATOM   1225 C CB  . THR A 1 151 ? 5.203   -1.752  1.999   1.00 17.09 ? 190 THR A CB  1 
ATOM   1226 O OG1 . THR A 1 151 ? 4.917   -0.355  1.912   1.00 17.21 ? 190 THR A OG1 1 
ATOM   1227 C CG2 . THR A 1 151 ? 5.263   -2.190  3.450   1.00 16.95 ? 190 THR A CG2 1 
ATOM   1228 N N   . GLN A 1 152 ? 7.491   -0.826  -0.640  1.00 16.60 ? 191 GLN A N   1 
ATOM   1229 C CA  . GLN A 1 152 ? 7.576   -0.333  -2.036  1.00 16.70 ? 191 GLN A CA  1 
ATOM   1230 C C   . GLN A 1 152 ? 7.394   -1.515  -2.991  1.00 16.07 ? 191 GLN A C   1 
ATOM   1231 O O   . GLN A 1 152 ? 7.955   -2.601  -2.722  1.00 16.76 ? 191 GLN A O   1 
ATOM   1232 C CB  . GLN A 1 152 ? 8.927   0.322   -2.303  1.00 19.80 ? 191 GLN A CB  1 
ATOM   1233 C CG  . GLN A 1 152 ? 9.098   1.643   -1.581  1.00 22.22 ? 191 GLN A CG  1 
ATOM   1234 C CD  . GLN A 1 152 ? 10.533  2.091   -1.612  1.00 26.74 ? 191 GLN A CD  1 
ATOM   1235 O OE1 . GLN A 1 152 ? 11.404  1.431   -2.191  1.00 30.44 ? 191 GLN A OE1 1 
ATOM   1236 N NE2 . GLN A 1 152 ? 10.788  3.213   -0.959  1.00 31.21 ? 191 GLN A NE2 1 
ATOM   1237 N N   . PHE A 1 153 ? 6.671   -1.306  -4.080  1.00 15.61 ? 192 PHE A N   1 
ATOM   1238 C CA  . PHE A 1 153 ? 6.491   -2.345  -5.118  1.00 15.53 ? 192 PHE A CA  1 
ATOM   1239 C C   . PHE A 1 153 ? 6.310   -1.684  -6.477  1.00 15.81 ? 192 PHE A C   1 
ATOM   1240 O O   . PHE A 1 153 ? 5.939   -0.489  -6.573  1.00 15.63 ? 192 PHE A O   1 
ATOM   1241 C CB  . PHE A 1 153 ? 5.297   -3.232  -4.764  1.00 15.89 ? 192 PHE A CB  1 
ATOM   1242 C CG  . PHE A 1 153 ? 3.980   -2.501  -4.761  1.00 15.50 ? 192 PHE A CG  1 
ATOM   1243 C CD1 . PHE A 1 153 ? 3.263   -2.337  -5.936  1.00 15.76 ? 192 PHE A CD1 1 
ATOM   1244 C CD2 . PHE A 1 153 ? 3.469   -1.938  -3.600  1.00 16.38 ? 192 PHE A CD2 1 
ATOM   1245 C CE1 . PHE A 1 153 ? 2.060   -1.642  -5.952  1.00 16.89 ? 192 PHE A CE1 1 
ATOM   1246 C CE2 . PHE A 1 153 ? 2.257   -1.259  -3.614  1.00 17.06 ? 192 PHE A CE2 1 
ATOM   1247 C CZ  . PHE A 1 153 ? 1.550   -1.120  -4.781  1.00 17.35 ? 192 PHE A CZ  1 
ATOM   1248 N N   . ILE A 1 154 ? 6.523   -2.474  -7.526  1.00 15.52 ? 193 ILE A N   1 
ATOM   1249 C CA  . ILE A 1 154 ? 6.165   -2.089  -8.910  1.00 16.53 ? 193 ILE A CA  1 
ATOM   1250 C C   . ILE A 1 154 ? 4.832   -2.750  -9.245  1.00 15.99 ? 193 ILE A C   1 
ATOM   1251 O O   . ILE A 1 154 ? 4.694   -3.976  -9.029  1.00 16.89 ? 193 ILE A O   1 
ATOM   1252 C CB  . ILE A 1 154 ? 7.289   -2.479  -9.880  1.00 16.87 ? 193 ILE A CB  1 
ATOM   1253 C CG1 . ILE A 1 154 ? 8.584   -1.777  -9.455  1.00 17.66 ? 193 ILE A CG1 1 
ATOM   1254 C CG2 . ILE A 1 154 ? 6.866   -2.160  -11.302 1.00 18.02 ? 193 ILE A CG2 1 
ATOM   1255 C CD1 . ILE A 1 154 ? 9.793   -2.139  -10.262 1.00 18.79 ? 193 ILE A CD1 1 
ATOM   1256 N N   . ALA A 1 155 ? 3.858   -1.973  -9.712  1.00 16.66 ? 194 ALA A N   1 
ATOM   1257 C CA  . ALA A 1 155 ? 2.580   -2.495  -10.230 1.00 18.02 ? 194 ALA A CA  1 
ATOM   1258 C C   . ALA A 1 155 ? 2.876   -3.202  -11.550 1.00 18.69 ? 194 ALA A C   1 
ATOM   1259 O O   . ALA A 1 155 ? 3.654   -2.642  -12.347 1.00 19.71 ? 194 ALA A O   1 
ATOM   1260 C CB  . ALA A 1 155 ? 1.583   -1.386  -10.420 1.00 18.55 ? 194 ALA A CB  1 
ATOM   1261 N N   . VAL A 1 156 ? 2.300   -4.376  -11.756 1.00 18.61 ? 195 VAL A N   1 
ATOM   1262 C CA  . VAL A 1 156 ? 2.527   -5.161  -13.007 1.00 18.49 ? 195 VAL A CA  1 
ATOM   1263 C C   . VAL A 1 156 ? 1.203   -5.804  -13.419 1.00 19.77 ? 195 VAL A C   1 
ATOM   1264 O O   . VAL A 1 156 ? 0.379   -6.073  -12.530 1.00 20.89 ? 195 VAL A O   1 
ATOM   1265 C CB  . VAL A 1 156 ? 3.633   -6.214  -12.827 1.00 18.54 ? 195 VAL A CB  1 
ATOM   1266 C CG1 . VAL A 1 156 ? 4.976   -5.585  -12.506 1.00 18.94 ? 195 VAL A CG1 1 
ATOM   1267 C CG2 . VAL A 1 156 ? 3.269   -7.266  -11.787 1.00 18.24 ? 195 VAL A CG2 1 
ATOM   1268 N N   . THR A 1 157 ? 1.000   -6.059  -14.714 1.00 21.15 ? 196 THR A N   1 
ATOM   1269 C CA  . THR A 1 157 ? -0.188  -6.819  -15.189 1.00 22.54 ? 196 THR A CA  1 
ATOM   1270 C C   . THR A 1 157 ? 0.096   -8.320  -15.072 1.00 22.64 ? 196 THR A C   1 
ATOM   1271 O O   . THR A 1 157 ? -0.859  -9.110  -15.109 1.00 25.00 ? 196 THR A O   1 
ATOM   1272 C CB  . THR A 1 157 ? -0.586  -6.406  -16.608 1.00 24.65 ? 196 THR A CB  1 
ATOM   1273 O OG1 . THR A 1 157 ? 0.514   -6.725  -17.455 1.00 26.55 ? 196 THR A OG1 1 
ATOM   1274 C CG2 . THR A 1 157 ? -0.920  -4.937  -16.702 1.00 25.83 ? 196 THR A CG2 1 
ATOM   1275 N N   . ALA A 1 158 ? 1.361   -8.690  -14.901 1.00 21.67 ? 197 ALA A N   1 
ATOM   1276 C CA  . ALA A 1 158 ? 1.846   -10.078 -14.795 1.00 21.51 ? 197 ALA A CA  1 
ATOM   1277 C C   . ALA A 1 158 ? 3.220   -10.036 -14.142 1.00 21.10 ? 197 ALA A C   1 
ATOM   1278 O O   . ALA A 1 158 ? 4.000   -9.102  -14.438 1.00 20.70 ? 197 ALA A O   1 
ATOM   1279 C CB  . ALA A 1 158 ? 1.897   -10.728 -16.161 1.00 22.28 ? 197 ALA A CB  1 
ATOM   1280 N N   . TYR A 1 159 ? 3.533   -10.999 -13.294 1.00 20.09 ? 198 TYR A N   1 
ATOM   1281 C CA  . TYR A 1 159 ? 4.843   -11.025 -12.610 1.00 19.74 ? 198 TYR A CA  1 
ATOM   1282 C C   . TYR A 1 159 ? 5.944   -11.114 -13.667 1.00 20.70 ? 198 TYR A C   1 
ATOM   1283 O O   . TYR A 1 159 ? 5.812   -11.879 -14.635 1.00 21.91 ? 198 TYR A O   1 
ATOM   1284 C CB  . TYR A 1 159 ? 4.932   -12.150 -11.591 1.00 20.33 ? 198 TYR A CB  1 
ATOM   1285 C CG  . TYR A 1 159 ? 4.029   -11.967 -10.405 1.00 22.00 ? 198 TYR A CG  1 
ATOM   1286 C CD1 . TYR A 1 159 ? 3.994   -10.766 -9.705  1.00 22.02 ? 198 TYR A CD1 1 
ATOM   1287 C CD2 . TYR A 1 159 ? 3.266   -13.018 -9.935  1.00 24.16 ? 198 TYR A CD2 1 
ATOM   1288 C CE1 . TYR A 1 159 ? 3.172   -10.601 -8.604  1.00 24.23 ? 198 TYR A CE1 1 
ATOM   1289 C CE2 . TYR A 1 159 ? 2.447   -12.872 -8.830  1.00 25.34 ? 198 TYR A CE2 1 
ATOM   1290 C CZ  . TYR A 1 159 ? 2.405   -11.665 -8.159  1.00 26.34 ? 198 TYR A CZ  1 
ATOM   1291 O OH  . TYR A 1 159 ? 1.592   -11.542 -7.070  1.00 25.95 ? 198 TYR A OH  1 
ATOM   1292 N N   . GLN A 1 160 ? 6.984   -10.313 -13.483 1.00 20.87 ? 199 GLN A N   1 
ATOM   1293 C CA  . GLN A 1 160 ? 8.180   -10.288 -14.360 1.00 20.59 ? 199 GLN A CA  1 
ATOM   1294 C C   . GLN A 1 160 ? 9.247   -11.239 -13.820 1.00 20.88 ? 199 GLN A C   1 
ATOM   1295 O O   . GLN A 1 160 ? 9.839   -12.011 -14.611 1.00 24.93 ? 199 GLN A O   1 
ATOM   1296 C CB  . GLN A 1 160 ? 8.688   -8.849  -14.428 1.00 20.99 ? 199 GLN A CB  1 
ATOM   1297 C CG  . GLN A 1 160 ? 7.636   -7.857  -14.900 1.00 21.93 ? 199 GLN A CG  1 
ATOM   1298 C CD  . GLN A 1 160 ? 7.214   -8.145  -16.320 1.00 23.98 ? 199 GLN A CD  1 
ATOM   1299 O OE1 . GLN A 1 160 ? 7.972   -7.911  -17.265 1.00 24.68 ? 199 GLN A OE1 1 
ATOM   1300 N NE2 . GLN A 1 160 ? 6.001   -8.659  -16.484 1.00 25.05 ? 199 GLN A NE2 1 
ATOM   1301 N N   . ASN A 1 161 ? 9.527   -11.155 -12.522 1.00 19.76 ? 200 ASN A N   1 
ATOM   1302 C CA  . ASN A 1 161 ? 10.597  -11.900 -11.825 1.00 20.60 ? 200 ASN A CA  1 
ATOM   1303 C C   . ASN A 1 161 ? 10.031  -13.245 -11.363 1.00 20.89 ? 200 ASN A C   1 
ATOM   1304 O O   . ASN A 1 161 ? 9.151   -13.247 -10.487 1.00 20.77 ? 200 ASN A O   1 
ATOM   1305 C CB  . ASN A 1 161 ? 11.141  -11.048 -10.679 1.00 21.28 ? 200 ASN A CB  1 
ATOM   1306 C CG  . ASN A 1 161 ? 12.292  -11.662 -9.926  1.00 22.05 ? 200 ASN A CG  1 
ATOM   1307 O OD1 . ASN A 1 161 ? 12.675  -12.798 -10.201 1.00 23.29 ? 200 ASN A OD1 1 
ATOM   1308 N ND2 . ASN A 1 161 ? 12.878  -10.899 -9.014  1.00 22.84 ? 200 ASN A ND2 1 
ATOM   1309 N N   . GLU A 1 162 ? 10.523  -14.357 -11.912 1.00 23.39 ? 201 GLU A N   1 
ATOM   1310 C CA  . GLU A 1 162 ? 10.024  -15.703 -11.516 1.00 24.15 ? 201 GLU A CA  1 
ATOM   1311 C C   . GLU A 1 162 ? 10.296  -15.938 -10.025 1.00 22.63 ? 201 GLU A C   1 
ATOM   1312 O O   . GLU A 1 162 ? 9.527   -16.733 -9.435  1.00 23.10 ? 201 GLU A O   1 
ATOM   1313 C CB  . GLU A 1 162 ? 10.604  -16.806 -12.405 1.00 26.09 ? 201 GLU A CB  1 
ATOM   1314 C CG  . GLU A 1 162 ? 12.019  -17.222 -12.051 1.00 29.40 ? 201 GLU A CG  1 
ATOM   1315 C CD  . GLU A 1 162 ? 13.092  -16.163 -12.263 1.00 30.09 ? 201 GLU A CD  1 
ATOM   1316 O OE1 . GLU A 1 162 ? 14.131  -16.250 -11.586 1.00 35.49 ? 201 GLU A OE1 1 
ATOM   1317 O OE2 . GLU A 1 162 ? 12.883  -15.243 -13.098 1.00 32.88 ? 201 GLU A OE2 1 
ATOM   1318 N N   . GLU A 1 163 ? 11.301  -15.294 -9.416  1.00 22.03 ? 202 GLU A N   1 
ATOM   1319 C CA  . GLU A 1 163 ? 11.568  -15.418 -7.954  1.00 23.05 ? 202 GLU A CA  1 
ATOM   1320 C C   . GLU A 1 163 ? 10.420  -14.767 -7.167  1.00 22.55 ? 202 GLU A C   1 
ATOM   1321 O O   . GLU A 1 163 ? 10.129  -15.242 -6.061  1.00 21.54 ? 202 GLU A O   1 
ATOM   1322 C CB  . GLU A 1 163 ? 12.905  -14.802 -7.539  1.00 26.10 ? 202 GLU A CB  1 
ATOM   1323 C CG  . GLU A 1 163 ? 14.110  -15.585 -8.036  1.00 30.16 ? 202 GLU A CG  1 
ATOM   1324 C CD  . GLU A 1 163 ? 15.400  -15.348 -7.270  1.00 33.42 ? 202 GLU A CD  1 
ATOM   1325 O OE1 . GLU A 1 163 ? 15.622  -14.217 -6.818  1.00 41.72 ? 202 GLU A OE1 1 
ATOM   1326 O OE2 . GLU A 1 163 ? 16.197  -16.297 -7.146  1.00 42.90 ? 202 GLU A OE2 1 
ATOM   1327 N N   . ILE A 1 164 ? 9.812   -13.693 -7.678  1.00 21.21 ? 203 ILE A N   1 
ATOM   1328 C CA  . ILE A 1 164 ? 8.614   -13.083 -7.017  1.00 20.93 ? 203 ILE A CA  1 
ATOM   1329 C C   . ILE A 1 164 ? 7.445   -14.065 -7.125  1.00 22.00 ? 203 ILE A C   1 
ATOM   1330 O O   . ILE A 1 164 ? 6.797   -14.318 -6.090  1.00 22.16 ? 203 ILE A O   1 
ATOM   1331 C CB  . ILE A 1 164 ? 8.287   -11.678 -7.576  1.00 22.38 ? 203 ILE A CB  1 
ATOM   1332 C CG1 . ILE A 1 164 ? 9.261   -10.621 -7.049  1.00 21.16 ? 203 ILE A CG1 1 
ATOM   1333 C CG2 . ILE A 1 164 ? 6.845   -11.286 -7.290  1.00 22.73 ? 203 ILE A CG2 1 
ATOM   1334 C CD1 . ILE A 1 164 ? 9.145   -10.334 -5.557  1.00 22.03 ? 203 ILE A CD1 1 
ATOM   1335 N N   . THR A 1 165 ? 7.191   -14.630 -8.305  1.00 20.53 ? 204 THR A N   1 
ATOM   1336 C CA  . THR A 1 165 ? 6.107   -15.622 -8.519  1.00 21.19 ? 204 THR A CA  1 
ATOM   1337 C C   . THR A 1 165 ? 6.247   -16.694 -7.439  1.00 20.37 ? 204 THR A C   1 
ATOM   1338 O O   . THR A 1 165 ? 5.237   -17.009 -6.778  1.00 21.08 ? 204 THR A O   1 
ATOM   1339 C CB  . THR A 1 165 ? 6.163   -16.194 -9.940  1.00 22.29 ? 204 THR A CB  1 
ATOM   1340 O OG1 . THR A 1 165 ? 6.123   -15.076 -10.829 1.00 23.39 ? 204 THR A OG1 1 
ATOM   1341 C CG2 . THR A 1 165 ? 5.012   -17.120 -10.249 1.00 23.25 ? 204 THR A CG2 1 
ATOM   1342 N N   . ALA A 1 166 ? 7.462   -17.181 -7.231  1.00 20.77 ? 205 ALA A N   1 
ATOM   1343 C CA  . ALA A 1 166 ? 7.744   -18.321 -6.322  1.00 20.78 ? 205 ALA A CA  1 
ATOM   1344 C C   . ALA A 1 166 ? 7.559   -17.868 -4.870  1.00 22.30 ? 205 ALA A C   1 
ATOM   1345 O O   . ALA A 1 166 ? 7.018   -18.653 -4.072  1.00 23.06 ? 205 ALA A O   1 
ATOM   1346 C CB  . ALA A 1 166 ? 9.127   -18.872 -6.554  1.00 21.01 ? 205 ALA A CB  1 
ATOM   1347 N N   . LEU A 1 167 ? 7.980   -16.650 -4.531  1.00 22.48 ? 206 LEU A N   1 
ATOM   1348 C CA  . LEU A 1 167 ? 7.902   -16.127 -3.142  1.00 22.83 ? 206 LEU A CA  1 
ATOM   1349 C C   . LEU A 1 167 ? 6.427   -15.932 -2.774  1.00 22.43 ? 206 LEU A C   1 
ATOM   1350 O O   . LEU A 1 167 ? 6.058   -16.224 -1.616  1.00 22.80 ? 206 LEU A O   1 
ATOM   1351 C CB  . LEU A 1 167 ? 8.654   -14.791 -3.065  1.00 25.32 ? 206 LEU A CB  1 
ATOM   1352 C CG  . LEU A 1 167 ? 9.836   -14.672 -2.102  1.00 30.99 ? 206 LEU A CG  1 
ATOM   1353 C CD1 . LEU A 1 167 ? 9.746   -13.376 -1.312  1.00 31.11 ? 206 LEU A CD1 1 
ATOM   1354 C CD2 . LEU A 1 167 ? 9.989   -15.855 -1.167  1.00 32.71 ? 206 LEU A CD2 1 
ATOM   1355 N N   . LYS A 1 168 ? 5.613   -15.430 -3.705  1.00 21.83 ? 207 LYS A N   1 
ATOM   1356 C CA  . LYS A 1 168 ? 4.159   -15.209 -3.495  1.00 22.97 ? 207 LYS A CA  1 
ATOM   1357 C C   . LYS A 1 168 ? 3.514   -16.551 -3.133  1.00 25.24 ? 207 LYS A C   1 
ATOM   1358 O O   . LYS A 1 168 ? 2.741   -16.604 -2.162  1.00 28.42 ? 207 LYS A O   1 
ATOM   1359 C CB  . LYS A 1 168 ? 3.522   -14.578 -4.736  1.00 22.67 ? 207 LYS A CB  1 
ATOM   1360 C CG  . LYS A 1 168 ? 4.053   -13.191 -5.081  1.00 21.95 ? 207 LYS A CG  1 
ATOM   1361 C CD  . LYS A 1 168 ? 3.332   -12.050 -4.412  1.00 22.15 ? 207 LYS A CD  1 
ATOM   1362 C CE  . LYS A 1 168 ? 3.936   -10.714 -4.790  1.00 22.05 ? 207 LYS A CE  1 
ATOM   1363 N NZ  . LYS A 1 168 ? 3.000   -9.603  -4.499  1.00 22.56 ? 207 LYS A NZ  1 
ATOM   1364 N N   . ILE A 1 169 ? 3.866   -17.603 -3.863  1.00 24.52 ? 208 ILE A N   1 
ATOM   1365 C CA  . ILE A 1 169 ? 3.360   -18.984 -3.613  1.00 25.82 ? 208 ILE A CA  1 
ATOM   1366 C C   . ILE A 1 169 ? 3.888   -19.489 -2.274  1.00 25.20 ? 208 ILE A C   1 
ATOM   1367 O O   . ILE A 1 169 ? 3.061   -20.044 -1.505  1.00 28.07 ? 208 ILE A O   1 
ATOM   1368 C CB  . ILE A 1 169 ? 3.725   -19.914 -4.783  1.00 26.73 ? 208 ILE A CB  1 
ATOM   1369 C CG1 . ILE A 1 169 ? 2.899   -19.552 -6.015  1.00 27.24 ? 208 ILE A CG1 1 
ATOM   1370 C CG2 . ILE A 1 169 ? 3.557   -21.377 -4.377  1.00 28.37 ? 208 ILE A CG2 1 
ATOM   1371 C CD1 . ILE A 1 169 ? 3.384   -20.171 -7.296  1.00 26.33 ? 208 ILE A CD1 1 
ATOM   1372 N N   . LYS A 1 170 ? 5.182   -19.315 -1.990  1.00 25.65 ? 209 LYS A N   1 
ATOM   1373 C CA  . LYS A 1 170 ? 5.835   -19.839 -0.758  1.00 26.06 ? 209 LYS A CA  1 
ATOM   1374 C C   . LYS A 1 170 ? 5.116   -19.289 0.484   1.00 26.80 ? 209 LYS A C   1 
ATOM   1375 O O   . LYS A 1 170 ? 4.778   -20.089 1.372   1.00 25.76 ? 209 LYS A O   1 
ATOM   1376 C CB  . LYS A 1 170 ? 7.332   -19.507 -0.731  1.00 27.31 ? 209 LYS A CB  1 
ATOM   1377 C CG  . LYS A 1 170 ? 8.104   -20.076 0.452   1.00 28.89 ? 209 LYS A CG  1 
ATOM   1378 C CD  . LYS A 1 170 ? 9.604   -20.033 0.280   1.00 30.68 ? 209 LYS A CD  1 
ATOM   1379 C CE  . LYS A 1 170 ? 10.353  -20.234 1.580   1.00 32.38 ? 209 LYS A CE  1 
ATOM   1380 N NZ  . LYS A 1 170 ? 10.097  -21.581 2.141   1.00 32.53 ? 209 LYS A NZ  1 
ATOM   1381 N N   . TYR A 1 171 ? 4.865   -17.977 0.553   1.00 26.98 ? 210 TYR A N   1 
ATOM   1382 C CA  . TYR A 1 171 ? 4.474   -17.298 1.816   1.00 27.50 ? 210 TYR A CA  1 
ATOM   1383 C C   . TYR A 1 171 ? 2.958   -17.071 1.888   1.00 28.35 ? 210 TYR A C   1 
ATOM   1384 O O   . TYR A 1 171 ? 2.496   -16.715 2.995   1.00 28.19 ? 210 TYR A O   1 
ATOM   1385 C CB  . TYR A 1 171 ? 5.286   -16.013 1.994   1.00 27.18 ? 210 TYR A CB  1 
ATOM   1386 C CG  . TYR A 1 171 ? 6.720   -16.250 2.387   1.00 28.68 ? 210 TYR A CG  1 
ATOM   1387 C CD1 . TYR A 1 171 ? 7.056   -16.815 3.606   1.00 29.14 ? 210 TYR A CD1 1 
ATOM   1388 C CD2 . TYR A 1 171 ? 7.757   -15.894 1.547   1.00 30.98 ? 210 TYR A CD2 1 
ATOM   1389 C CE1 . TYR A 1 171 ? 8.376   -17.038 3.968   1.00 31.57 ? 210 TYR A CE1 1 
ATOM   1390 C CE2 . TYR A 1 171 ? 9.080   -16.104 1.896   1.00 32.33 ? 210 TYR A CE2 1 
ATOM   1391 C CZ  . TYR A 1 171 ? 9.399   -16.680 3.109   1.00 32.32 ? 210 TYR A CZ  1 
ATOM   1392 O OH  . TYR A 1 171 ? 10.714  -16.881 3.418   1.00 32.14 ? 210 TYR A OH  1 
ATOM   1393 N N   . ASN A 1 172 ? 2.227   -17.278 0.785   1.00 29.39 ? 211 ASN A N   1 
ATOM   1394 C CA  . ASN A 1 172 ? 0.756   -17.076 0.678   1.00 33.44 ? 211 ASN A CA  1 
ATOM   1395 C C   . ASN A 1 172 ? 0.092   -18.438 0.451   1.00 37.20 ? 211 ASN A C   1 
ATOM   1396 O O   . ASN A 1 172 ? 0.366   -19.372 1.205   1.00 40.06 ? 211 ASN A O   1 
ATOM   1397 C CB  . ASN A 1 172 ? 0.384   -16.092 -0.441  1.00 34.05 ? 211 ASN A CB  1 
ATOM   1398 C CG  . ASN A 1 172 ? -1.052  -15.606 -0.374  1.00 34.11 ? 211 ASN A CG  1 
ATOM   1399 O OD1 . ASN A 1 172 ? -1.739  -15.807 0.622   1.00 37.67 ? 211 ASN A OD1 1 
ATOM   1400 N ND2 . ASN A 1 172 ? -1.508  -14.946 -1.426  1.00 34.55 ? 211 ASN A ND2 1 
ATOM   1401 O OXT . ASN A 1 172 ? -0.714  -18.631 -0.473  1.00 40.60 ? 211 ASN A OXT 1 
HETATM 1402 N N1  . O0J B 2 .   ? -11.240 10.670  3.268   0.68 18.73 ? 301 O0J A N1  1 
HETATM 1403 C C4  . O0J B 2 .   ? -7.324  15.167  3.861   0.68 14.71 ? 301 O0J A C4  1 
HETATM 1404 C C5  . O0J B 2 .   ? -8.268  14.301  4.379   0.68 14.86 ? 301 O0J A C5  1 
HETATM 1405 C C6  . O0J B 2 .   ? -8.687  14.484  5.709   0.68 14.66 ? 301 O0J A C6  1 
HETATM 1406 C C7  . O0J B 2 .   ? -8.169  15.534  6.474   0.68 14.29 ? 301 O0J A C7  1 
HETATM 1407 C C8  . O0J B 2 .   ? -8.843  13.256  3.521   0.68 16.05 ? 301 O0J A C8  1 
HETATM 1408 C C10 . O0J B 2 .   ? -10.263 11.589  3.071   0.68 17.54 ? 301 O0J A C10 1 
HETATM 1409 N N   . O0J B 2 .   ? -6.744  17.431  6.763   0.68 13.70 ? 301 O0J A N   1 
HETATM 1410 C C   . O0J B 2 .   ? -5.586  19.412  7.586   0.68 14.37 ? 301 O0J A C   1 
HETATM 1411 O O   . O0J B 2 .   ? -5.450  18.663  5.315   0.68 15.52 ? 301 O0J A O   1 
HETATM 1412 C C1  . O0J B 2 .   ? -5.911  18.487  6.435   0.68 14.35 ? 301 O0J A C1  1 
HETATM 1413 C C2  . O0J B 2 .   ? -7.228  16.399  5.916   0.68 14.23 ? 301 O0J A C2  1 
HETATM 1414 C C3  . O0J B 2 .   ? -6.808  16.208  4.606   0.68 14.55 ? 301 O0J A C3  1 
HETATM 1415 C C9  . O0J B 2 .   ? -8.457  12.959  2.242   0.68 16.78 ? 301 O0J A C9  1 
HETATM 1416 N N2  . O0J B 2 .   ? -9.886  12.472  4.011   0.68 16.42 ? 301 O0J A N2  1 
HETATM 1417 S S   . O0J B 2 .   ? -9.383  11.676  1.567   0.68 18.33 ? 301 O0J A S   1 
HETATM 1418 N N1  . O0J C 2 .   ? -0.820  14.985  5.574   0.48 36.77 ? 302 O0J A N1  1 
HETATM 1419 C C4  . O0J C 2 .   ? -3.889  13.011  2.079   0.48 27.56 ? 302 O0J A C4  1 
HETATM 1420 C C5  . O0J C 2 .   ? -3.921  14.331  2.078   0.48 28.80 ? 302 O0J A C5  1 
HETATM 1421 C C6  . O0J C 2 .   ? -4.691  14.966  1.155   0.48 28.67 ? 302 O0J A C6  1 
HETATM 1422 C C7  . O0J C 2 .   ? -5.406  14.253  0.230   0.48 28.72 ? 302 O0J A C7  1 
HETATM 1423 C C8  . O0J C 2 .   ? -3.172  15.138  2.946   0.48 28.63 ? 302 O0J A C8  1 
HETATM 1424 C C10 . O0J C 2 .   ? -1.743  15.331  4.642   0.48 30.28 ? 302 O0J A C10 1 
HETATM 1425 N N   . O0J C 2 .   ? -6.158  12.262  -0.776  0.48 28.08 ? 302 O0J A N   1 
HETATM 1426 C C   . O0J C 2 .   ? -7.887  11.758  -2.333  0.48 29.61 ? 302 O0J A C   1 
HETATM 1427 O O   . O0J C 2 .   ? -8.032  13.547  -1.059  0.48 29.22 ? 302 O0J A O   1 
HETATM 1428 C C1  . O0J C 2 .   ? -7.393  12.654  -1.332  0.48 29.11 ? 302 O0J A C1  1 
HETATM 1429 C C2  . O0J C 2 .   ? -5.387  12.929  0.224   0.48 28.40 ? 302 O0J A C2  1 
HETATM 1430 C C3  . O0J C 2 .   ? -4.618  12.327  1.163   0.48 27.23 ? 302 O0J A C3  1 
HETATM 1431 C C9  . O0J C 2 .   ? -3.350  16.451  3.114   0.48 28.71 ? 302 O0J A C9  1 
HETATM 1432 N N2  . O0J C 2 .   ? -2.296  14.529  3.750   0.48 31.30 ? 302 O0J A N2  1 
HETATM 1433 S S   . O0J C 2 .   ? -2.400  16.999  4.417   0.48 29.21 ? 302 O0J A S   1 
HETATM 1434 O O   . HOH D 3 .   ? 8.596   -0.560  19.107  1.00 35.26 ? 401 HOH A O   1 
HETATM 1435 O O   . HOH D 3 .   ? -10.411 -1.649  -3.039  1.00 31.03 ? 402 HOH A O   1 
HETATM 1436 O O   . HOH D 3 .   ? 19.361  -10.874 -14.062 1.00 43.16 ? 403 HOH A O   1 
HETATM 1437 O O   . HOH D 3 .   ? 6.686   13.734  16.978  1.00 37.76 ? 404 HOH A O   1 
HETATM 1438 O O   . HOH D 3 .   ? 3.466   5.224   21.661  1.00 30.55 ? 405 HOH A O   1 
HETATM 1439 O O   . HOH D 3 .   ? 15.718  -10.392 -10.585 1.00 24.22 ? 406 HOH A O   1 
HETATM 1440 O O   . HOH D 3 .   ? 4.376   -8.459  12.895  0.50 27.52 ? 407 HOH A O   1 
HETATM 1441 O O   . HOH D 3 .   ? -13.131 -2.920  1.781   1.00 32.20 ? 408 HOH A O   1 
HETATM 1442 O O   . HOH D 3 .   ? 4.219   11.703  -18.656 1.00 32.92 ? 409 HOH A O   1 
HETATM 1443 O O   . HOH D 3 .   ? 0.167   -14.914 -3.354  1.00 59.66 ? 410 HOH A O   1 
HETATM 1444 O O   . HOH D 3 .   ? 12.356  -9.375  -19.217 1.00 34.31 ? 411 HOH A O   1 
HETATM 1445 O O   . HOH D 3 .   ? -0.344  -13.191 -6.741  1.00 36.97 ? 412 HOH A O   1 
HETATM 1446 O O   . HOH D 3 .   ? 14.329  -12.530 -0.613  1.00 30.10 ? 413 HOH A O   1 
HETATM 1447 O O   . HOH D 3 .   ? -9.564  15.074  10.605  1.00 32.92 ? 414 HOH A O   1 
HETATM 1448 O O   . HOH D 3 .   ? -8.548  20.734  16.984  1.00 24.80 ? 415 HOH A O   1 
HETATM 1449 O O   . HOH D 3 .   ? -13.553 0.532   2.567   1.00 47.73 ? 416 HOH A O   1 
HETATM 1450 O O   . HOH D 3 .   ? 3.588   1.395   -18.232 1.00 36.13 ? 417 HOH A O   1 
HETATM 1451 O O   . HOH D 3 .   ? 0.556   -20.538 -1.981  1.00 50.31 ? 418 HOH A O   1 
HETATM 1452 O O   . HOH D 3 .   ? 1.918   -9.507  15.155  1.00 21.52 ? 419 HOH A O   1 
HETATM 1453 O O   . HOH D 3 .   ? 10.157  -11.829 -17.205 1.00 40.93 ? 420 HOH A O   1 
HETATM 1454 O O   . HOH D 3 .   ? 3.070   1.018   17.210  1.00 30.90 ? 421 HOH A O   1 
HETATM 1455 O O   . HOH D 3 .   ? 2.744   -13.190 10.503  1.00 32.17 ? 422 HOH A O   1 
HETATM 1456 O O   . HOH D 3 .   ? -4.658  21.450  17.852  1.00 25.10 ? 423 HOH A O   1 
HETATM 1457 O O   . HOH D 3 .   ? 12.807  -2.386  8.404   1.00 34.17 ? 424 HOH A O   1 
HETATM 1458 O O   . HOH D 3 .   ? -14.008 10.954  21.140  1.00 32.26 ? 425 HOH A O   1 
HETATM 1459 O O   . HOH D 3 .   ? -15.804 0.412   18.421  1.00 31.88 ? 426 HOH A O   1 
HETATM 1460 O O   . HOH D 3 .   ? -4.117  -11.308 -4.787  1.00 40.28 ? 427 HOH A O   1 
HETATM 1461 O O   . HOH D 3 .   ? 15.098  -8.316  -9.241  1.00 29.52 ? 428 HOH A O   1 
HETATM 1462 O O   . HOH D 3 .   ? -3.912  -11.230 0.246   1.00 29.90 ? 429 HOH A O   1 
HETATM 1463 O O   . HOH D 3 .   ? -3.303  -8.063  -15.102 1.00 32.88 ? 430 HOH A O   1 
HETATM 1464 O O   . HOH D 3 .   ? 12.993  -15.633 -15.731 1.00 70.17 ? 431 HOH A O   1 
HETATM 1465 O O   . HOH D 3 .   ? -3.524  5.957   -4.129  1.00 22.41 ? 432 HOH A O   1 
HETATM 1466 O O   . HOH D 3 .   ? -11.077 -5.127  13.222  1.00 28.26 ? 433 HOH A O   1 
HETATM 1467 O O   . HOH D 3 .   ? -12.623 15.937  11.705  1.00 42.37 ? 434 HOH A O   1 
HETATM 1468 O O   . HOH D 3 .   ? 4.476   1.233   19.323  1.00 29.72 ? 435 HOH A O   1 
HETATM 1469 O O   . HOH D 3 .   ? 15.680  -3.858  -3.302  1.00 48.84 ? 436 HOH A O   1 
HETATM 1470 O O   . HOH D 3 .   ? 6.832   -15.933 -13.264 1.00 33.29 ? 437 HOH A O   1 
HETATM 1471 O O   . HOH D 3 .   ? 12.757  9.937   -10.165 1.00 31.65 ? 438 HOH A O   1 
HETATM 1472 O O   . HOH D 3 .   ? 16.111  -6.329  -6.222  1.00 47.33 ? 439 HOH A O   1 
HETATM 1473 O O   . HOH D 3 .   ? 7.166   -21.312 -4.395  1.00 23.13 ? 440 HOH A O   1 
HETATM 1474 O O   . HOH D 3 .   ? 7.195   2.048   -22.201 1.00 53.74 ? 441 HOH A O   1 
HETATM 1475 O O   . HOH D 3 .   ? 14.226  2.181   -0.229  1.00 38.56 ? 442 HOH A O   1 
HETATM 1476 O O   . HOH D 3 .   ? -2.332  6.007   24.014  1.00 37.93 ? 443 HOH A O   1 
HETATM 1477 O O   . HOH D 3 .   ? 6.394   -12.150 -17.261 1.00 47.47 ? 444 HOH A O   1 
HETATM 1478 O O   . HOH D 3 .   ? 15.346  -6.286  1.536   1.00 33.93 ? 445 HOH A O   1 
HETATM 1479 O O   . HOH D 3 .   ? 9.999   0.642   16.625  1.00 62.16 ? 446 HOH A O   1 
HETATM 1480 O O   . HOH D 3 .   ? 8.174   1.456   8.026   1.00 22.42 ? 447 HOH A O   1 
HETATM 1481 O O   . HOH D 3 .   ? 8.121   4.421   -11.172 1.00 20.59 ? 448 HOH A O   1 
HETATM 1482 O O   . HOH D 3 .   ? -11.985 -3.552  -1.907  1.00 42.74 ? 449 HOH A O   1 
HETATM 1483 O O   . HOH D 3 .   ? -5.271  -6.252  -0.243  1.00 21.20 ? 450 HOH A O   1 
HETATM 1484 O O   . HOH D 3 .   ? 10.989  -8.418  -9.142  1.00 18.10 ? 451 HOH A O   1 
HETATM 1485 O O   . HOH D 3 .   ? 2.598   -6.519  17.150  1.00 31.19 ? 452 HOH A O   1 
HETATM 1486 O O   . HOH D 3 .   ? 1.242   -11.164 11.882  1.00 28.20 ? 453 HOH A O   1 
HETATM 1487 O O   . HOH D 3 .   ? 3.877   14.625  18.711  1.00 39.60 ? 454 HOH A O   1 
HETATM 1488 O O   . HOH D 3 .   ? -3.523  1.947   -14.996 1.00 39.46 ? 455 HOH A O   1 
HETATM 1489 O O   . HOH D 3 .   ? -9.204  12.147  25.877  1.00 51.75 ? 456 HOH A O   1 
HETATM 1490 O O   . HOH D 3 .   ? 19.220  -5.094  -17.521 1.00 25.05 ? 457 HOH A O   1 
HETATM 1491 O O   . HOH D 3 .   ? -6.598  -0.472  22.944  1.00 26.52 ? 458 HOH A O   1 
HETATM 1492 O O   . HOH D 3 .   ? -11.658 12.793  6.079   0.68 30.74 ? 459 HOH A O   1 
HETATM 1493 O O   . HOH D 3 .   ? -11.477 -8.886  -7.982  1.00 38.70 ? 460 HOH A O   1 
HETATM 1494 O O   . HOH D 3 .   ? 2.282   -5.867  6.923   1.00 18.89 ? 461 HOH A O   1 
HETATM 1495 O O   . HOH D 3 .   ? 12.584  -17.023 1.409   1.00 41.52 ? 462 HOH A O   1 
HETATM 1496 O O   . HOH D 3 .   ? -1.042  6.630   -6.795  1.00 31.83 ? 463 HOH A O   1 
HETATM 1497 O O   . HOH D 3 .   ? 17.126  -1.731  -20.904 1.00 28.95 ? 464 HOH A O   1 
HETATM 1498 O O   . HOH D 3 .   ? 11.619  -17.087 -4.661  1.00 26.53 ? 465 HOH A O   1 
HETATM 1499 O O   . HOH D 3 .   ? 15.393  -13.255 -10.275 1.00 33.70 ? 466 HOH A O   1 
HETATM 1500 O O   . HOH D 3 .   ? -6.392  -10.414 1.543   1.00 32.11 ? 467 HOH A O   1 
HETATM 1501 O O   . HOH D 3 .   ? -8.497  -7.861  7.803   1.00 39.37 ? 468 HOH A O   1 
HETATM 1502 O O   . HOH D 3 .   ? 6.262   5.880   -9.858  1.00 25.00 ? 469 HOH A O   1 
HETATM 1503 O O   . HOH D 3 .   ? 14.924  -0.436  -7.291  1.00 56.61 ? 470 HOH A O   1 
HETATM 1504 O O   . HOH D 3 .   ? -15.531 14.364  11.451  1.00 30.82 ? 471 HOH A O   1 
HETATM 1505 O O   . HOH D 3 .   ? -2.279  -6.623  -6.029  1.00 23.92 ? 472 HOH A O   1 
HETATM 1506 O O   . HOH D 3 .   ? -3.672  -13.239 -1.680  1.00 38.81 ? 473 HOH A O   1 
HETATM 1507 O O   . HOH D 3 .   ? -10.478 8.465   -2.994  1.00 42.81 ? 474 HOH A O   1 
HETATM 1508 O O   . HOH D 3 .   ? 8.110   -4.541  -0.742  1.00 17.74 ? 475 HOH A O   1 
HETATM 1509 O O   . HOH D 3 .   ? 10.359  -3.377  -3.886  1.00 20.93 ? 476 HOH A O   1 
HETATM 1510 O O   . HOH D 3 .   ? 0.125   -9.867  -4.332  1.00 35.96 ? 477 HOH A O   1 
HETATM 1511 O O   . HOH D 3 .   ? -7.395  -2.915  15.269  1.00 21.63 ? 478 HOH A O   1 
HETATM 1512 O O   . HOH D 3 .   ? -4.946  12.298  13.310  1.00 33.79 ? 479 HOH A O   1 
HETATM 1513 O O   . HOH D 3 .   ? -2.406  -1.614  16.595  1.00 22.31 ? 480 HOH A O   1 
HETATM 1514 O O   . HOH D 3 .   ? 7.557   0.371   10.503  1.00 25.75 ? 481 HOH A O   1 
HETATM 1515 O O   . HOH D 3 .   ? -8.996  -3.738  4.094   1.00 23.25 ? 482 HOH A O   1 
HETATM 1516 O O   . HOH D 3 .   ? 15.382  -11.617 -7.994  1.00 38.17 ? 483 HOH A O   1 
HETATM 1517 O O   . HOH D 3 .   ? -12.172 -5.429  9.759   1.00 33.46 ? 484 HOH A O   1 
HETATM 1518 O O   . HOH D 3 .   ? -11.481 -7.432  -1.415  1.00 33.85 ? 485 HOH A O   1 
HETATM 1519 O O   . HOH D 3 .   ? -13.523 23.234  9.942   1.00 28.98 ? 486 HOH A O   1 
HETATM 1520 O O   . HOH D 3 .   ? 13.979  -10.171 5.406   1.00 29.11 ? 487 HOH A O   1 
HETATM 1521 O O   . HOH D 3 .   ? 10.013  7.514   -22.632 1.00 48.84 ? 488 HOH A O   1 
HETATM 1522 O O   . HOH D 3 .   ? -3.860  5.824   -7.003  1.00 28.69 ? 489 HOH A O   1 
HETATM 1523 O O   . HOH D 3 .   ? 8.581   0.203   -19.169 1.00 31.28 ? 490 HOH A O   1 
HETATM 1524 O O   . HOH D 3 .   ? 9.507   12.282  -16.508 1.00 44.08 ? 491 HOH A O   1 
HETATM 1525 O O   . HOH D 3 .   ? -0.379  7.751   9.784   1.00 20.40 ? 492 HOH A O   1 
HETATM 1526 O O   . HOH D 3 .   ? -14.535 7.748   7.684   1.00 35.35 ? 493 HOH A O   1 
HETATM 1527 O O   . HOH D 3 .   ? 5.566   7.700   14.339  1.00 24.31 ? 494 HOH A O   1 
HETATM 1528 O O   . HOH D 3 .   ? 17.427  -8.025  -23.145 1.00 33.68 ? 495 HOH A O   1 
HETATM 1529 O O   . HOH D 3 .   ? -0.777  4.063   23.427  1.00 32.79 ? 496 HOH A O   1 
HETATM 1530 O O   . HOH D 3 .   ? -18.392 3.868   8.290   1.00 44.80 ? 497 HOH A O   1 
HETATM 1531 O O   . HOH D 3 .   ? 2.748   -15.144 5.359   1.00 53.46 ? 498 HOH A O   1 
HETATM 1532 O O   . HOH D 3 .   ? -16.164 -1.457  15.469  1.00 35.41 ? 499 HOH A O   1 
HETATM 1533 O O   . HOH D 3 .   ? -12.454 12.260  18.033  1.00 22.08 ? 500 HOH A O   1 
HETATM 1534 O O   . HOH D 3 .   ? 0.160   -10.842 4.402   1.00 31.58 ? 501 HOH A O   1 
HETATM 1535 O O   . HOH D 3 .   ? 0.970   7.268   -10.678 1.00 30.50 ? 502 HOH A O   1 
HETATM 1536 O O   . HOH D 3 .   ? -2.774  -4.387  1.934   1.00 20.17 ? 503 HOH A O   1 
HETATM 1537 O O   . HOH D 3 .   ? 4.062   4.756   -23.362 1.00 38.15 ? 504 HOH A O   1 
HETATM 1538 O O   . HOH D 3 .   ? 13.434  -1.093  -8.961  1.00 35.70 ? 505 HOH A O   1 
HETATM 1539 O O   . HOH D 3 .   ? -1.016  -8.864  -6.580  1.00 34.51 ? 506 HOH A O   1 
HETATM 1540 O O   . HOH D 3 .   ? -4.816  -9.712  8.358   1.00 40.00 ? 507 HOH A O   1 
HETATM 1541 O O   . HOH D 3 .   ? 13.332  -0.625  3.320   1.00 28.21 ? 508 HOH A O   1 
HETATM 1542 O O   . HOH D 3 .   ? 16.325  -5.907  -10.190 1.00 35.22 ? 509 HOH A O   1 
HETATM 1543 O O   . HOH D 3 .   ? -17.339 -0.798  6.464   1.00 46.49 ? 510 HOH A O   1 
HETATM 1544 O O   . HOH D 3 .   ? 4.897   -9.687  -18.956 1.00 46.78 ? 511 HOH A O   1 
HETATM 1545 O O   . HOH D 3 .   ? 2.597   -16.333 -7.763  1.00 29.48 ? 512 HOH A O   1 
HETATM 1546 O O   . HOH D 3 .   ? -7.309  -7.434  -16.358 1.00 32.08 ? 513 HOH A O   1 
HETATM 1547 O O   . HOH D 3 .   ? 9.506   -1.556  10.073  1.00 30.19 ? 514 HOH A O   1 
HETATM 1548 O O   . HOH D 3 .   ? -8.413  -2.590  12.543  1.00 23.30 ? 515 HOH A O   1 
HETATM 1549 O O   . HOH D 3 .   ? 1.933   10.014  -6.200  1.00 30.13 ? 516 HOH A O   1 
HETATM 1550 O O   . HOH D 3 .   ? -12.635 3.375   0.374   1.00 30.49 ? 517 HOH A O   1 
HETATM 1551 O O   . HOH D 3 .   ? -7.837  -4.660  10.773  1.00 23.51 ? 518 HOH A O   1 
HETATM 1552 O O   . HOH D 3 .   ? -1.477  9.145   -3.825  1.00 37.82 ? 519 HOH A O   1 
HETATM 1553 O O   . HOH D 3 .   ? -2.185  -1.608  -17.421 1.00 36.21 ? 520 HOH A O   1 
HETATM 1554 O O   . HOH D 3 .   ? -1.531  0.830   -16.276 1.00 34.22 ? 521 HOH A O   1 
HETATM 1555 O O   . HOH D 3 .   ? 3.160   -5.106  -16.482 1.00 34.17 ? 522 HOH A O   1 
HETATM 1556 O O   . HOH D 3 .   ? -14.946 -9.047  -15.914 1.00 45.59 ? 523 HOH A O   1 
HETATM 1557 O O   . HOH D 3 .   ? -8.078  -10.460 -5.330  1.00 28.51 ? 524 HOH A O   1 
HETATM 1558 O O   . HOH D 3 .   ? 21.214  -5.743  -19.211 1.00 26.85 ? 525 HOH A O   1 
HETATM 1559 O O   . HOH D 3 .   ? 14.432  -10.925 -17.980 1.00 31.24 ? 526 HOH A O   1 
HETATM 1560 O O   . HOH D 3 .   ? -15.324 2.776   6.632   1.00 40.25 ? 527 HOH A O   1 
HETATM 1561 O O   . HOH D 3 .   ? 15.060  -9.017  -21.195 1.00 31.40 ? 528 HOH A O   1 
HETATM 1562 O O   . HOH D 3 .   ? 1.716   -13.413 -13.321 1.00 27.16 ? 529 HOH A O   1 
HETATM 1563 O O   . HOH D 3 .   ? 2.602   12.128  18.753  1.00 44.64 ? 530 HOH A O   1 
HETATM 1564 O O   . HOH D 3 .   ? -10.311 16.802  18.110  1.00 49.76 ? 531 HOH A O   1 
HETATM 1565 O O   . HOH D 3 .   ? -2.432  -13.339 -11.961 1.00 38.45 ? 532 HOH A O   1 
HETATM 1566 O O   . HOH D 3 .   ? 18.331  -13.711 -8.233  1.00 36.17 ? 533 HOH A O   1 
HETATM 1567 O O   . HOH D 3 .   ? -1.518  -14.202 -9.874  1.00 47.09 ? 534 HOH A O   1 
HETATM 1568 O O   . HOH D 3 .   ? -9.828  -4.962  6.326   1.00 36.55 ? 535 HOH A O   1 
HETATM 1569 O O   . HOH D 3 .   ? -12.766 -11.353 -4.869  1.00 54.60 ? 536 HOH A O   1 
HETATM 1570 O O   . HOH D 3 .   ? 12.039  -1.193  -4.455  1.00 31.82 ? 537 HOH A O   1 
HETATM 1571 O O   . HOH D 3 .   ? -11.134 22.371  3.042   1.00 45.30 ? 538 HOH A O   1 
HETATM 1572 O O   . HOH D 3 .   ? -4.077  -4.865  23.398  1.00 47.75 ? 539 HOH A O   1 
HETATM 1573 O O   . HOH D 3 .   ? -9.850  -8.867  -13.711 1.00 35.76 ? 540 HOH A O   1 
HETATM 1574 O O   . HOH D 3 .   ? -15.901 -1.393  12.872  1.00 50.79 ? 541 HOH A O   1 
HETATM 1575 O O   . HOH D 3 .   ? -3.336  10.789  14.233  1.00 37.25 ? 542 HOH A O   1 
HETATM 1576 O O   . HOH D 3 .   ? -9.497  -5.407  9.002   1.00 30.22 ? 543 HOH A O   1 
HETATM 1577 O O   . HOH D 3 .   ? -16.050 5.558   6.825   1.00 42.02 ? 544 HOH A O   1 
HETATM 1578 O O   . HOH D 3 .   ? 9.364   -13.909 7.161   1.00 43.36 ? 545 HOH A O   1 
HETATM 1579 O O   . HOH D 3 .   ? -12.903 9.954   6.108   0.68 25.63 ? 546 HOH A O   1 
HETATM 1580 O O   . HOH D 3 .   ? 2.225   -3.661  -18.478 1.00 51.92 ? 547 HOH A O   1 
HETATM 1581 O O   . HOH D 3 .   ? -1.557  -3.862  17.990  1.00 35.16 ? 548 HOH A O   1 
HETATM 1582 O O   . HOH D 3 .   ? -19.193 1.152   -7.880  1.00 63.03 ? 549 HOH A O   1 
HETATM 1583 O O   . HOH D 3 .   ? -4.134  -12.365 -14.265 1.00 48.75 ? 550 HOH A O   1 
HETATM 1584 O O   . HOH D 3 .   ? -11.339 12.240  27.325  1.00 35.65 ? 551 HOH A O   1 
HETATM 1585 O O   . HOH D 3 .   ? 8.750   4.248   16.130  1.00 48.33 ? 552 HOH A O   1 
HETATM 1586 O O   . HOH D 3 .   ? -7.169  24.555  18.544  1.00 31.52 ? 553 HOH A O   1 
HETATM 1587 O O   . HOH D 3 .   ? 10.399  5.506   22.461  1.00 46.02 ? 554 HOH A O   1 
HETATM 1588 O O   . HOH D 3 .   ? 6.107   -0.714  19.403  1.00 42.20 ? 555 HOH A O   1 
HETATM 1589 O O   . HOH D 3 .   ? 15.129  6.464   -9.962  1.00 29.69 ? 556 HOH A O   1 
HETATM 1590 O O   . HOH D 3 .   ? 0.031   8.385   -8.473  1.00 39.90 ? 557 HOH A O   1 
HETATM 1591 O O   . HOH D 3 .   ? -0.791  -12.761 -4.210  1.00 41.64 ? 558 HOH A O   1 
HETATM 1592 O O   . HOH D 3 .   ? 10.505  -18.745 -2.793  1.00 26.12 ? 559 HOH A O   1 
HETATM 1593 O O   . HOH D 3 .   ? 8.061   11.412  -8.121  1.00 51.78 ? 560 HOH A O   1 
HETATM 1594 O O   . HOH D 3 .   ? -5.703  23.097  19.617  1.00 35.58 ? 561 HOH A O   1 
HETATM 1595 O O   . HOH D 3 .   ? 4.069   14.766  16.191  1.00 42.92 ? 562 HOH A O   1 
HETATM 1596 O O   . HOH D 3 .   ? 9.868   -21.202 -3.523  1.00 27.76 ? 563 HOH A O   1 
HETATM 1597 O O   . HOH D 3 .   ? 14.114  -16.065 -3.613  1.00 35.90 ? 564 HOH A O   1 
HETATM 1598 O O   . HOH D 3 .   ? 13.765  -13.292 -16.631 1.00 37.78 ? 565 HOH A O   1 
HETATM 1599 O O   . HOH D 3 .   ? 4.354   -13.699 -18.103 1.00 51.94 ? 566 HOH A O   1 
HETATM 1600 O O   . HOH D 3 .   ? -9.056  -5.062  15.150  1.00 30.57 ? 567 HOH A O   1 
HETATM 1601 O O   . HOH D 3 .   ? 12.999  -16.410 11.075  1.00 45.60 ? 568 HOH A O   1 
HETATM 1602 O O   . HOH D 3 .   ? 10.639  -20.818 -9.572  1.00 26.31 ? 569 HOH A O   1 
HETATM 1603 O O   . HOH D 3 .   ? -13.135 9.675   29.500  1.00 43.68 ? 570 HOH A O   1 
HETATM 1604 O O   . HOH D 3 .   ? -5.474  8.503   27.653  1.00 44.26 ? 571 HOH A O   1 
HETATM 1605 O O   . HOH D 3 .   ? 8.315   -4.469  -19.837 1.00 40.94 ? 572 HOH A O   1 
HETATM 1606 O O   . HOH D 3 .   ? 6.188   -23.406 -2.997  1.00 37.08 ? 573 HOH A O   1 
HETATM 1607 O O   . HOH D 3 .   ? -13.336 16.100  20.163  1.00 37.97 ? 574 HOH A O   1 
HETATM 1608 O O   . HOH D 3 .   ? 12.732  -19.131 -6.083  1.00 29.56 ? 575 HOH A O   1 
HETATM 1609 O O   . HOH D 3 .   ? 12.611  -19.005 -0.907  1.00 35.17 ? 576 HOH A O   1 
HETATM 1610 O O   . HOH D 3 .   ? -12.404 13.527  20.633  1.00 34.05 ? 577 HOH A O   1 
HETATM 1611 O O   . HOH D 3 .   ? -11.322 15.396  7.939   0.68 30.63 ? 578 HOH A O   1 
HETATM 1612 O O   . HOH D 3 .   ? 19.027  -2.799  -19.429 1.00 30.72 ? 579 HOH A O   1 
HETATM 1613 O O   . HOH D 3 .   ? 5.396   -1.691  -21.772 1.00 44.14 ? 580 HOH A O   1 
HETATM 1614 O O   . HOH D 3 .   ? 23.468  -4.638  -18.660 1.00 32.97 ? 581 HOH A O   1 
HETATM 1615 O O   . HOH D 3 .   ? -2.922  9.194   -20.427 1.00 33.13 ? 582 HOH A O   1 
HETATM 1616 O O   . HOH D 3 .   ? 11.599  -21.621 -5.549  1.00 29.20 ? 583 HOH A O   1 
HETATM 1617 O O   . HOH D 3 .   ? 5.860   -24.220 -7.414  1.00 35.45 ? 584 HOH A O   1 
# 
